data_3PL1
# 
_entry.id   3PL1 
# 
_audit_conform.dict_name       mmcif_pdbx.dic 
_audit_conform.dict_version    5.380 
_audit_conform.dict_location   http://mmcif.pdb.org/dictionaries/ascii/mmcif_pdbx.dic 
# 
loop_
_database_2.database_id 
_database_2.database_code 
_database_2.pdbx_database_accession 
_database_2.pdbx_DOI 
PDB   3PL1         pdb_00003pl1 10.2210/pdb3pl1/pdb 
RCSB  RCSB062502   ?            ?                   
WWPDB D_1000062502 ?            ?                   
# 
_pdbx_database_PDB_obs_spr.id               SPRSDE 
_pdbx_database_PDB_obs_spr.date             2011-01-12 
_pdbx_database_PDB_obs_spr.pdb_id           3PL1 
_pdbx_database_PDB_obs_spr.replace_pdb_id   3GBC 
_pdbx_database_PDB_obs_spr.details          ? 
# 
_pdbx_database_status.entry_id                        3PL1 
_pdbx_database_status.deposit_site                    RCSB 
_pdbx_database_status.process_site                    PDBJ 
_pdbx_database_status.recvd_initial_deposition_date   2010-11-12 
_pdbx_database_status.status_code                     REL 
_pdbx_database_status.status_code_sf                  REL 
_pdbx_database_status.status_code_mr                  ? 
_pdbx_database_status.SG_entry                        ? 
_pdbx_database_status.status_code_cs                  ? 
_pdbx_database_status.pdb_format_compatible           Y 
_pdbx_database_status.status_code_nmr_data            ? 
_pdbx_database_status.methods_development_category    ? 
# 
loop_
_audit_author.name 
_audit_author.pdbx_ordinal 
'Petrella, S.'      1 
'Gelus-Ziental, N.' 2 
'Mayer, C.'         3 
'Sougakoff, W.'     4 
# 
_citation.id                        primary 
_citation.title                     
;Crystal Structure of the Pyrazinamidase of Mycobacterium tuberculosis: Insights into Natural and Acquired Resistance to Pyrazinamide.
;
_citation.journal_abbrev            'Plos One' 
_citation.journal_volume            6 
_citation.page_first                e15785 
_citation.page_last                 e15785 
_citation.year                      2011 
_citation.journal_id_ASTM           ? 
_citation.country                   US 
_citation.journal_id_ISSN           1932-6203 
_citation.journal_id_CSD            ? 
_citation.book_publisher            ? 
_citation.pdbx_database_id_PubMed   21283666 
_citation.pdbx_database_id_DOI      10.1371/journal.pone.0015785 
# 
loop_
_citation_author.citation_id 
_citation_author.name 
_citation_author.ordinal 
_citation_author.identifier_ORCID 
primary 'Petrella, S.'      1 ? 
primary 'Gelus-Ziental, N.' 2 ? 
primary 'Maudry, A.'        3 ? 
primary 'Laurans, C.'       4 ? 
primary 'Boudjelloul, R.'   5 ? 
primary 'Sougakoff, W.'     6 ? 
# 
_cell.entry_id           3PL1 
_cell.length_a           84.100 
_cell.length_b           84.100 
_cell.length_c           100.000 
_cell.angle_alpha        90.00 
_cell.angle_beta         90.00 
_cell.angle_gamma        120.00 
_cell.Z_PDB              12 
_cell.pdbx_unique_axis   ? 
# 
_symmetry.entry_id                         3PL1 
_symmetry.space_group_name_H-M             'P 61 2 2' 
_symmetry.pdbx_full_space_group_name_H-M   ? 
_symmetry.cell_setting                     ? 
_symmetry.Int_Tables_number                178 
# 
loop_
_entity.id 
_entity.type 
_entity.src_method 
_entity.pdbx_description 
_entity.formula_weight 
_entity.pdbx_number_of_molecules 
_entity.pdbx_ec 
_entity.pdbx_mutation 
_entity.pdbx_fragment 
_entity.details 
1 polymer     man 'PYRAZINAMIDASE/NICOTINAMIDASE PNCA (PZase)' 19621.578 1  3.5.1.19 ? ? ? 
2 non-polymer syn 'FE (II) ION'                                55.845    1  ?        ? ? ? 
3 water       nat water                                        18.015    44 ?        ? ? ? 
# 
_entity_name_com.entity_id   1 
_entity_name_com.name        'Pyrazinamidase, Pyrazinamidase/nicotinamidase' 
# 
_entity_poly.entity_id                      1 
_entity_poly.type                           'polypeptide(L)' 
_entity_poly.nstd_linkage                   no 
_entity_poly.nstd_monomer                   no 
_entity_poly.pdbx_seq_one_letter_code       
;MRALIIVDVQNDFCEGGSLAVTGGAALARAISDYLAEAADYHHVVATKDFHIDPGDHFSGTPDYSSSWPPHCVSGTPGAD
FHPSLDTSAIEAVFYKGAYTGAYSGFEGVDENGTPLLNWLRQRGVDEVDVVGIATDHCVRQTAEDAVRNGLATRVLVDLT
AGVSADTTVAALEEMRTASVELVCSS
;
_entity_poly.pdbx_seq_one_letter_code_can   
;MRALIIVDVQNDFCEGGSLAVTGGAALARAISDYLAEAADYHHVVATKDFHIDPGDHFSGTPDYSSSWPPHCVSGTPGAD
FHPSLDTSAIEAVFYKGAYTGAYSGFEGVDENGTPLLNWLRQRGVDEVDVVGIATDHCVRQTAEDAVRNGLATRVLVDLT
AGVSADTTVAALEEMRTASVELVCSS
;
_entity_poly.pdbx_strand_id                 A 
_entity_poly.pdbx_target_identifier         ? 
# 
loop_
_entity_poly_seq.entity_id 
_entity_poly_seq.num 
_entity_poly_seq.mon_id 
_entity_poly_seq.hetero 
1 1   MET n 
1 2   ARG n 
1 3   ALA n 
1 4   LEU n 
1 5   ILE n 
1 6   ILE n 
1 7   VAL n 
1 8   ASP n 
1 9   VAL n 
1 10  GLN n 
1 11  ASN n 
1 12  ASP n 
1 13  PHE n 
1 14  CYS n 
1 15  GLU n 
1 16  GLY n 
1 17  GLY n 
1 18  SER n 
1 19  LEU n 
1 20  ALA n 
1 21  VAL n 
1 22  THR n 
1 23  GLY n 
1 24  GLY n 
1 25  ALA n 
1 26  ALA n 
1 27  LEU n 
1 28  ALA n 
1 29  ARG n 
1 30  ALA n 
1 31  ILE n 
1 32  SER n 
1 33  ASP n 
1 34  TYR n 
1 35  LEU n 
1 36  ALA n 
1 37  GLU n 
1 38  ALA n 
1 39  ALA n 
1 40  ASP n 
1 41  TYR n 
1 42  HIS n 
1 43  HIS n 
1 44  VAL n 
1 45  VAL n 
1 46  ALA n 
1 47  THR n 
1 48  LYS n 
1 49  ASP n 
1 50  PHE n 
1 51  HIS n 
1 52  ILE n 
1 53  ASP n 
1 54  PRO n 
1 55  GLY n 
1 56  ASP n 
1 57  HIS n 
1 58  PHE n 
1 59  SER n 
1 60  GLY n 
1 61  THR n 
1 62  PRO n 
1 63  ASP n 
1 64  TYR n 
1 65  SER n 
1 66  SER n 
1 67  SER n 
1 68  TRP n 
1 69  PRO n 
1 70  PRO n 
1 71  HIS n 
1 72  CYS n 
1 73  VAL n 
1 74  SER n 
1 75  GLY n 
1 76  THR n 
1 77  PRO n 
1 78  GLY n 
1 79  ALA n 
1 80  ASP n 
1 81  PHE n 
1 82  HIS n 
1 83  PRO n 
1 84  SER n 
1 85  LEU n 
1 86  ASP n 
1 87  THR n 
1 88  SER n 
1 89  ALA n 
1 90  ILE n 
1 91  GLU n 
1 92  ALA n 
1 93  VAL n 
1 94  PHE n 
1 95  TYR n 
1 96  LYS n 
1 97  GLY n 
1 98  ALA n 
1 99  TYR n 
1 100 THR n 
1 101 GLY n 
1 102 ALA n 
1 103 TYR n 
1 104 SER n 
1 105 GLY n 
1 106 PHE n 
1 107 GLU n 
1 108 GLY n 
1 109 VAL n 
1 110 ASP n 
1 111 GLU n 
1 112 ASN n 
1 113 GLY n 
1 114 THR n 
1 115 PRO n 
1 116 LEU n 
1 117 LEU n 
1 118 ASN n 
1 119 TRP n 
1 120 LEU n 
1 121 ARG n 
1 122 GLN n 
1 123 ARG n 
1 124 GLY n 
1 125 VAL n 
1 126 ASP n 
1 127 GLU n 
1 128 VAL n 
1 129 ASP n 
1 130 VAL n 
1 131 VAL n 
1 132 GLY n 
1 133 ILE n 
1 134 ALA n 
1 135 THR n 
1 136 ASP n 
1 137 HIS n 
1 138 CYS n 
1 139 VAL n 
1 140 ARG n 
1 141 GLN n 
1 142 THR n 
1 143 ALA n 
1 144 GLU n 
1 145 ASP n 
1 146 ALA n 
1 147 VAL n 
1 148 ARG n 
1 149 ASN n 
1 150 GLY n 
1 151 LEU n 
1 152 ALA n 
1 153 THR n 
1 154 ARG n 
1 155 VAL n 
1 156 LEU n 
1 157 VAL n 
1 158 ASP n 
1 159 LEU n 
1 160 THR n 
1 161 ALA n 
1 162 GLY n 
1 163 VAL n 
1 164 SER n 
1 165 ALA n 
1 166 ASP n 
1 167 THR n 
1 168 THR n 
1 169 VAL n 
1 170 ALA n 
1 171 ALA n 
1 172 LEU n 
1 173 GLU n 
1 174 GLU n 
1 175 MET n 
1 176 ARG n 
1 177 THR n 
1 178 ALA n 
1 179 SER n 
1 180 VAL n 
1 181 GLU n 
1 182 LEU n 
1 183 VAL n 
1 184 CYS n 
1 185 SER n 
1 186 SER n 
# 
_entity_src_gen.entity_id                          1 
_entity_src_gen.pdbx_src_id                        1 
_entity_src_gen.pdbx_alt_source_flag               sample 
_entity_src_gen.pdbx_seq_type                      ? 
_entity_src_gen.pdbx_beg_seq_num                   ? 
_entity_src_gen.pdbx_end_seq_num                   ? 
_entity_src_gen.gene_src_common_name               ? 
_entity_src_gen.gene_src_genus                     ? 
_entity_src_gen.pdbx_gene_src_gene                 'MT2103, pncA, Rv2043c' 
_entity_src_gen.gene_src_species                   ? 
_entity_src_gen.gene_src_strain                    H37Rv 
_entity_src_gen.gene_src_tissue                    ? 
_entity_src_gen.gene_src_tissue_fraction           ? 
_entity_src_gen.gene_src_details                   ? 
_entity_src_gen.pdbx_gene_src_fragment             ? 
_entity_src_gen.pdbx_gene_src_scientific_name      'Mycobacterium tuberculosis' 
_entity_src_gen.pdbx_gene_src_ncbi_taxonomy_id     83332 
_entity_src_gen.pdbx_gene_src_variant              ? 
_entity_src_gen.pdbx_gene_src_cell_line            ? 
_entity_src_gen.pdbx_gene_src_atcc                 ? 
_entity_src_gen.pdbx_gene_src_organ                ? 
_entity_src_gen.pdbx_gene_src_organelle            ? 
_entity_src_gen.pdbx_gene_src_cell                 ? 
_entity_src_gen.pdbx_gene_src_cellular_location    ? 
_entity_src_gen.host_org_common_name               ? 
_entity_src_gen.pdbx_host_org_scientific_name      'Escherichia coli' 
_entity_src_gen.pdbx_host_org_ncbi_taxonomy_id     562 
_entity_src_gen.host_org_genus                     ? 
_entity_src_gen.pdbx_host_org_gene                 ? 
_entity_src_gen.pdbx_host_org_organ                ? 
_entity_src_gen.host_org_species                   ? 
_entity_src_gen.pdbx_host_org_tissue               ? 
_entity_src_gen.pdbx_host_org_tissue_fraction      ? 
_entity_src_gen.pdbx_host_org_strain               BL21 
_entity_src_gen.pdbx_host_org_variant              ? 
_entity_src_gen.pdbx_host_org_cell_line            ? 
_entity_src_gen.pdbx_host_org_atcc                 ? 
_entity_src_gen.pdbx_host_org_culture_collection   ? 
_entity_src_gen.pdbx_host_org_cell                 ? 
_entity_src_gen.pdbx_host_org_organelle            ? 
_entity_src_gen.pdbx_host_org_cellular_location    ? 
_entity_src_gen.pdbx_host_org_vector_type          plasmid 
_entity_src_gen.pdbx_host_org_vector               ? 
_entity_src_gen.host_org_details                   ? 
_entity_src_gen.expression_system_id               ? 
_entity_src_gen.plasmid_name                       pET29 
_entity_src_gen.plasmid_details                    ? 
_entity_src_gen.pdbx_description                   ? 
# 
_struct_ref.id                         1 
_struct_ref.db_name                    UNP 
_struct_ref.db_code                    Q50575_MYCTU 
_struct_ref.pdbx_db_accession          Q50575 
_struct_ref.entity_id                  1 
_struct_ref.pdbx_seq_one_letter_code   
;MRALIIVDVQNDFCEGGSLAVTGGAALARAISDYLAEAADYHHVVATKDFHIDPGDHFSGTPDYSSSWPPHCVSGTPGAD
FHPSLDTSAIEAVFYKGAYTGAYSGFEGVDENGTPLLNWLRQRGVDEVDVVGIATDHCVRQTAEDAVRNGLATRVLVDLT
AGVSADTTVAALEEMRTASVELVCSS
;
_struct_ref.pdbx_align_begin           1 
_struct_ref.pdbx_db_isoform            ? 
# 
_struct_ref_seq.align_id                      1 
_struct_ref_seq.ref_id                        1 
_struct_ref_seq.pdbx_PDB_id_code              3PL1 
_struct_ref_seq.pdbx_strand_id                A 
_struct_ref_seq.seq_align_beg                 1 
_struct_ref_seq.pdbx_seq_align_beg_ins_code   ? 
_struct_ref_seq.seq_align_end                 186 
_struct_ref_seq.pdbx_seq_align_end_ins_code   ? 
_struct_ref_seq.pdbx_db_accession             Q50575 
_struct_ref_seq.db_align_beg                  1 
_struct_ref_seq.pdbx_db_align_beg_ins_code    ? 
_struct_ref_seq.db_align_end                  186 
_struct_ref_seq.pdbx_db_align_end_ins_code    ? 
_struct_ref_seq.pdbx_auth_seq_align_beg       1 
_struct_ref_seq.pdbx_auth_seq_align_end       186 
# 
loop_
_chem_comp.id 
_chem_comp.type 
_chem_comp.mon_nstd_flag 
_chem_comp.name 
_chem_comp.pdbx_synonyms 
_chem_comp.formula 
_chem_comp.formula_weight 
ALA 'L-peptide linking' y ALANINE         ? 'C3 H7 N O2'     89.093  
ARG 'L-peptide linking' y ARGININE        ? 'C6 H15 N4 O2 1' 175.209 
ASN 'L-peptide linking' y ASPARAGINE      ? 'C4 H8 N2 O3'    132.118 
ASP 'L-peptide linking' y 'ASPARTIC ACID' ? 'C4 H7 N O4'     133.103 
CYS 'L-peptide linking' y CYSTEINE        ? 'C3 H7 N O2 S'   121.158 
FE2 non-polymer         . 'FE (II) ION'   ? 'Fe 2'           55.845  
GLN 'L-peptide linking' y GLUTAMINE       ? 'C5 H10 N2 O3'   146.144 
GLU 'L-peptide linking' y 'GLUTAMIC ACID' ? 'C5 H9 N O4'     147.129 
GLY 'peptide linking'   y GLYCINE         ? 'C2 H5 N O2'     75.067  
HIS 'L-peptide linking' y HISTIDINE       ? 'C6 H10 N3 O2 1' 156.162 
HOH non-polymer         . WATER           ? 'H2 O'           18.015  
ILE 'L-peptide linking' y ISOLEUCINE      ? 'C6 H13 N O2'    131.173 
LEU 'L-peptide linking' y LEUCINE         ? 'C6 H13 N O2'    131.173 
LYS 'L-peptide linking' y LYSINE          ? 'C6 H15 N2 O2 1' 147.195 
MET 'L-peptide linking' y METHIONINE      ? 'C5 H11 N O2 S'  149.211 
PHE 'L-peptide linking' y PHENYLALANINE   ? 'C9 H11 N O2'    165.189 
PRO 'L-peptide linking' y PROLINE         ? 'C5 H9 N O2'     115.130 
SER 'L-peptide linking' y SERINE          ? 'C3 H7 N O3'     105.093 
THR 'L-peptide linking' y THREONINE       ? 'C4 H9 N O3'     119.119 
TRP 'L-peptide linking' y TRYPTOPHAN      ? 'C11 H12 N2 O2'  204.225 
TYR 'L-peptide linking' y TYROSINE        ? 'C9 H11 N O3'    181.189 
VAL 'L-peptide linking' y VALINE          ? 'C5 H11 N O2'    117.146 
# 
_exptl.crystals_number   1 
_exptl.entry_id          3PL1 
_exptl.method            'X-RAY DIFFRACTION' 
# 
_exptl_crystal.id                    1 
_exptl_crystal.pdbx_mosaicity        ? 
_exptl_crystal.pdbx_mosaicity_esd    ? 
_exptl_crystal.density_Matthews      2.60 
_exptl_crystal.density_diffrn        ? 
_exptl_crystal.density_meas          ? 
_exptl_crystal.density_meas_temp     ? 
_exptl_crystal.density_percent_sol   52.72 
_exptl_crystal.size_max              ? 
_exptl_crystal.size_mid              ? 
_exptl_crystal.size_min              ? 
_exptl_crystal.size_rad              ? 
_exptl_crystal.description           ? 
_exptl_crystal.F_000                 ? 
_exptl_crystal.preparation           ? 
# 
_exptl_crystal_grow.crystal_id      1 
_exptl_crystal_grow.method          'VAPOR DIFFUSION, SITTING DROP' 
_exptl_crystal_grow.pH              6.6 
_exptl_crystal_grow.temp            298.0 
_exptl_crystal_grow.temp_details    ? 
_exptl_crystal_grow.pdbx_details    '1.6M Sulfate de Magnesium, pH 6.6, VAPOR DIFFUSION, SITTING DROP, temperature 298.0K' 
_exptl_crystal_grow.pdbx_pH_range   . 
# 
_diffrn.id                     1 
_diffrn.ambient_temp           273 
_diffrn.ambient_temp_details   ? 
_diffrn.crystal_id             1 
# 
_diffrn_detector.diffrn_id              1 
_diffrn_detector.detector               CCD 
_diffrn_detector.type                   MARRESEARCH 
_diffrn_detector.pdbx_collection_date   2008-02-15 
_diffrn_detector.details                ? 
# 
_diffrn_radiation.diffrn_id                        1 
_diffrn_radiation.wavelength_id                    1 
_diffrn_radiation.pdbx_diffrn_protocol             'SINGLE WAVELENGTH' 
_diffrn_radiation.monochromator                    'Si 111 CHANNEL' 
_diffrn_radiation.pdbx_monochromatic_or_laue_m_l   M 
_diffrn_radiation.pdbx_scattering_type             x-ray 
# 
_diffrn_radiation_wavelength.id           1 
_diffrn_radiation_wavelength.wavelength   0.97 
_diffrn_radiation_wavelength.wt           1.0 
# 
_diffrn_source.diffrn_id                   1 
_diffrn_source.source                      SYNCHROTRON 
_diffrn_source.type                        'ESRF BEAMLINE ID23-2' 
_diffrn_source.pdbx_wavelength             ? 
_diffrn_source.pdbx_wavelength_list        0.97 
_diffrn_source.pdbx_synchrotron_site       ESRF 
_diffrn_source.pdbx_synchrotron_beamline   ID23-2 
# 
_reflns.entry_id                     3PL1 
_reflns.observed_criterion_sigma_F   ? 
_reflns.observed_criterion_sigma_I   ? 
_reflns.d_resolution_high            2.2 
_reflns.d_resolution_low             42.3 
_reflns.number_all                   ? 
_reflns.number_obs                   11014 
_reflns.percent_possible_obs         92.9 
_reflns.pdbx_Rmerge_I_obs            ? 
_reflns.pdbx_Rsym_value              ? 
_reflns.pdbx_netI_over_sigmaI        ? 
_reflns.B_iso_Wilson_estimate        ? 
_reflns.pdbx_redundancy              11.6 
_reflns.R_free_details               ? 
_reflns.limit_h_max                  ? 
_reflns.limit_h_min                  ? 
_reflns.limit_k_max                  ? 
_reflns.limit_k_min                  ? 
_reflns.limit_l_max                  ? 
_reflns.limit_l_min                  ? 
_reflns.observed_criterion_F_max     ? 
_reflns.observed_criterion_F_min     ? 
_reflns.pdbx_chi_squared             ? 
_reflns.pdbx_scaling_rejects         ? 
_reflns.pdbx_diffrn_id               1 
_reflns.pdbx_ordinal                 1 
# 
_reflns_shell.d_res_high                  2.2 
_reflns_shell.d_res_low                   2.3 
_reflns_shell.percent_possible_obs        ? 
_reflns_shell.percent_possible_all        72.5 
_reflns_shell.Rmerge_I_obs                ? 
_reflns_shell.meanI_over_sigI_obs         3.4 
_reflns_shell.pdbx_Rsym_value             0.498 
_reflns_shell.pdbx_redundancy             11.5 
_reflns_shell.number_unique_all           1260 
_reflns_shell.number_measured_all         ? 
_reflns_shell.number_measured_obs         ? 
_reflns_shell.number_unique_obs           ? 
_reflns_shell.pdbx_chi_squared            ? 
_reflns_shell.pdbx_rejects                ? 
_reflns_shell.pdbx_netI_over_sigmaI_obs   ? 
_reflns_shell.number_possible             ? 
_reflns_shell.Rmerge_F_all                ? 
_reflns_shell.Rmerge_F_obs                ? 
_reflns_shell.Rmerge_I_all                ? 
_reflns_shell.meanI_over_sigI_all         ? 
_reflns_shell.pdbx_Rrim_I_all             ? 
_reflns_shell.pdbx_Rpim_I_all             ? 
_reflns_shell.pdbx_diffrn_id              ? 
_reflns_shell.pdbx_ordinal                1 
# 
_refine.entry_id                                 3PL1 
_refine.ls_d_res_high                            2.2000 
_refine.ls_d_res_low                             42.0300 
_refine.pdbx_ls_sigma_F                          ? 
_refine.pdbx_data_cutoff_high_absF               ? 
_refine.pdbx_data_cutoff_low_absF                ? 
_refine.ls_percent_reflns_obs                    100.0000 
_refine.ls_number_reflns_obs                     10463 
_refine.ls_number_reflns_all                     ? 
_refine.pdbx_ls_cross_valid_method               THROUGHOUT 
_refine.pdbx_R_Free_selection_details            RANDOM 
_refine.details                                  'HYDROGENS HAVE BEEN ADDED IN THE RIDING POSITIONS' 
_refine.ls_R_factor_all                          ? 
_refine.ls_R_factor_obs                          0.19679 
_refine.ls_R_factor_R_work                       0.19450 
_refine.ls_wR_factor_R_work                      ? 
_refine.ls_R_factor_R_free                       0.23996 
_refine.ls_wR_factor_R_free                      ? 
_refine.ls_percent_reflns_R_free                 5.0000 
_refine.ls_number_reflns_R_free                  551 
_refine.ls_R_factor_R_free_error                 ? 
_refine.B_iso_mean                               45.080 
_refine.solvent_model_param_bsol                 ? 
_refine.solvent_model_param_ksol                 ? 
_refine.pdbx_isotropic_thermal_model             ? 
_refine.aniso_B[1][1]                            0.25 
_refine.aniso_B[2][2]                            0.25 
_refine.aniso_B[3][3]                            -0.37 
_refine.aniso_B[1][2]                            0.12 
_refine.aniso_B[1][3]                            0.00 
_refine.aniso_B[2][3]                            0.00 
_refine.correlation_coeff_Fo_to_Fc               0.956 
_refine.correlation_coeff_Fo_to_Fc_free          0.937 
_refine.overall_SU_R_Cruickshank_DPI             ? 
_refine.overall_SU_R_free                        ? 
_refine.pdbx_overall_ESU_R_Free                  0.198 
_refine.overall_SU_ML                            0.159 
_refine.overall_SU_B                             12.779 
_refine.solvent_model_details                    MASK 
_refine.pdbx_solvent_vdw_probe_radii             1.2000 
_refine.pdbx_solvent_ion_probe_radii             0.8000 
_refine.pdbx_solvent_shrinkage_radii             0.8000 
_refine.ls_number_parameters                     ? 
_refine.ls_number_restraints                     ? 
_refine.pdbx_starting_model                      1IM5 
_refine.pdbx_method_to_determine_struct          'MOLECULAR REPLACEMENT' 
_refine.pdbx_stereochemistry_target_values       'MAXIMUM LIKELIHOOD' 
_refine.pdbx_stereochem_target_val_spec_case     ? 
_refine.overall_FOM_work_R_set                   ? 
_refine.B_iso_max                                78.440 
_refine.B_iso_min                                9.800 
_refine.occupancy_max                            1.000 
_refine.occupancy_min                            0.460 
_refine.pdbx_ls_sigma_I                          ? 
_refine.ls_redundancy_reflns_obs                 ? 
_refine.ls_R_factor_R_free_error_details         ? 
_refine.pdbx_data_cutoff_high_rms_absF           ? 
_refine.overall_FOM_free_R_set                   ? 
_refine.pdbx_refine_id                           'X-RAY DIFFRACTION' 
_refine.pdbx_overall_phase_error                 ? 
_refine.pdbx_overall_ESU_R                       0.237 
_refine.pdbx_diffrn_id                           1 
_refine.pdbx_TLS_residual_ADP_flag               ? 
_refine.pdbx_overall_SU_R_free_Cruickshank_DPI   ? 
_refine.pdbx_overall_SU_R_Blow_DPI               ? 
_refine.pdbx_overall_SU_R_free_Blow_DPI          ? 
# 
_refine_hist.pdbx_refine_id                   'X-RAY DIFFRACTION' 
_refine_hist.cycle_id                         LAST 
_refine_hist.pdbx_number_atoms_protein        1372 
_refine_hist.pdbx_number_atoms_nucleic_acid   0 
_refine_hist.pdbx_number_atoms_ligand         1 
_refine_hist.number_atoms_solvent             44 
_refine_hist.number_atoms_total               1417 
_refine_hist.d_res_high                       2.2000 
_refine_hist.d_res_low                        42.0300 
# 
loop_
_refine_ls_restr.type 
_refine_ls_restr.dev_ideal 
_refine_ls_restr.dev_ideal_target 
_refine_ls_restr.weight 
_refine_ls_restr.number 
_refine_ls_restr.pdbx_refine_id 
_refine_ls_restr.pdbx_restraint_function 
r_bond_refined_d             0.026  0.021  ? 1401 'X-RAY DIFFRACTION' ? 
r_bond_other_d               ?      ?      ? ?    'X-RAY DIFFRACTION' ? 
r_angle_refined_deg          2.118  1.936  ? 1915 'X-RAY DIFFRACTION' ? 
r_angle_other_deg            ?      ?      ? ?    'X-RAY DIFFRACTION' ? 
r_dihedral_angle_1_deg       9.182  5.000  ? 184  'X-RAY DIFFRACTION' ? 
r_dihedral_angle_2_deg       32.041 24.127 ? 63   'X-RAY DIFFRACTION' ? 
r_dihedral_angle_3_deg       15.885 15.000 ? 195  'X-RAY DIFFRACTION' ? 
r_dihedral_angle_4_deg       24.402 15.000 ? 8    'X-RAY DIFFRACTION' ? 
r_chiral_restr               0.160  0.200  ? 221  'X-RAY DIFFRACTION' ? 
r_gen_planes_refined         0.009  0.020  ? 1092 'X-RAY DIFFRACTION' ? 
r_gen_planes_other           ?      ?      ? ?    'X-RAY DIFFRACTION' ? 
r_nbd_refined                0.251  0.200  ? 546  'X-RAY DIFFRACTION' ? 
r_nbd_other                  ?      ?      ? ?    'X-RAY DIFFRACTION' ? 
r_nbtor_refined              0.310  0.200  ? 934  'X-RAY DIFFRACTION' ? 
r_nbtor_other                ?      ?      ? ?    'X-RAY DIFFRACTION' ? 
r_xyhbond_nbd_refined        0.199  0.200  ? 62   'X-RAY DIFFRACTION' ? 
r_xyhbond_nbd_other          ?      ?      ? ?    'X-RAY DIFFRACTION' ? 
r_metal_ion_refined          ?      ?      ? ?    'X-RAY DIFFRACTION' ? 
r_metal_ion_other            ?      ?      ? ?    'X-RAY DIFFRACTION' ? 
r_symmetry_vdw_refined       0.150  0.200  ? 17   'X-RAY DIFFRACTION' ? 
r_symmetry_vdw_other         ?      ?      ? ?    'X-RAY DIFFRACTION' ? 
r_symmetry_hbond_refined     0.310  0.200  ? 2    'X-RAY DIFFRACTION' ? 
r_symmetry_hbond_other       ?      ?      ? ?    'X-RAY DIFFRACTION' ? 
r_symmetry_metal_ion_refined ?      ?      ? ?    'X-RAY DIFFRACTION' ? 
r_symmetry_metal_ion_other   ?      ?      ? ?    'X-RAY DIFFRACTION' ? 
r_mcbond_it                  1.383  1.500  ? 947  'X-RAY DIFFRACTION' ? 
r_mcbond_other               ?      ?      ? ?    'X-RAY DIFFRACTION' ? 
r_mcangle_it                 2.235  2.000  ? 1463 'X-RAY DIFFRACTION' ? 
r_scbond_it                  3.829  3.000  ? 526  'X-RAY DIFFRACTION' ? 
r_scangle_it                 5.698  4.500  ? 452  'X-RAY DIFFRACTION' ? 
r_rigid_bond_restr           ?      ?      ? ?    'X-RAY DIFFRACTION' ? 
r_sphericity_free            ?      ?      ? ?    'X-RAY DIFFRACTION' ? 
r_sphericity_bonded          ?      ?      ? ?    'X-RAY DIFFRACTION' ? 
# 
_refine_ls_shell.d_res_high                       2.2010 
_refine_ls_shell.d_res_low                        2.2580 
_refine_ls_shell.pdbx_total_number_of_bins_used   20 
_refine_ls_shell.percent_reflns_obs               100.0000 
_refine_ls_shell.number_reflns_R_work             681 
_refine_ls_shell.R_factor_all                     ? 
_refine_ls_shell.R_factor_R_work                  0.297 
_refine_ls_shell.R_factor_R_free                  0.390 
_refine_ls_shell.percent_reflns_R_free            ? 
_refine_ls_shell.number_reflns_R_free             36 
_refine_ls_shell.R_factor_R_free_error            ? 
_refine_ls_shell.number_reflns_all                717 
_refine_ls_shell.number_reflns_obs                681 
_refine_ls_shell.pdbx_refine_id                   'X-RAY DIFFRACTION' 
_refine_ls_shell.redundancy_reflns_obs            ? 
# 
_struct.entry_id                  3PL1 
_struct.title                     
;Determination of the crystal structure of the pyrazinamidase from M.tuberculosis : a structure-function analysis for prediction resistance to pyrazinamide.
;
_struct.pdbx_model_details        ? 
_struct.pdbx_CASP_flag            ? 
_struct.pdbx_model_type_details   ? 
# 
_struct_keywords.entry_id        3PL1 
_struct_keywords.pdbx_keywords   HYDROLASE 
_struct_keywords.text            'Rossmann fold, nicotinamidase-pyrazinamidase, resistance to pyrazinamide, Hydrolase' 
# 
loop_
_struct_asym.id 
_struct_asym.pdbx_blank_PDB_chainid_flag 
_struct_asym.pdbx_modified 
_struct_asym.entity_id 
_struct_asym.details 
A N N 1 ? 
B N N 2 ? 
C N N 3 ? 
# 
_struct_biol.id        1 
_struct_biol.details   ? 
# 
loop_
_struct_conf.conf_type_id 
_struct_conf.id 
_struct_conf.pdbx_PDB_helix_id 
_struct_conf.beg_label_comp_id 
_struct_conf.beg_label_asym_id 
_struct_conf.beg_label_seq_id 
_struct_conf.pdbx_beg_PDB_ins_code 
_struct_conf.end_label_comp_id 
_struct_conf.end_label_asym_id 
_struct_conf.end_label_seq_id 
_struct_conf.pdbx_end_PDB_ins_code 
_struct_conf.beg_auth_comp_id 
_struct_conf.beg_auth_asym_id 
_struct_conf.beg_auth_seq_id 
_struct_conf.end_auth_comp_id 
_struct_conf.end_auth_asym_id 
_struct_conf.end_auth_seq_id 
_struct_conf.pdbx_PDB_helix_class 
_struct_conf.details 
_struct_conf.pdbx_PDB_helix_length 
HELX_P HELX_P1 1 GLN A 10  ? CYS A 14  ? GLN A 10  CYS A 14  5 ? 5  
HELX_P HELX_P2 2 GLY A 23  ? SER A 32  ? GLY A 23  SER A 32  1 ? 10 
HELX_P HELX_P3 3 PRO A 54  ? PHE A 58  ? PRO A 54  PHE A 58  5 ? 5  
HELX_P HELX_P4 4 THR A 76  ? ASP A 80  ? THR A 76  ASP A 80  5 ? 5  
HELX_P HELX_P5 5 SER A 104 ? GLY A 108 ? SER A 104 GLY A 108 5 ? 5  
HELX_P HELX_P6 6 PRO A 115 ? GLN A 122 ? PRO A 115 GLN A 122 1 ? 8  
HELX_P HELX_P7 7 HIS A 137 ? ASN A 149 ? HIS A 137 ASN A 149 1 ? 13 
HELX_P HELX_P8 8 SER A 164 ? ALA A 178 ? SER A 164 ALA A 178 1 ? 15 
# 
_struct_conf_type.id          HELX_P 
_struct_conf_type.criteria    ? 
_struct_conf_type.reference   ? 
# 
loop_
_struct_conn.id 
_struct_conn.conn_type_id 
_struct_conn.pdbx_leaving_atom_flag 
_struct_conn.pdbx_PDB_id 
_struct_conn.ptnr1_label_asym_id 
_struct_conn.ptnr1_label_comp_id 
_struct_conn.ptnr1_label_seq_id 
_struct_conn.ptnr1_label_atom_id 
_struct_conn.pdbx_ptnr1_label_alt_id 
_struct_conn.pdbx_ptnr1_PDB_ins_code 
_struct_conn.pdbx_ptnr1_standard_comp_id 
_struct_conn.ptnr1_symmetry 
_struct_conn.ptnr2_label_asym_id 
_struct_conn.ptnr2_label_comp_id 
_struct_conn.ptnr2_label_seq_id 
_struct_conn.ptnr2_label_atom_id 
_struct_conn.pdbx_ptnr2_label_alt_id 
_struct_conn.pdbx_ptnr2_PDB_ins_code 
_struct_conn.ptnr1_auth_asym_id 
_struct_conn.ptnr1_auth_comp_id 
_struct_conn.ptnr1_auth_seq_id 
_struct_conn.ptnr2_auth_asym_id 
_struct_conn.ptnr2_auth_comp_id 
_struct_conn.ptnr2_auth_seq_id 
_struct_conn.ptnr2_symmetry 
_struct_conn.pdbx_ptnr3_label_atom_id 
_struct_conn.pdbx_ptnr3_label_seq_id 
_struct_conn.pdbx_ptnr3_label_comp_id 
_struct_conn.pdbx_ptnr3_label_asym_id 
_struct_conn.pdbx_ptnr3_label_alt_id 
_struct_conn.pdbx_ptnr3_PDB_ins_code 
_struct_conn.details 
_struct_conn.pdbx_dist_value 
_struct_conn.pdbx_value_order 
_struct_conn.pdbx_role 
metalc1 metalc ? ? A ASP 49 OD2 ? ? ? 1_555 B FE2 . FE ? ? A ASP 49  A FE2 188 1_555 ? ? ? ? ? ? ? 2.150 ? ? 
metalc2 metalc ? ? A HIS 51 NE2 ? ? ? 1_555 B FE2 . FE ? ? A HIS 51  A FE2 188 1_555 ? ? ? ? ? ? ? 2.302 ? ? 
metalc3 metalc ? ? A HIS 57 NE2 ? ? ? 1_555 B FE2 . FE ? ? A HIS 57  A FE2 188 1_555 ? ? ? ? ? ? ? 2.326 ? ? 
metalc4 metalc ? ? A HIS 71 NE2 ? ? ? 1_555 B FE2 . FE ? ? A HIS 71  A FE2 188 1_555 ? ? ? ? ? ? ? 2.234 ? ? 
metalc5 metalc ? ? B FE2 .  FE  ? ? ? 1_555 C HOH . O  ? ? A FE2 188 A HOH 221 1_555 ? ? ? ? ? ? ? 2.260 ? ? 
# 
_struct_conn_type.id          metalc 
_struct_conn_type.criteria    ? 
_struct_conn_type.reference   ? 
# 
loop_
_struct_mon_prot_cis.pdbx_id 
_struct_mon_prot_cis.label_comp_id 
_struct_mon_prot_cis.label_seq_id 
_struct_mon_prot_cis.label_asym_id 
_struct_mon_prot_cis.label_alt_id 
_struct_mon_prot_cis.pdbx_PDB_ins_code 
_struct_mon_prot_cis.auth_comp_id 
_struct_mon_prot_cis.auth_seq_id 
_struct_mon_prot_cis.auth_asym_id 
_struct_mon_prot_cis.pdbx_label_comp_id_2 
_struct_mon_prot_cis.pdbx_label_seq_id_2 
_struct_mon_prot_cis.pdbx_label_asym_id_2 
_struct_mon_prot_cis.pdbx_PDB_ins_code_2 
_struct_mon_prot_cis.pdbx_auth_comp_id_2 
_struct_mon_prot_cis.pdbx_auth_seq_id_2 
_struct_mon_prot_cis.pdbx_auth_asym_id_2 
_struct_mon_prot_cis.pdbx_PDB_model_num 
_struct_mon_prot_cis.pdbx_omega_angle 
1 ALA 38  A . ? ALA 38  A ALA 39  A ? ALA 39  A 1 -24.05 
2 ILE 133 A . ? ILE 133 A ALA 134 A ? ALA 134 A 1 -10.64 
# 
_struct_sheet.id               A 
_struct_sheet.type             ? 
_struct_sheet.number_strands   6 
_struct_sheet.details          ? 
# 
loop_
_struct_sheet_order.sheet_id 
_struct_sheet_order.range_id_1 
_struct_sheet_order.range_id_2 
_struct_sheet_order.offset 
_struct_sheet_order.sense 
A 1 2 ? parallel 
A 2 3 ? parallel 
A 3 4 ? parallel 
A 4 5 ? parallel 
A 5 6 ? parallel 
# 
loop_
_struct_sheet_range.sheet_id 
_struct_sheet_range.id 
_struct_sheet_range.beg_label_comp_id 
_struct_sheet_range.beg_label_asym_id 
_struct_sheet_range.beg_label_seq_id 
_struct_sheet_range.pdbx_beg_PDB_ins_code 
_struct_sheet_range.end_label_comp_id 
_struct_sheet_range.end_label_asym_id 
_struct_sheet_range.end_label_seq_id 
_struct_sheet_range.pdbx_end_PDB_ins_code 
_struct_sheet_range.beg_auth_comp_id 
_struct_sheet_range.beg_auth_asym_id 
_struct_sheet_range.beg_auth_seq_id 
_struct_sheet_range.end_auth_comp_id 
_struct_sheet_range.end_auth_asym_id 
_struct_sheet_range.end_auth_seq_id 
A 1 ALA A 92  ? LYS A 96  ? ALA A 92  LYS A 96  
A 2 HIS A 43  ? ASP A 49  ? HIS A 43  ASP A 49  
A 3 ARG A 2   ? VAL A 7   ? ARG A 2   VAL A 7   
A 4 GLU A 127 ? ILE A 133 ? GLU A 127 ILE A 133 
A 5 ALA A 152 ? ALA A 161 ? ALA A 152 ALA A 161 
A 6 GLU A 181 ? VAL A 183 ? GLU A 181 VAL A 183 
# 
loop_
_pdbx_struct_sheet_hbond.sheet_id 
_pdbx_struct_sheet_hbond.range_id_1 
_pdbx_struct_sheet_hbond.range_id_2 
_pdbx_struct_sheet_hbond.range_1_label_atom_id 
_pdbx_struct_sheet_hbond.range_1_label_comp_id 
_pdbx_struct_sheet_hbond.range_1_label_asym_id 
_pdbx_struct_sheet_hbond.range_1_label_seq_id 
_pdbx_struct_sheet_hbond.range_1_PDB_ins_code 
_pdbx_struct_sheet_hbond.range_1_auth_atom_id 
_pdbx_struct_sheet_hbond.range_1_auth_comp_id 
_pdbx_struct_sheet_hbond.range_1_auth_asym_id 
_pdbx_struct_sheet_hbond.range_1_auth_seq_id 
_pdbx_struct_sheet_hbond.range_2_label_atom_id 
_pdbx_struct_sheet_hbond.range_2_label_comp_id 
_pdbx_struct_sheet_hbond.range_2_label_asym_id 
_pdbx_struct_sheet_hbond.range_2_label_seq_id 
_pdbx_struct_sheet_hbond.range_2_PDB_ins_code 
_pdbx_struct_sheet_hbond.range_2_auth_atom_id 
_pdbx_struct_sheet_hbond.range_2_auth_comp_id 
_pdbx_struct_sheet_hbond.range_2_auth_asym_id 
_pdbx_struct_sheet_hbond.range_2_auth_seq_id 
A 1 2 O PHE A 94  ? O PHE A 94  N ALA A 46  ? N ALA A 46  
A 2 3 O VAL A 45  ? O VAL A 45  N ILE A 6   ? N ILE A 6   
A 3 4 N VAL A 7   ? N VAL A 7   O VAL A 131 ? O VAL A 131 
A 4 5 N VAL A 128 ? N VAL A 128 O ALA A 152 ? O ALA A 152 
A 5 6 N VAL A 155 ? N VAL A 155 O VAL A 183 ? O VAL A 183 
# 
_struct_site.id                   AC1 
_struct_site.pdbx_evidence_code   Software 
_struct_site.pdbx_auth_asym_id    A 
_struct_site.pdbx_auth_comp_id    FE2 
_struct_site.pdbx_auth_seq_id     188 
_struct_site.pdbx_auth_ins_code   ? 
_struct_site.pdbx_num_residues    6 
_struct_site.details              'BINDING SITE FOR RESIDUE FE2 A 188' 
# 
loop_
_struct_site_gen.id 
_struct_site_gen.site_id 
_struct_site_gen.pdbx_num_res 
_struct_site_gen.label_comp_id 
_struct_site_gen.label_asym_id 
_struct_site_gen.label_seq_id 
_struct_site_gen.pdbx_auth_ins_code 
_struct_site_gen.auth_comp_id 
_struct_site_gen.auth_asym_id 
_struct_site_gen.auth_seq_id 
_struct_site_gen.label_atom_id 
_struct_site_gen.label_alt_id 
_struct_site_gen.symmetry 
_struct_site_gen.details 
1 AC1 6 ASP A 49 ? ASP A 49  . ? 1_555 ? 
2 AC1 6 HIS A 51 ? HIS A 51  . ? 1_555 ? 
3 AC1 6 HIS A 57 ? HIS A 57  . ? 1_555 ? 
4 AC1 6 HIS A 71 ? HIS A 71  . ? 1_555 ? 
5 AC1 6 HOH C .  ? HOH A 220 . ? 1_555 ? 
6 AC1 6 HOH C .  ? HOH A 221 . ? 1_555 ? 
# 
_atom_sites.entry_id                    3PL1 
_atom_sites.fract_transf_matrix[1][1]   0.01290697 
_atom_sites.fract_transf_matrix[1][2]   -0.00388701 
_atom_sites.fract_transf_matrix[1][3]   -0.00261253 
_atom_sites.fract_transf_matrix[2][1]   0.00545704 
_atom_sites.fract_transf_matrix[2][2]   0.00220814 
_atom_sites.fract_transf_matrix[2][3]   -0.01240394 
_atom_sites.fract_transf_matrix[3][1]   0.00330650 
_atom_sites.fract_transf_matrix[3][2]   0.00893284 
_atom_sites.fract_transf_matrix[3][3]   0.00304490 
_atom_sites.fract_transf_vector[1]      -0.163598 
_atom_sites.fract_transf_vector[2]      -0.394058 
_atom_sites.fract_transf_vector[3]      0.019243 
# 
loop_
_atom_type.symbol 
C  
FE 
N  
O  
S  
# 
loop_
_atom_site.group_PDB 
_atom_site.id 
_atom_site.type_symbol 
_atom_site.label_atom_id 
_atom_site.label_alt_id 
_atom_site.label_comp_id 
_atom_site.label_asym_id 
_atom_site.label_entity_id 
_atom_site.label_seq_id 
_atom_site.pdbx_PDB_ins_code 
_atom_site.Cartn_x 
_atom_site.Cartn_y 
_atom_site.Cartn_z 
_atom_site.occupancy 
_atom_site.B_iso_or_equiv 
_atom_site.pdbx_formal_charge 
_atom_site.auth_seq_id 
_atom_site.auth_comp_id 
_atom_site.auth_asym_id 
_atom_site.auth_atom_id 
_atom_site.pdbx_PDB_model_num 
ATOM   1    N  N   . MET A 1 1   ? -9.901  13.194  11.855  1.00 61.81 ? 1   MET A N   1 
ATOM   2    C  CA  . MET A 1 1   ? -10.721 11.949  11.942  1.00 59.72 ? 1   MET A CA  1 
ATOM   3    C  C   . MET A 1 1   ? -10.667 10.927  10.763  1.00 57.42 ? 1   MET A C   1 
ATOM   4    O  O   . MET A 1 1   ? -10.739 9.735   11.038  1.00 55.20 ? 1   MET A O   1 
ATOM   5    C  CB  . MET A 1 1   ? -12.151 12.241  12.344  1.00 63.60 ? 1   MET A CB  1 
ATOM   6    C  CG  . MET A 1 1   ? -13.174 11.030  12.259  1.00 66.10 ? 1   MET A CG  1 
ATOM   7    S  SD  . MET A 1 1   ? -12.890 9.708   13.532  1.00 84.06 ? 1   MET A SD  1 
ATOM   8    C  CE  . MET A 1 1   ? -13.184 10.626  15.128  1.00 80.66 ? 1   MET A CE  1 
ATOM   9    N  N   . ARG A 1 2   ? -10.542 11.358  9.503   1.00 56.15 ? 2   ARG A N   1 
ATOM   10   C  CA  . ARG A 1 2   ? -10.413 10.420  8.358   1.00 53.99 ? 2   ARG A CA  1 
ATOM   11   C  C   . ARG A 1 2   ? -9.087  10.596  7.641   1.00 50.48 ? 2   ARG A C   1 
ATOM   12   O  O   . ARG A 1 2   ? -8.657  11.705  7.401   1.00 51.67 ? 2   ARG A O   1 
ATOM   13   C  CB  . ARG A 1 2   ? -11.573 10.503  7.338   1.00 54.59 ? 2   ARG A CB  1 
ATOM   14   C  CG  . ARG A 1 2   ? -11.527 9.305   6.293   1.00 54.58 ? 2   ARG A CG  1 
ATOM   15   C  CD  . ARG A 1 2   ? -12.548 9.439   5.131   1.00 58.17 ? 2   ARG A CD  1 
ATOM   16   N  NE  . ARG A 1 2   ? -13.912 9.025   5.531   1.00 65.79 ? 2   ARG A NE  1 
ATOM   17   C  CZ  . ARG A 1 2   ? -14.313 7.743   5.630   1.00 67.21 ? 2   ARG A CZ  1 
ATOM   18   N  NH1 . ARG A 1 2   ? -13.459 6.735   5.352   1.00 67.87 ? 2   ARG A NH1 1 
ATOM   19   N  NH2 . ARG A 1 2   ? -15.558 7.450   6.026   1.00 67.68 ? 2   ARG A NH2 1 
ATOM   20   N  N   . ALA A 1 3   ? -8.400  9.506   7.334   1.00 46.02 ? 3   ALA A N   1 
ATOM   21   C  CA  . ALA A 1 3   ? -7.116  9.627   6.580   1.00 43.31 ? 3   ALA A CA  1 
ATOM   22   C  C   . ALA A 1 3   ? -7.173  8.739   5.359   1.00 40.16 ? 3   ALA A C   1 
ATOM   23   O  O   . ALA A 1 3   ? -7.860  7.713   5.377   1.00 39.01 ? 3   ALA A O   1 
ATOM   24   C  CB  . ALA A 1 3   ? -5.896  9.203   7.437   1.00 40.58 ? 3   ALA A CB  1 
ATOM   25   N  N   . LEU A 1 4   ? -6.408  9.104   4.338   1.00 39.11 ? 4   LEU A N   1 
ATOM   26   C  CA  . LEU A 1 4   ? -6.212  8.236   3.160   1.00 37.55 ? 4   LEU A CA  1 
ATOM   27   C  C   . LEU A 1 4   ? -4.824  7.588   3.273   1.00 36.33 ? 4   LEU A C   1 
ATOM   28   O  O   . LEU A 1 4   ? -3.881  8.321   3.586   1.00 36.56 ? 4   LEU A O   1 
ATOM   29   C  CB  . LEU A 1 4   ? -6.293  9.090   1.881   1.00 37.79 ? 4   LEU A CB  1 
ATOM   30   C  CG  . LEU A 1 4   ? -5.932  8.413   0.542   1.00 39.26 ? 4   LEU A CG  1 
ATOM   31   C  CD1 . LEU A 1 4   ? -6.948  7.265   0.275   1.00 38.14 ? 4   LEU A CD1 1 
ATOM   32   C  CD2 . LEU A 1 4   ? -5.958  9.406   -0.604  1.00 36.49 ? 4   LEU A CD2 1 
ATOM   33   N  N   . ILE A 1 5   ? -4.708  6.260   3.070   1.00 34.31 ? 5   ILE A N   1 
ATOM   34   C  CA  . ILE A 1 5   ? -3.407  5.509   3.139   1.00 33.88 ? 5   ILE A CA  1 
ATOM   35   C  C   . ILE A 1 5   ? -3.112  5.004   1.723   1.00 32.52 ? 5   ILE A C   1 
ATOM   36   O  O   . ILE A 1 5   ? -3.840  4.162   1.208   1.00 30.70 ? 5   ILE A O   1 
ATOM   37   C  CB  . ILE A 1 5   ? -3.416  4.145   3.997   1.00 34.70 ? 5   ILE A CB  1 
ATOM   38   C  CG1 . ILE A 1 5   ? -4.038  4.211   5.439   1.00 35.39 ? 5   ILE A CG1 1 
ATOM   39   C  CG2 . ILE A 1 5   ? -1.991  3.457   4.060   1.00 31.81 ? 5   ILE A CG2 1 
ATOM   40   C  CD1 . ILE A 1 5   ? -3.366  5.170   6.232   1.00 38.22 ? 5   ILE A CD1 1 
ATOM   41   N  N   . ILE A 1 6   ? -2.074  5.543   1.082   1.00 33.23 ? 6   ILE A N   1 
ATOM   42   C  CA  . ILE A 1 6   ? -1.651  5.115   -0.286  1.00 31.46 ? 6   ILE A CA  1 
ATOM   43   C  C   . ILE A 1 6   ? -0.587  3.998   -0.209  1.00 31.13 ? 6   ILE A C   1 
ATOM   44   O  O   . ILE A 1 6   ? 0.579   4.238   0.178   1.00 28.91 ? 6   ILE A O   1 
ATOM   45   C  CB  . ILE A 1 6   ? -1.051  6.299   -1.036  1.00 34.33 ? 6   ILE A CB  1 
ATOM   46   C  CG1 . ILE A 1 6   ? -2.002  7.547   -0.952  1.00 34.21 ? 6   ILE A CG1 1 
ATOM   47   C  CG2 . ILE A 1 6   ? -0.621  5.865   -2.466  1.00 32.45 ? 6   ILE A CG2 1 
ATOM   48   C  CD1 . ILE A 1 6   ? -1.422  8.864   -1.545  1.00 33.52 ? 6   ILE A CD1 1 
ATOM   49   N  N   . VAL A 1 7   ? -0.959  2.782   -0.641  1.00 29.60 ? 7   VAL A N   1 
ATOM   50   C  CA  . VAL A 1 7   ? -0.110  1.626   -0.435  1.00 28.85 ? 7   VAL A CA  1 
ATOM   51   C  C   . VAL A 1 7   ? 0.821   1.250   -1.625  1.00 27.57 ? 7   VAL A C   1 
ATOM   52   O  O   . VAL A 1 7   ? 0.299   1.029   -2.752  1.00 28.31 ? 7   VAL A O   1 
ATOM   53   C  CB  . VAL A 1 7   ? -1.006  0.408   -0.069  1.00 29.34 ? 7   VAL A CB  1 
ATOM   54   C  CG1 . VAL A 1 7   ? -0.174  -0.913  -0.037  1.00 25.57 ? 7   VAL A CG1 1 
ATOM   55   C  CG2 . VAL A 1 7   ? -1.750  0.651   1.275   1.00 28.36 ? 7   VAL A CG2 1 
ATOM   56   N  N   . ASP A 1 8   ? 2.139   1.277   -1.393  0.46 24.55 ? 8   ASP A N   1 
ATOM   57   C  CA  . ASP A 1 8   ? 3.161   0.697   -2.257  0.46 22.65 ? 8   ASP A CA  1 
ATOM   58   C  C   . ASP A 1 8   ? 3.082   1.084   -3.738  0.46 24.74 ? 8   ASP A C   1 
ATOM   59   O  O   . ASP A 1 8   ? 3.256   0.267   -4.612  0.46 22.99 ? 8   ASP A O   1 
ATOM   60   C  CB  . ASP A 1 8   ? 3.174   -0.813  -2.117  0.46 21.63 ? 8   ASP A CB  1 
ATOM   61   C  CG  . ASP A 1 8   ? 3.614   -1.312  -0.726  0.46 20.50 ? 8   ASP A CG  1 
ATOM   62   O  OD1 . ASP A 1 8   ? 3.745   -0.577  0.290   0.46 20.36 ? 8   ASP A OD1 1 
ATOM   63   O  OD2 . ASP A 1 8   ? 3.887   -2.513  -0.650  0.46 23.25 ? 8   ASP A OD2 1 
ATOM   64   N  N   . VAL A 1 9   ? 2.887   2.367   -4.011  1.00 29.11 ? 9   VAL A N   1 
ATOM   65   C  CA  . VAL A 1 9   ? 2.776   2.886   -5.363  1.00 31.15 ? 9   VAL A CA  1 
ATOM   66   C  C   . VAL A 1 9   ? 4.163   3.243   -5.838  1.00 33.30 ? 9   VAL A C   1 
ATOM   67   O  O   . VAL A 1 9   ? 4.451   4.418   -5.979  1.00 35.10 ? 9   VAL A O   1 
ATOM   68   C  CB  . VAL A 1 9   ? 1.843   4.097   -5.485  1.00 32.48 ? 9   VAL A CB  1 
ATOM   69   C  CG1 . VAL A 1 9   ? 1.662   4.489   -7.009  1.00 32.65 ? 9   VAL A CG1 1 
ATOM   70   C  CG2 . VAL A 1 9   ? 0.450   3.736   -4.912  1.00 29.23 ? 9   VAL A CG2 1 
ATOM   71   N  N   . GLN A 1 10  ? 4.954   2.192   -6.140  1.00 32.87 ? 10  GLN A N   1 
ATOM   72   C  CA  . GLN A 1 10  ? 6.413   2.231   -6.299  1.00 33.87 ? 10  GLN A CA  1 
ATOM   73   C  C   . GLN A 1 10  ? 6.790   1.703   -7.658  1.00 35.36 ? 10  GLN A C   1 
ATOM   74   O  O   . GLN A 1 10  ? 6.028   0.834   -8.201  1.00 34.38 ? 10  GLN A O   1 
ATOM   75   C  CB  . GLN A 1 10  ? 7.053   1.322   -5.230  1.00 32.23 ? 10  GLN A CB  1 
ATOM   76   C  CG  . GLN A 1 10  ? 7.106   2.041   -3.909  1.00 32.42 ? 10  GLN A CG  1 
ATOM   77   C  CD  . GLN A 1 10  ? 7.466   1.161   -2.814  1.00 37.05 ? 10  GLN A CD  1 
ATOM   78   O  OE1 . GLN A 1 10  ? 6.608   0.372   -2.315  1.00 30.25 ? 10  GLN A OE1 1 
ATOM   79   N  NE2 . GLN A 1 10  ? 8.749   1.287   -2.344  1.00 33.44 ? 10  GLN A NE2 1 
ATOM   80   N  N   . ASN A 1 11  ? 7.946   2.160   -8.181  1.00 34.32 ? 11  ASN A N   1 
ATOM   81   C  CA  . ASN A 1 11  ? 8.483   1.642   -9.456  1.00 35.09 ? 11  ASN A CA  1 
ATOM   82   C  C   . ASN A 1 11  ? 8.507   0.084   -9.682  1.00 35.11 ? 11  ASN A C   1 
ATOM   83   O  O   . ASN A 1 11  ? 8.104   -0.427  -10.777 1.00 34.58 ? 11  ASN A O   1 
ATOM   84   C  CB  . ASN A 1 11  ? 9.879   2.288   -9.800  1.00 37.27 ? 11  ASN A CB  1 
ATOM   85   C  CG  . ASN A 1 11  ? 9.760   3.820   -10.146 1.00 37.64 ? 11  ASN A CG  1 
ATOM   86   O  OD1 . ASN A 1 11  ? 8.829   4.235   -10.809 1.00 37.83 ? 11  ASN A OD1 1 
ATOM   87   N  ND2 . ASN A 1 11  ? 10.694  4.621   -9.681  1.00 37.11 ? 11  ASN A ND2 1 
ATOM   88   N  N   . ASP A 1 12  ? 8.994   -0.671  -8.703  1.00 32.76 ? 12  ASP A N   1 
ATOM   89   C  CA  . ASP A 1 12  ? 9.079   -2.099  -8.892  1.00 34.05 ? 12  ASP A CA  1 
ATOM   90   C  C   . ASP A 1 12  ? 7.693   -2.838  -9.060  1.00 34.84 ? 12  ASP A C   1 
ATOM   91   O  O   . ASP A 1 12  ? 7.652   -3.989  -9.545  1.00 34.58 ? 12  ASP A O   1 
ATOM   92   C  CB  . ASP A 1 12  ? 9.942   -2.728  -7.806  1.00 33.90 ? 12  ASP A CB  1 
ATOM   93   C  CG  . ASP A 1 12  ? 11.426  -2.873  -8.241  1.00 38.03 ? 12  ASP A CG  1 
ATOM   94   O  OD1 . ASP A 1 12  ? 11.698  -3.038  -9.460  1.00 41.41 ? 12  ASP A OD1 1 
ATOM   95   O  OD2 . ASP A 1 12  ? 12.305  -2.795  -7.356  1.00 40.56 ? 12  ASP A OD2 1 
ATOM   96   N  N   . PHE A 1 13  ? 6.612   -2.175  -8.663  1.00 33.99 ? 13  PHE A N   1 
ATOM   97   C  CA  . PHE A 1 13  ? 5.247   -2.690  -8.749  1.00 35.39 ? 13  PHE A CA  1 
ATOM   98   C  C   . PHE A 1 13  ? 4.468   -2.108  -9.964  1.00 38.03 ? 13  PHE A C   1 
ATOM   99   O  O   . PHE A 1 13  ? 3.296   -2.435  -10.154 1.00 38.18 ? 13  PHE A O   1 
ATOM   100  C  CB  . PHE A 1 13  ? 4.472   -2.411  -7.416  1.00 36.16 ? 13  PHE A CB  1 
ATOM   101  C  CG  . PHE A 1 13  ? 5.114   -2.996  -6.171  1.00 34.47 ? 13  PHE A CG  1 
ATOM   102  C  CD1 . PHE A 1 13  ? 5.539   -4.328  -6.140  1.00 37.54 ? 13  PHE A CD1 1 
ATOM   103  C  CD2 . PHE A 1 13  ? 5.279   -2.234  -5.034  1.00 37.64 ? 13  PHE A CD2 1 
ATOM   104  C  CE1 . PHE A 1 13  ? 6.162   -4.877  -4.956  1.00 41.70 ? 13  PHE A CE1 1 
ATOM   105  C  CE2 . PHE A 1 13  ? 5.919   -2.777  -3.842  1.00 36.05 ? 13  PHE A CE2 1 
ATOM   106  C  CZ  . PHE A 1 13  ? 6.311   -4.108  -3.815  1.00 35.00 ? 13  PHE A CZ  1 
ATOM   107  N  N   . CYS A 1 14  ? 5.119   -1.286  -10.801 1.00 39.82 ? 14  CYS A N   1 
ATOM   108  C  CA  . CYS A 1 14  ? 4.540   -0.795  -12.039 1.00 41.42 ? 14  CYS A CA  1 
ATOM   109  C  C   . CYS A 1 14  ? 5.261   -1.363  -13.265 1.00 42.33 ? 14  CYS A C   1 
ATOM   110  O  O   . CYS A 1 14  ? 6.280   -2.006  -13.117 1.00 40.53 ? 14  CYS A O   1 
ATOM   111  C  CB  . CYS A 1 14  ? 4.570   0.743   -12.056 1.00 42.66 ? 14  CYS A CB  1 
ATOM   112  S  SG  . CYS A 1 14  ? 3.657   1.452   -10.587 1.00 44.32 ? 14  CYS A SG  1 
ATOM   113  N  N   . GLU A 1 15  ? 4.700   -1.109  -14.458 1.00 43.52 ? 15  GLU A N   1 
ATOM   114  C  CA  . GLU A 1 15  ? 5.235   -1.537  -15.784 1.00 45.63 ? 15  GLU A CA  1 
ATOM   115  C  C   . GLU A 1 15  ? 6.743   -1.284  -15.904 1.00 46.81 ? 15  GLU A C   1 
ATOM   116  O  O   . GLU A 1 15  ? 7.198   -0.149  -15.664 1.00 46.03 ? 15  GLU A O   1 
ATOM   117  C  CB  . GLU A 1 15  ? 4.466   -0.829  -16.935 1.00 45.36 ? 15  GLU A CB  1 
ATOM   118  C  CG  . GLU A 1 15  ? 2.973   -1.411  -17.132 1.00 49.33 ? 15  GLU A CG  1 
ATOM   119  C  CD  . GLU A 1 15  ? 1.850   -0.835  -16.145 1.00 48.48 ? 15  GLU A CD  1 
ATOM   120  O  OE1 . GLU A 1 15  ? 2.133   -0.127  -15.117 1.00 45.77 ? 15  GLU A OE1 1 
ATOM   121  O  OE2 . GLU A 1 15  ? 0.649   -1.080  -16.445 1.00 46.31 ? 15  GLU A OE2 1 
ATOM   122  N  N   . GLY A 1 16  ? 7.527   -2.302  -16.293 1.00 47.54 ? 16  GLY A N   1 
ATOM   123  C  CA  . GLY A 1 16  ? 9.006   -2.087  -16.288 1.00 47.11 ? 16  GLY A CA  1 
ATOM   124  C  C   . GLY A 1 16  ? 9.631   -2.604  -14.975 1.00 46.72 ? 16  GLY A C   1 
ATOM   125  O  O   . GLY A 1 16  ? 10.797  -2.983  -14.979 1.00 47.50 ? 16  GLY A O   1 
ATOM   126  N  N   . GLY A 1 17  ? 8.863   -2.700  -13.864 1.00 44.11 ? 17  GLY A N   1 
ATOM   127  C  CA  . GLY A 1 17  ? 9.431   -3.048  -12.584 1.00 42.19 ? 17  GLY A CA  1 
ATOM   128  C  C   . GLY A 1 17  ? 9.691   -4.519  -12.434 1.00 43.17 ? 17  GLY A C   1 
ATOM   129  O  O   . GLY A 1 17  ? 9.140   -5.327  -13.194 1.00 43.29 ? 17  GLY A O   1 
ATOM   130  N  N   . SER A 1 18  ? 10.496  -4.902  -11.441 1.00 42.95 ? 18  SER A N   1 
ATOM   131  C  CA  . SER A 1 18  ? 10.749  -6.355  -11.231 1.00 44.14 ? 18  SER A CA  1 
ATOM   132  C  C   . SER A 1 18  ? 9.491   -7.162  -10.810 1.00 43.24 ? 18  SER A C   1 
ATOM   133  O  O   . SER A 1 18  ? 9.367   -8.379  -11.099 1.00 43.27 ? 18  SER A O   1 
ATOM   134  C  CB  . SER A 1 18  ? 11.891  -6.605  -10.232 1.00 45.48 ? 18  SER A CB  1 
ATOM   135  O  OG  . SER A 1 18  ? 11.438  -6.393  -8.887  1.00 43.60 ? 18  SER A OG  1 
ATOM   136  N  N   . LEU A 1 19  ? 8.543   -6.480  -10.178 1.00 41.81 ? 19  LEU A N   1 
ATOM   137  C  CA  . LEU A 1 19  ? 7.244   -7.097  -9.840  1.00 41.08 ? 19  LEU A CA  1 
ATOM   138  C  C   . LEU A 1 19  ? 6.045   -6.333  -10.475 1.00 40.11 ? 19  LEU A C   1 
ATOM   139  O  O   . LEU A 1 19  ? 5.030   -6.032  -9.789  1.00 38.66 ? 19  LEU A O   1 
ATOM   140  C  CB  . LEU A 1 19  ? 7.127   -7.161  -8.319  1.00 39.47 ? 19  LEU A CB  1 
ATOM   141  C  CG  . LEU A 1 19  ? 7.271   -8.506  -7.614  1.00 41.29 ? 19  LEU A CG  1 
ATOM   142  C  CD1 . LEU A 1 19  ? 7.541   -9.729  -8.507  1.00 44.19 ? 19  LEU A CD1 1 
ATOM   143  C  CD2 . LEU A 1 19  ? 8.185   -8.559  -6.414  1.00 39.50 ? 19  LEU A CD2 1 
ATOM   144  N  N   . ALA A 1 20  ? 6.222   -5.942  -11.742 1.00 40.10 ? 20  ALA A N   1 
ATOM   145  C  CA  . ALA A 1 20  ? 5.196   -5.183  -12.528 1.00 40.27 ? 20  ALA A CA  1 
ATOM   146  C  C   . ALA A 1 20  ? 3.738   -5.712  -12.349 1.00 39.05 ? 20  ALA A C   1 
ATOM   147  O  O   . ALA A 1 20  ? 3.489   -6.896  -12.464 1.00 40.44 ? 20  ALA A O   1 
ATOM   148  C  CB  . ALA A 1 20  ? 5.567   -5.137  -13.947 1.00 39.88 ? 20  ALA A CB  1 
ATOM   149  N  N   . VAL A 1 21  ? 2.851   -4.840  -11.900 1.00 37.34 ? 21  VAL A N   1 
ATOM   150  C  CA  . VAL A 1 21  ? 1.386   -5.074  -11.880 1.00 36.09 ? 21  VAL A CA  1 
ATOM   151  C  C   . VAL A 1 21  ? 0.799   -4.233  -13.007 1.00 37.09 ? 21  VAL A C   1 
ATOM   152  O  O   . VAL A 1 21  ? 0.830   -3.006  -12.916 1.00 37.49 ? 21  VAL A O   1 
ATOM   153  C  CB  . VAL A 1 21  ? 0.711   -4.642  -10.526 1.00 32.40 ? 21  VAL A CB  1 
ATOM   154  C  CG1 . VAL A 1 21  ? -0.832  -4.955  -10.575 1.00 32.85 ? 21  VAL A CG1 1 
ATOM   155  C  CG2 . VAL A 1 21  ? 1.307   -5.414  -9.410  1.00 28.61 ? 21  VAL A CG2 1 
ATOM   156  N  N   . THR A 1 22  ? 0.357   -4.869  -14.092 1.00 38.86 ? 22  THR A N   1 
ATOM   157  C  CA  . THR A 1 22  ? -0.319  -4.142  -15.212 1.00 40.98 ? 22  THR A CA  1 
ATOM   158  C  C   . THR A 1 22  ? -1.391  -3.160  -14.673 1.00 40.73 ? 22  THR A C   1 
ATOM   159  O  O   . THR A 1 22  ? -2.253  -3.572  -13.915 1.00 40.23 ? 22  THR A O   1 
ATOM   160  C  CB  . THR A 1 22  ? -0.986  -5.108  -16.238 1.00 41.86 ? 22  THR A CB  1 
ATOM   161  O  OG1 . THR A 1 22  ? -0.001  -5.884  -16.937 1.00 42.97 ? 22  THR A OG1 1 
ATOM   162  C  CG2 . THR A 1 22  ? -1.785  -4.343  -17.263 1.00 43.38 ? 22  THR A CG2 1 
ATOM   163  N  N   . GLY A 1 23  ? -1.361  -1.884  -15.092 1.00 40.96 ? 23  GLY A N   1 
ATOM   164  C  CA  . GLY A 1 23  ? -2.344  -0.896  -14.631 1.00 38.29 ? 23  GLY A CA  1 
ATOM   165  C  C   . GLY A 1 23  ? -1.718  -0.088  -13.524 1.00 38.22 ? 23  GLY A C   1 
ATOM   166  O  O   . GLY A 1 23  ? -2.294  0.857   -13.073 1.00 38.63 ? 23  GLY A O   1 
ATOM   167  N  N   . GLY A 1 24  ? -0.497  -0.418  -13.110 1.00 39.40 ? 24  GLY A N   1 
ATOM   168  C  CA  . GLY A 1 24  ? 0.188   0.325   -11.982 1.00 38.88 ? 24  GLY A CA  1 
ATOM   169  C  C   . GLY A 1 24  ? 0.485   1.780   -12.349 1.00 39.32 ? 24  GLY A C   1 
ATOM   170  O  O   . GLY A 1 24  ? 0.119   2.711   -11.613 1.00 37.63 ? 24  GLY A O   1 
ATOM   171  N  N   . ALA A 1 25  ? 1.115   1.977   -13.518 1.00 40.09 ? 25  ALA A N   1 
ATOM   172  C  CA  . ALA A 1 25  ? 1.456   3.335   -14.016 1.00 40.90 ? 25  ALA A CA  1 
ATOM   173  C  C   . ALA A 1 25  ? 0.188   4.213   -14.114 1.00 41.95 ? 25  ALA A C   1 
ATOM   174  O  O   . ALA A 1 25  ? 0.136   5.325   -13.541 1.00 41.06 ? 25  ALA A O   1 
ATOM   175  C  CB  . ALA A 1 25  ? 2.174   3.224   -15.454 1.00 41.38 ? 25  ALA A CB  1 
ATOM   176  N  N   . ALA A 1 26  ? -0.819  3.731   -14.883 1.00 41.40 ? 26  ALA A N   1 
ATOM   177  C  CA  . ALA A 1 26  ? -2.166  4.377   -14.934 1.00 42.43 ? 26  ALA A CA  1 
ATOM   178  C  C   . ALA A 1 26  ? -2.757  4.689   -13.552 1.00 40.88 ? 26  ALA A C   1 
ATOM   179  O  O   . ALA A 1 26  ? -3.331  5.760   -13.333 1.00 41.85 ? 26  ALA A O   1 
ATOM   180  C  CB  . ALA A 1 26  ? -3.208  3.459   -15.737 1.00 40.78 ? 26  ALA A CB  1 
ATOM   181  N  N   . LEU A 1 27  ? -2.712  3.715   -12.645 1.00 41.02 ? 27  LEU A N   1 
ATOM   182  C  CA  . LEU A 1 27  ? -3.212  3.937   -11.273 1.00 40.57 ? 27  LEU A CA  1 
ATOM   183  C  C   . LEU A 1 27  ? -2.511  5.113   -10.507 1.00 40.73 ? 27  LEU A C   1 
ATOM   184  O  O   . LEU A 1 27  ? -3.164  5.836   -9.685  1.00 41.28 ? 27  LEU A O   1 
ATOM   185  C  CB  . LEU A 1 27  ? -3.162  2.626   -10.443 1.00 39.66 ? 27  LEU A CB  1 
ATOM   186  C  CG  . LEU A 1 27  ? -3.343  2.858   -8.938  1.00 39.58 ? 27  LEU A CG  1 
ATOM   187  C  CD1 . LEU A 1 27  ? -4.782  3.351   -8.734  1.00 40.89 ? 27  LEU A CD1 1 
ATOM   188  C  CD2 . LEU A 1 27  ? -3.087  1.665   -8.069  1.00 38.03 ? 27  LEU A CD2 1 
ATOM   189  N  N   . ALA A 1 28  ? -1.203  5.300   -10.724 1.00 40.10 ? 28  ALA A N   1 
ATOM   190  C  CA  . ALA A 1 28  ? -0.422  6.369   -10.028 1.00 39.37 ? 28  ALA A CA  1 
ATOM   191  C  C   . ALA A 1 28  ? -0.997  7.761   -10.434 1.00 41.04 ? 28  ALA A C   1 
ATOM   192  O  O   . ALA A 1 28  ? -1.191  8.691   -9.619  1.00 39.50 ? 28  ALA A O   1 
ATOM   193  C  CB  . ALA A 1 28  ? 1.117   6.261   -10.420 1.00 38.70 ? 28  ALA A CB  1 
ATOM   194  N  N   . ARG A 1 29  ? -1.343  7.875   -11.714 1.00 42.62 ? 29  ARG A N   1 
ATOM   195  C  CA  . ARG A 1 29  ? -1.846  9.140   -12.157 1.00 45.36 ? 29  ARG A CA  1 
ATOM   196  C  C   . ARG A 1 29  ? -3.327  9.342   -11.851 1.00 45.34 ? 29  ARG A C   1 
ATOM   197  O  O   . ARG A 1 29  ? -3.726  10.499  -11.617 1.00 45.43 ? 29  ARG A O   1 
ATOM   198  C  CB  . ARG A 1 29  ? -1.428  9.464   -13.570 1.00 47.44 ? 29  ARG A CB  1 
ATOM   199  C  CG  . ARG A 1 29  ? -2.462  9.238   -14.575 1.00 54.79 ? 29  ARG A CG  1 
ATOM   200  C  CD  . ARG A 1 29  ? -2.280  10.179  -15.807 1.00 67.89 ? 29  ARG A CD  1 
ATOM   201  N  NE  . ARG A 1 29  ? -0.990  9.996   -16.496 1.00 74.01 ? 29  ARG A NE  1 
ATOM   202  C  CZ  . ARG A 1 29  ? -0.599  8.892   -17.154 1.00 76.88 ? 29  ARG A CZ  1 
ATOM   203  N  NH1 . ARG A 1 29  ? -1.368  7.798   -17.255 1.00 74.63 ? 29  ARG A NH1 1 
ATOM   204  N  NH2 . ARG A 1 29  ? 0.596   8.889   -17.724 1.00 78.86 ? 29  ARG A NH2 1 
ATOM   205  N  N   . ALA A 1 30  ? -4.108  8.240   -11.773 1.00 43.30 ? 30  ALA A N   1 
ATOM   206  C  CA  . ALA A 1 30  ? -5.494  8.303   -11.292 1.00 43.45 ? 30  ALA A CA  1 
ATOM   207  C  C   . ALA A 1 30  ? -5.590  8.763   -9.807  1.00 42.25 ? 30  ALA A C   1 
ATOM   208  O  O   . ALA A 1 30  ? -6.505  9.496   -9.385  1.00 41.53 ? 30  ALA A O   1 
ATOM   209  C  CB  . ALA A 1 30  ? -6.156  6.981   -11.471 1.00 42.99 ? 30  ALA A CB  1 
ATOM   210  N  N   . ILE A 1 31  ? -4.638  8.329   -9.017  1.00 41.63 ? 31  ILE A N   1 
ATOM   211  C  CA  . ILE A 1 31  ? -4.567  8.761   -7.589  1.00 41.77 ? 31  ILE A CA  1 
ATOM   212  C  C   . ILE A 1 31  ? -4.227  10.277  -7.457  1.00 45.06 ? 31  ILE A C   1 
ATOM   213  O  O   . ILE A 1 31  ? -4.894  10.991  -6.680  1.00 44.90 ? 31  ILE A O   1 
ATOM   214  C  CB  . ILE A 1 31  ? -3.657  7.844   -6.763  1.00 39.26 ? 31  ILE A CB  1 
ATOM   215  C  CG1 . ILE A 1 31  ? -4.285  6.468   -6.622  1.00 39.44 ? 31  ILE A CG1 1 
ATOM   216  C  CG2 . ILE A 1 31  ? -3.403  8.389   -5.329  1.00 38.39 ? 31  ILE A CG2 1 
ATOM   217  C  CD1 . ILE A 1 31  ? -3.292  5.408   -6.144  1.00 38.33 ? 31  ILE A CD1 1 
ATOM   218  N  N   . SER A 1 32  ? -3.204  10.759  -8.185  1.00 46.92 ? 32  SER A N   1 
ATOM   219  C  CA  . SER A 1 32  ? -3.007  12.190  -8.326  1.00 51.73 ? 32  SER A CA  1 
ATOM   220  C  C   . SER A 1 32  ? -4.280  12.715  -8.939  1.00 55.82 ? 32  SER A C   1 
ATOM   221  O  O   . SER A 1 32  ? -5.002  12.001  -9.616  1.00 57.16 ? 32  SER A O   1 
ATOM   222  C  CB  . SER A 1 32  ? -1.872  12.445  -9.289  1.00 51.75 ? 32  SER A CB  1 
ATOM   223  O  OG  . SER A 1 32  ? -0.710  11.714  -8.896  1.00 51.66 ? 32  SER A OG  1 
ATOM   224  N  N   . ASP A 1 33  ? -4.613  13.963  -8.796  1.00 60.07 ? 33  ASP A N   1 
ATOM   225  C  CA  . ASP A 1 33  ? -5.883  14.348  -9.515  1.00 63.56 ? 33  ASP A CA  1 
ATOM   226  C  C   . ASP A 1 33  ? -7.218  13.732  -8.948  1.00 62.19 ? 33  ASP A C   1 
ATOM   227  O  O   . ASP A 1 33  ? -8.193  14.408  -8.907  1.00 64.58 ? 33  ASP A O   1 
ATOM   228  C  CB  . ASP A 1 33  ? -5.754  14.418  -11.087 1.00 65.69 ? 33  ASP A CB  1 
ATOM   229  C  CG  . ASP A 1 33  ? -6.186  13.102  -11.814 1.00 66.95 ? 33  ASP A CG  1 
ATOM   230  O  OD1 . ASP A 1 33  ? -7.006  12.333  -11.218 1.00 64.59 ? 33  ASP A OD1 1 
ATOM   231  O  OD2 . ASP A 1 33  ? -5.706  12.870  -12.978 1.00 65.93 ? 33  ASP A OD2 1 
ATOM   232  N  N   . TYR A 1 34  ? -7.266  12.520  -8.428  1.00 59.97 ? 34  TYR A N   1 
ATOM   233  C  CA  . TYR A 1 34  ? -8.035  12.417  -7.176  1.00 59.45 ? 34  TYR A CA  1 
ATOM   234  C  C   . TYR A 1 34  ? -7.051  13.208  -6.239  1.00 60.37 ? 34  TYR A C   1 
ATOM   235  O  O   . TYR A 1 34  ? -6.000  13.641  -6.708  1.00 61.86 ? 34  TYR A O   1 
ATOM   236  C  CB  . TYR A 1 34  ? -8.231  10.964  -6.788  1.00 55.10 ? 34  TYR A CB  1 
ATOM   237  C  CG  . TYR A 1 34  ? -9.062  10.710  -5.544  1.00 52.08 ? 34  TYR A CG  1 
ATOM   238  C  CD1 . TYR A 1 34  ? -8.478  10.250  -4.395  1.00 47.98 ? 34  TYR A CD1 1 
ATOM   239  C  CD2 . TYR A 1 34  ? -10.456 10.920  -5.534  1.00 54.27 ? 34  TYR A CD2 1 
ATOM   240  C  CE1 . TYR A 1 34  ? -9.233  10.005  -3.228  1.00 47.49 ? 34  TYR A CE1 1 
ATOM   241  C  CE2 . TYR A 1 34  ? -11.238 10.688  -4.383  1.00 50.69 ? 34  TYR A CE2 1 
ATOM   242  C  CZ  . TYR A 1 34  ? -10.622 10.226  -3.229  1.00 50.48 ? 34  TYR A CZ  1 
ATOM   243  O  OH  . TYR A 1 34  ? -11.378 9.964   -2.077  1.00 50.01 ? 34  TYR A OH  1 
ATOM   244  N  N   . LEU A 1 35  ? -7.270  13.408  -4.955  1.00 60.71 ? 35  LEU A N   1 
ATOM   245  C  CA  . LEU A 1 35  ? -6.271  14.273  -4.203  1.00 61.45 ? 35  LEU A CA  1 
ATOM   246  C  C   . LEU A 1 35  ? -6.431  15.751  -4.611  1.00 65.49 ? 35  LEU A C   1 
ATOM   247  O  O   . LEU A 1 35  ? -6.503  16.609  -3.742  1.00 67.21 ? 35  LEU A O   1 
ATOM   248  C  CB  . LEU A 1 35  ? -4.779  13.861  -4.402  1.00 58.52 ? 35  LEU A CB  1 
ATOM   249  C  CG  . LEU A 1 35  ? -4.251  12.565  -3.726  1.00 54.48 ? 35  LEU A CG  1 
ATOM   250  C  CD1 . LEU A 1 35  ? -2.767  12.393  -3.854  1.00 48.29 ? 35  LEU A CD1 1 
ATOM   251  C  CD2 . LEU A 1 35  ? -4.686  12.526  -2.271  1.00 48.77 ? 35  LEU A CD2 1 
ATOM   252  N  N   . ALA A 1 36  ? -6.450  15.989  -5.936  1.00 68.16 ? 36  ALA A N   1 
ATOM   253  C  CA  . ALA A 1 36  ? -6.852  17.238  -6.592  1.00 72.74 ? 36  ALA A CA  1 
ATOM   254  C  C   . ALA A 1 36  ? -8.367  17.494  -6.707  1.00 74.75 ? 36  ALA A C   1 
ATOM   255  O  O   . ALA A 1 36  ? -8.752  18.654  -6.691  1.00 77.67 ? 36  ALA A O   1 
ATOM   256  C  CB  . ALA A 1 36  ? -6.218  17.326  -7.966  1.00 72.11 ? 36  ALA A CB  1 
ATOM   257  N  N   . GLU A 1 37  ? -9.221  16.462  -6.840  1.00 74.98 ? 37  GLU A N   1 
ATOM   258  C  CA  . GLU A 1 37  ? -10.703 16.681  -6.942  1.00 77.71 ? 37  GLU A CA  1 
ATOM   259  C  C   . GLU A 1 37  ? -11.346 16.647  -5.575  1.00 78.38 ? 37  GLU A C   1 
ATOM   260  O  O   . GLU A 1 37  ? -11.463 17.669  -4.928  1.00 80.23 ? 37  GLU A O   1 
ATOM   261  C  CB  . GLU A 1 37  ? -11.450 15.675  -7.854  1.00 78.48 ? 37  GLU A CB  1 
ATOM   262  C  CG  . GLU A 1 37  ? -10.777 15.163  -9.160  1.00 80.99 ? 37  GLU A CG  1 
ATOM   263  C  CD  . GLU A 1 37  ? -9.941  16.226  -9.943  1.00 87.84 ? 37  GLU A CD  1 
ATOM   264  O  OE1 . GLU A 1 37  ? -9.900  17.437  -9.536  1.00 88.51 ? 37  GLU A OE1 1 
ATOM   265  O  OE2 . GLU A 1 37  ? -9.304  15.812  -10.971 1.00 87.05 ? 37  GLU A OE2 1 
ATOM   266  N  N   . ALA A 1 38  ? -11.808 15.476  -5.150  1.00 77.84 ? 38  ALA A N   1 
ATOM   267  C  CA  . ALA A 1 38  ? -11.766 15.159  -3.704  1.00 78.09 ? 38  ALA A CA  1 
ATOM   268  C  C   . ALA A 1 38  ? -10.483 14.307  -3.469  1.00 75.65 ? 38  ALA A C   1 
ATOM   269  O  O   . ALA A 1 38  ? -9.891  13.838  -4.468  1.00 76.05 ? 38  ALA A O   1 
ATOM   270  C  CB  . ALA A 1 38  ? -13.053 14.439  -3.256  1.00 78.33 ? 38  ALA A CB  1 
ATOM   271  N  N   . ALA A 1 39  ? -9.942  14.177  -2.248  1.00 74.65 ? 39  ALA A N   1 
ATOM   272  C  CA  . ALA A 1 39  ? -10.069 15.097  -1.074  1.00 75.77 ? 39  ALA A CA  1 
ATOM   273  C  C   . ALA A 1 39  ? -11.096 14.737  0.022   1.00 75.93 ? 39  ALA A C   1 
ATOM   274  O  O   . ALA A 1 39  ? -11.714 13.633  -0.002  1.00 75.37 ? 39  ALA A O   1 
ATOM   275  C  CB  . ALA A 1 39  ? -10.115 16.605  -1.479  1.00 78.14 ? 39  ALA A CB  1 
ATOM   276  N  N   . ASP A 1 40  ? -11.237 15.653  0.991   1.00 76.50 ? 40  ASP A N   1 
ATOM   277  C  CA  . ASP A 1 40  ? -12.037 15.451  2.221   1.00 75.69 ? 40  ASP A CA  1 
ATOM   278  C  C   . ASP A 1 40  ? -11.233 14.564  3.195   1.00 70.78 ? 40  ASP A C   1 
ATOM   279  O  O   . ASP A 1 40  ? -11.829 13.702  3.898   1.00 71.04 ? 40  ASP A O   1 
ATOM   280  C  CB  . ASP A 1 40  ? -13.465 14.846  1.921   1.00 77.57 ? 40  ASP A CB  1 
ATOM   281  C  CG  . ASP A 1 40  ? -14.668 15.860  2.174   1.00 84.54 ? 40  ASP A CG  1 
ATOM   282  O  OD1 . ASP A 1 40  ? -14.669 16.975  1.578   1.00 90.89 ? 40  ASP A OD1 1 
ATOM   283  O  OD2 . ASP A 1 40  ? -15.652 15.520  2.925   1.00 86.83 ? 40  ASP A OD2 1 
ATOM   284  N  N   . TYR A 1 41  ? -9.898  14.729  3.222   1.00 64.85 ? 41  TYR A N   1 
ATOM   285  C  CA  . TYR A 1 41  ? -9.065  14.008  4.210   1.00 59.28 ? 41  TYR A CA  1 
ATOM   286  C  C   . TYR A 1 41  ? -8.420  14.908  5.266   1.00 59.81 ? 41  TYR A C   1 
ATOM   287  O  O   . TYR A 1 41  ? -7.764  15.900  4.957   1.00 59.44 ? 41  TYR A O   1 
ATOM   288  C  CB  . TYR A 1 41  ? -8.017  13.101  3.541   1.00 54.91 ? 41  TYR A CB  1 
ATOM   289  C  CG  . TYR A 1 41  ? -8.683  11.993  2.768   1.00 50.38 ? 41  TYR A CG  1 
ATOM   290  C  CD1 . TYR A 1 41  ? -9.289  10.913  3.445   1.00 48.27 ? 41  TYR A CD1 1 
ATOM   291  C  CD2 . TYR A 1 41  ? -8.771  12.040  1.375   1.00 43.63 ? 41  TYR A CD2 1 
ATOM   292  C  CE1 . TYR A 1 41  ? -9.950  9.895   2.759   1.00 45.35 ? 41  TYR A CE1 1 
ATOM   293  C  CE2 . TYR A 1 41  ? -9.419  10.994  0.658   1.00 43.99 ? 41  TYR A CE2 1 
ATOM   294  C  CZ  . TYR A 1 41  ? -10.004 9.940   1.364   1.00 46.77 ? 41  TYR A CZ  1 
ATOM   295  O  OH  . TYR A 1 41  ? -10.643 8.922   0.677   1.00 48.22 ? 41  TYR A OH  1 
ATOM   296  N  N   . HIS A 1 42  ? -8.645  14.571  6.526   1.00 58.85 ? 42  HIS A N   1 
ATOM   297  C  CA  . HIS A 1 42  ? -7.911  15.234  7.595   1.00 59.37 ? 42  HIS A CA  1 
ATOM   298  C  C   . HIS A 1 42  ? -6.390  15.020  7.417   1.00 56.14 ? 42  HIS A C   1 
ATOM   299  O  O   . HIS A 1 42  ? -5.643  15.971  7.642   1.00 58.50 ? 42  HIS A O   1 
ATOM   300  C  CB  . HIS A 1 42  ? -8.436  14.802  8.972   1.00 59.63 ? 42  HIS A CB  1 
ATOM   301  C  CG  . HIS A 1 42  ? -9.778  15.371  9.281   1.00 66.79 ? 42  HIS A CG  1 
ATOM   302  N  ND1 . HIS A 1 42  ? -9.956  16.436  10.154  1.00 72.48 ? 42  HIS A ND1 1 
ATOM   303  C  CD2 . HIS A 1 42  ? -10.999 15.107  8.754   1.00 69.92 ? 42  HIS A CD2 1 
ATOM   304  C  CE1 . HIS A 1 42  ? -11.233 16.771  10.184  1.00 74.04 ? 42  HIS A CE1 1 
ATOM   305  N  NE2 . HIS A 1 42  ? -11.887 15.989  9.342   1.00 74.22 ? 42  HIS A NE2 1 
ATOM   306  N  N   . HIS A 1 43  ? -5.968  13.813  6.998   1.00 50.43 ? 43  HIS A N   1 
ATOM   307  C  CA  . HIS A 1 43  ? -4.566  13.464  6.728   1.00 47.31 ? 43  HIS A CA  1 
ATOM   308  C  C   . HIS A 1 43  ? -4.362  12.477  5.528   1.00 45.02 ? 43  HIS A C   1 
ATOM   309  O  O   . HIS A 1 43  ? -5.209  11.614  5.277   1.00 42.34 ? 43  HIS A O   1 
ATOM   310  C  CB  . HIS A 1 43  ? -3.897  12.885  7.987   1.00 46.02 ? 43  HIS A CB  1 
ATOM   311  C  CG  . HIS A 1 43  ? -3.907  13.835  9.178   1.00 47.55 ? 43  HIS A CG  1 
ATOM   312  N  ND1 . HIS A 1 43  ? -3.077  14.935  9.256   1.00 46.51 ? 43  HIS A ND1 1 
ATOM   313  C  CD2 . HIS A 1 43  ? -4.699  13.883  10.282  1.00 47.24 ? 43  HIS A CD2 1 
ATOM   314  C  CE1 . HIS A 1 43  ? -3.320  15.592  10.382  1.00 51.09 ? 43  HIS A CE1 1 
ATOM   315  N  NE2 . HIS A 1 43  ? -4.308  14.981  11.015  1.00 51.46 ? 43  HIS A NE2 1 
ATOM   316  N  N   . VAL A 1 44  ? -3.205  12.613  4.859   1.00 43.63 ? 44  VAL A N   1 
ATOM   317  C  CA  . VAL A 1 44  ? -2.733  11.721  3.793   1.00 41.87 ? 44  VAL A CA  1 
ATOM   318  C  C   . VAL A 1 44  ? -1.291  11.176  4.027   1.00 40.65 ? 44  VAL A C   1 
ATOM   319  O  O   . VAL A 1 44  ? -0.331  11.954  4.230   0.68 39.53 ? 44  VAL A O   1 
ATOM   320  C  CB  . VAL A 1 44  ? -2.818  12.454  2.407   1.00 43.48 ? 44  VAL A CB  1 
ATOM   321  C  CG1 . VAL A 1 44  ? -2.286  11.576  1.284   1.00 40.53 ? 44  VAL A CG1 1 
ATOM   322  C  CG2 . VAL A 1 44  ? -4.253  12.944  2.125   1.00 43.19 ? 44  VAL A CG2 1 
ATOM   323  N  N   . VAL A 1 45  ? -1.170  9.829   4.020   1.00 38.93 ? 45  VAL A N   1 
ATOM   324  C  CA  . VAL A 1 45  ? 0.109   9.116   4.290   1.00 36.80 ? 45  VAL A CA  1 
ATOM   325  C  C   . VAL A 1 45  ? 0.352   8.062   3.201   1.00 36.08 ? 45  VAL A C   1 
ATOM   326  O  O   . VAL A 1 45  ? -0.602  7.695   2.486   1.00 36.58 ? 45  VAL A O   1 
ATOM   327  C  CB  . VAL A 1 45  ? 0.125   8.429   5.657   1.00 34.95 ? 45  VAL A CB  1 
ATOM   328  C  CG1 . VAL A 1 45  ? -0.133  9.436   6.771   1.00 37.18 ? 45  VAL A CG1 1 
ATOM   329  C  CG2 . VAL A 1 45  ? -0.934  7.341   5.728   1.00 32.07 ? 45  VAL A CG2 1 
ATOM   330  N  N   . ALA A 1 46  ? 1.604   7.598   3.058   1.00 33.31 ? 46  ALA A N   1 
ATOM   331  C  CA  . ALA A 1 46  ? 1.892   6.539   2.118   1.00 31.78 ? 46  ALA A CA  1 
ATOM   332  C  C   . ALA A 1 46  ? 2.718   5.486   2.804   1.00 31.99 ? 46  ALA A C   1 
ATOM   333  O  O   . ALA A 1 46  ? 3.384   5.781   3.764   1.00 34.23 ? 46  ALA A O   1 
ATOM   334  C  CB  . ALA A 1 46  ? 2.617   7.071   0.945   1.00 30.16 ? 46  ALA A CB  1 
ATOM   335  N  N   . THR A 1 47  ? 2.727   4.266   2.282   1.00 32.51 ? 47  THR A N   1 
ATOM   336  C  CA  . THR A 1 47  ? 3.596   3.219   2.748   1.00 33.58 ? 47  THR A CA  1 
ATOM   337  C  C   . THR A 1 47  ? 4.528   2.841   1.616   1.00 34.13 ? 47  THR A C   1 
ATOM   338  O  O   . THR A 1 47  ? 4.193   3.065   0.439   1.00 35.48 ? 47  THR A O   1 
ATOM   339  C  CB  . THR A 1 47  ? 2.794   1.918   3.087   1.00 35.85 ? 47  THR A CB  1 
ATOM   340  O  OG1 . THR A 1 47  ? 2.154   1.400   1.869   1.00 40.33 ? 47  THR A OG1 1 
ATOM   341  C  CG2 . THR A 1 47  ? 1.773   2.111   4.214   1.00 32.70 ? 47  THR A CG2 1 
ATOM   342  N  N   . LYS A 1 48  ? 5.680   2.226   1.933   1.00 32.76 ? 48  LYS A N   1 
ATOM   343  C  CA  . LYS A 1 48  ? 6.608   1.750   0.918   1.00 33.51 ? 48  LYS A CA  1 
ATOM   344  C  C   . LYS A 1 48  ? 7.205   0.444   1.407   1.00 32.70 ? 48  LYS A C   1 
ATOM   345  O  O   . LYS A 1 48  ? 7.671   0.413   2.542   1.00 34.55 ? 48  LYS A O   1 
ATOM   346  C  CB  . LYS A 1 48  ? 7.817   2.737   0.798   1.00 35.18 ? 48  LYS A CB  1 
ATOM   347  C  CG  . LYS A 1 48  ? 7.617   4.041   0.002   1.00 35.46 ? 48  LYS A CG  1 
ATOM   348  C  CD  . LYS A 1 48  ? 8.989   4.687   -0.353  1.00 38.69 ? 48  LYS A CD  1 
ATOM   349  C  CE  . LYS A 1 48  ? 8.852   5.597   -1.591  1.00 44.23 ? 48  LYS A CE  1 
ATOM   350  N  NZ  . LYS A 1 48  ? 10.051  6.461   -1.720  1.00 46.16 ? 48  LYS A NZ  1 
ATOM   351  N  N   . ASP A 1 49  ? 7.257   -0.599  0.563   1.00 31.49 ? 49  ASP A N   1 
ATOM   352  C  CA  . ASP A 1 49  ? 8.151   -1.738  0.760   1.00 31.49 ? 49  ASP A CA  1 
ATOM   353  C  C   . ASP A 1 49  ? 9.631   -1.234  0.633   1.00 31.44 ? 49  ASP A C   1 
ATOM   354  O  O   . ASP A 1 49  ? 9.970   -0.437  -0.270  1.00 31.82 ? 49  ASP A O   1 
ATOM   355  C  CB  . ASP A 1 49  ? 7.855   -2.751  -0.331  1.00 31.33 ? 49  ASP A CB  1 
ATOM   356  C  CG  . ASP A 1 49  ? 7.895   -4.224  0.160   1.00 34.06 ? 49  ASP A CG  1 
ATOM   357  O  OD1 . ASP A 1 49  ? 7.784   -4.399  1.391   1.00 39.89 ? 49  ASP A OD1 1 
ATOM   358  O  OD2 . ASP A 1 49  ? 8.037   -5.197  -0.681  1.00 30.71 ? 49  ASP A OD2 1 
ATOM   359  N  N   . PHE A 1 50  ? 10.515  -1.629  1.537   1.00 32.18 ? 50  PHE A N   1 
ATOM   360  C  CA  . PHE A 1 50  ? 11.866  -1.012  1.537   1.00 31.54 ? 50  PHE A CA  1 
ATOM   361  C  C   . PHE A 1 50  ? 12.870  -1.982  2.176   1.00 32.83 ? 50  PHE A C   1 
ATOM   362  O  O   . PHE A 1 50  ? 12.960  -2.091  3.430   1.00 32.43 ? 50  PHE A O   1 
ATOM   363  C  CB  . PHE A 1 50  ? 11.832  0.318   2.283   1.00 32.88 ? 50  PHE A CB  1 
ATOM   364  C  CG  . PHE A 1 50  ? 13.058  1.164   2.092   1.00 36.67 ? 50  PHE A CG  1 
ATOM   365  C  CD1 . PHE A 1 50  ? 13.192  1.986   0.965   1.00 36.93 ? 50  PHE A CD1 1 
ATOM   366  C  CD2 . PHE A 1 50  ? 14.062  1.186   3.064   1.00 39.01 ? 50  PHE A CD2 1 
ATOM   367  C  CE1 . PHE A 1 50  ? 14.349  2.862   0.788   1.00 43.67 ? 50  PHE A CE1 1 
ATOM   368  C  CE2 . PHE A 1 50  ? 15.200  2.008   2.901   1.00 41.92 ? 50  PHE A CE2 1 
ATOM   369  C  CZ  . PHE A 1 50  ? 15.349  2.861   1.740   1.00 39.85 ? 50  PHE A CZ  1 
ATOM   370  N  N   . HIS A 1 51  ? 13.589  -2.703  1.316   1.00 31.22 ? 51  HIS A N   1 
ATOM   371  C  CA  . HIS A 1 51  ? 14.398  -3.819  1.736   1.00 32.75 ? 51  HIS A CA  1 
ATOM   372  C  C   . HIS A 1 51  ? 15.899  -3.496  1.736   1.00 34.24 ? 51  HIS A C   1 
ATOM   373  O  O   . HIS A 1 51  ? 16.455  -3.060  0.698   1.00 32.78 ? 51  HIS A O   1 
ATOM   374  C  CB  . HIS A 1 51  ? 14.111  -4.989  0.787   1.00 31.30 ? 51  HIS A CB  1 
ATOM   375  C  CG  . HIS A 1 51  ? 12.729  -5.539  0.958   1.00 33.74 ? 51  HIS A CG  1 
ATOM   376  N  ND1 . HIS A 1 51  ? 12.227  -5.849  2.207   1.00 25.96 ? 51  HIS A ND1 1 
ATOM   377  C  CD2 . HIS A 1 51  ? 11.763  -5.875  0.053   1.00 27.44 ? 51  HIS A CD2 1 
ATOM   378  C  CE1 . HIS A 1 51  ? 11.004  -6.332  2.062   1.00 29.98 ? 51  HIS A CE1 1 
ATOM   379  N  NE2 . HIS A 1 51  ? 10.719  -6.386  0.775   1.00 29.04 ? 51  HIS A NE2 1 
ATOM   380  N  N   . ILE A 1 52  ? 16.549  -3.731  2.889   1.00 35.71 ? 52  ILE A N   1 
ATOM   381  C  CA  . ILE A 1 52  ? 18.015  -3.585  3.045   1.00 37.09 ? 52  ILE A CA  1 
ATOM   382  C  C   . ILE A 1 52  ? 18.634  -4.956  3.018   1.00 39.93 ? 52  ILE A C   1 
ATOM   383  O  O   . ILE A 1 52  ? 19.523  -5.280  2.177   1.00 40.01 ? 52  ILE A O   1 
ATOM   384  C  CB  . ILE A 1 52  ? 18.338  -2.905  4.354   1.00 37.38 ? 52  ILE A CB  1 
ATOM   385  C  CG1 . ILE A 1 52  ? 17.675  -1.524  4.398   1.00 34.40 ? 52  ILE A CG1 1 
ATOM   386  C  CG2 . ILE A 1 52  ? 19.890  -2.938  4.663   1.00 39.25 ? 52  ILE A CG2 1 
ATOM   387  C  CD1 . ILE A 1 52  ? 17.988  -0.643  5.693   1.00 38.03 ? 52  ILE A CD1 1 
ATOM   388  N  N   . ASP A 1 53  ? 18.180  -5.792  3.951   1.00 42.87 ? 53  ASP A N   1 
ATOM   389  C  CA  . ASP A 1 53  ? 18.470  -7.211  3.831   1.00 46.20 ? 53  ASP A CA  1 
ATOM   390  C  C   . ASP A 1 53  ? 17.436  -8.133  4.462   1.00 44.98 ? 53  ASP A C   1 
ATOM   391  O  O   . ASP A 1 53  ? 17.559  -8.495  5.633   1.00 43.70 ? 53  ASP A O   1 
ATOM   392  C  CB  . ASP A 1 53  ? 19.850  -7.594  4.334   1.00 49.22 ? 53  ASP A CB  1 
ATOM   393  C  CG  . ASP A 1 53  ? 20.094  -9.092  4.141   1.00 55.22 ? 53  ASP A CG  1 
ATOM   394  O  OD1 . ASP A 1 53  ? 19.578  -9.693  3.103   1.00 54.67 ? 53  ASP A OD1 1 
ATOM   395  O  OD2 . ASP A 1 53  ? 20.769  -9.634  5.041   1.00 59.81 ? 53  ASP A OD2 1 
ATOM   396  N  N   . PRO A 1 54  ? 16.436  -8.538  3.652   1.00 45.05 ? 54  PRO A N   1 
ATOM   397  C  CA  . PRO A 1 54  ? 15.295  -9.358  4.077   1.00 43.55 ? 54  PRO A CA  1 
ATOM   398  C  C   . PRO A 1 54  ? 15.549  -10.893 3.892   1.00 45.70 ? 54  PRO A C   1 
ATOM   399  O  O   . PRO A 1 54  ? 14.603  -11.664 3.949   1.00 45.25 ? 54  PRO A O   1 
ATOM   400  C  CB  . PRO A 1 54  ? 14.228  -8.898  3.129   1.00 42.60 ? 54  PRO A CB  1 
ATOM   401  C  CG  . PRO A 1 54  ? 15.003  -8.770  1.804   1.00 44.30 ? 54  PRO A CG  1 
ATOM   402  C  CD  . PRO A 1 54  ? 16.370  -8.206  2.205   1.00 43.53 ? 54  PRO A CD  1 
ATOM   403  N  N   . GLY A 1 55  ? 16.782  -11.337 3.665   1.00 46.83 ? 55  GLY A N   1 
ATOM   404  C  CA  . GLY A 1 55  ? 17.045  -12.770 3.691   1.00 50.07 ? 55  GLY A CA  1 
ATOM   405  C  C   . GLY A 1 55  ? 16.198  -13.555 2.669   1.00 52.36 ? 55  GLY A C   1 
ATOM   406  O  O   . GLY A 1 55  ? 16.145  -13.184 1.468   1.00 52.08 ? 55  GLY A O   1 
ATOM   407  N  N   . ASP A 1 56  ? 15.517  -14.605 3.160   1.00 52.87 ? 56  ASP A N   1 
ATOM   408  C  CA  . ASP A 1 56  ? 14.705  -15.580 2.370   1.00 53.63 ? 56  ASP A CA  1 
ATOM   409  C  C   . ASP A 1 56  ? 13.548  -14.996 1.582   1.00 50.15 ? 56  ASP A C   1 
ATOM   410  O  O   . ASP A 1 56  ? 13.048  -15.624 0.647   1.00 50.79 ? 56  ASP A O   1 
ATOM   411  C  CB  . ASP A 1 56  ? 14.162  -16.664 3.321   1.00 56.41 ? 56  ASP A CB  1 
ATOM   412  C  CG  . ASP A 1 56  ? 15.215  -17.096 4.373   1.00 66.51 ? 56  ASP A CG  1 
ATOM   413  O  OD1 . ASP A 1 56  ? 15.649  -16.200 5.185   1.00 74.22 ? 56  ASP A OD1 1 
ATOM   414  O  OD2 . ASP A 1 56  ? 15.605  -18.310 4.400   1.00 75.08 ? 56  ASP A OD2 1 
ATOM   415  N  N   . HIS A 1 57  ? 13.118  -13.790 1.947   1.00 46.62 ? 57  HIS A N   1 
ATOM   416  C  CA  . HIS A 1 57  ? 12.132  -13.039 1.186   1.00 43.38 ? 57  HIS A CA  1 
ATOM   417  C  C   . HIS A 1 57  ? 12.466  -12.873 -0.330  1.00 43.71 ? 57  HIS A C   1 
ATOM   418  O  O   . HIS A 1 57  ? 11.547  -12.685 -1.166  1.00 42.40 ? 57  HIS A O   1 
ATOM   419  C  CB  . HIS A 1 57  ? 11.937  -11.660 1.853   1.00 41.74 ? 57  HIS A CB  1 
ATOM   420  C  CG  . HIS A 1 57  ? 10.827  -10.825 1.259   1.00 39.22 ? 57  HIS A CG  1 
ATOM   421  N  ND1 . HIS A 1 57  ? 9.490   -11.171 1.336   1.00 37.29 ? 57  HIS A ND1 1 
ATOM   422  C  CD2 . HIS A 1 57  ? 10.862  -9.633  0.617   1.00 38.05 ? 57  HIS A CD2 1 
ATOM   423  C  CE1 . HIS A 1 57  ? 8.755   -10.233 0.764   1.00 37.64 ? 57  HIS A CE1 1 
ATOM   424  N  NE2 . HIS A 1 57  ? 9.558   -9.280  0.321   1.00 38.44 ? 57  HIS A NE2 1 
ATOM   425  N  N   . PHE A 1 58  ? 13.762  -12.884 -0.647  1.00 43.62 ? 58  PHE A N   1 
ATOM   426  C  CA  . PHE A 1 58  ? 14.288  -12.791 -2.010  1.00 45.29 ? 58  PHE A CA  1 
ATOM   427  C  C   . PHE A 1 58  ? 14.875  -14.127 -2.328  1.00 48.35 ? 58  PHE A C   1 
ATOM   428  O  O   . PHE A 1 58  ? 15.454  -14.749 -1.457  1.00 48.73 ? 58  PHE A O   1 
ATOM   429  C  CB  . PHE A 1 58  ? 15.497  -11.827 -2.101  1.00 43.26 ? 58  PHE A CB  1 
ATOM   430  C  CG  . PHE A 1 58  ? 15.148  -10.396 -1.952  1.00 42.10 ? 58  PHE A CG  1 
ATOM   431  C  CD1 . PHE A 1 58  ? 13.816  -9.962  -1.965  1.00 36.84 ? 58  PHE A CD1 1 
ATOM   432  C  CD2 . PHE A 1 58  ? 16.164  -9.443  -1.809  1.00 43.74 ? 58  PHE A CD2 1 
ATOM   433  C  CE1 . PHE A 1 58  ? 13.496  -8.599  -1.830  1.00 37.76 ? 58  PHE A CE1 1 
ATOM   434  C  CE2 . PHE A 1 58  ? 15.869  -8.069  -1.683  1.00 39.08 ? 58  PHE A CE2 1 
ATOM   435  C  CZ  . PHE A 1 58  ? 14.513  -7.631  -1.698  1.00 37.42 ? 58  PHE A CZ  1 
ATOM   436  N  N   . SER A 1 59  ? 14.793  -14.513 -3.600  1.00 51.42 ? 59  SER A N   1 
ATOM   437  C  CA  . SER A 1 59  ? 15.388  -15.743 -4.103  1.00 55.55 ? 59  SER A CA  1 
ATOM   438  C  C   . SER A 1 59  ? 15.732  -15.628 -5.580  1.00 57.92 ? 59  SER A C   1 
ATOM   439  O  O   . SER A 1 59  ? 15.048  -14.932 -6.349  1.00 56.78 ? 59  SER A O   1 
ATOM   440  C  CB  . SER A 1 59  ? 14.405  -16.925 -3.954  1.00 56.17 ? 59  SER A CB  1 
ATOM   441  O  OG  . SER A 1 59  ? 15.005  -18.130 -4.426  1.00 59.15 ? 59  SER A OG  1 
ATOM   442  N  N   . GLY A 1 60  ? 16.767  -16.375 -5.974  1.00 61.61 ? 60  GLY A N   1 
ATOM   443  C  CA  . GLY A 1 60  ? 17.108  -16.590 -7.378  1.00 65.31 ? 60  GLY A CA  1 
ATOM   444  C  C   . GLY A 1 60  ? 16.154  -17.556 -8.082  1.00 67.60 ? 60  GLY A C   1 
ATOM   445  O  O   . GLY A 1 60  ? 16.047  -17.541 -9.305  1.00 68.50 ? 60  GLY A O   1 
ATOM   446  N  N   . THR A 1 61  ? 15.437  -18.371 -7.308  1.00 69.48 ? 61  THR A N   1 
ATOM   447  C  CA  . THR A 1 61  ? 14.462  -19.349 -7.835  1.00 71.80 ? 61  THR A CA  1 
ATOM   448  C  C   . THR A 1 61  ? 13.040  -19.108 -7.203  1.00 71.07 ? 61  THR A C   1 
ATOM   449  O  O   . THR A 1 61  ? 12.460  -20.025 -6.585  1.00 72.68 ? 61  THR A O   1 
ATOM   450  C  CB  . THR A 1 61  ? 14.986  -20.839 -7.647  1.00 74.75 ? 61  THR A CB  1 
ATOM   451  O  OG1 . THR A 1 61  ? 14.948  -21.245 -6.266  1.00 76.04 ? 61  THR A OG1 1 
ATOM   452  C  CG2 . THR A 1 61  ? 16.451  -21.008 -8.137  1.00 76.22 ? 61  THR A CG2 1 
ATOM   453  N  N   . PRO A 1 62  ? 12.473  -17.882 -7.362  1.00 68.55 ? 62  PRO A N   1 
ATOM   454  C  CA  . PRO A 1 62  ? 11.304  -17.479 -6.552  1.00 66.96 ? 62  PRO A CA  1 
ATOM   455  C  C   . PRO A 1 62  ? 9.994   -18.230 -6.823  1.00 67.46 ? 62  PRO A C   1 
ATOM   456  O  O   . PRO A 1 62  ? 9.677   -18.561 -7.957  1.00 67.96 ? 62  PRO A O   1 
ATOM   457  C  CB  . PRO A 1 62  ? 11.103  -16.006 -6.930  1.00 64.76 ? 62  PRO A CB  1 
ATOM   458  C  CG  . PRO A 1 62  ? 11.678  -15.902 -8.340  1.00 66.80 ? 62  PRO A CG  1 
ATOM   459  C  CD  . PRO A 1 62  ? 12.869  -16.830 -8.317  1.00 68.33 ? 62  PRO A CD  1 
ATOM   460  N  N   . ASP A 1 63  ? 9.201   -18.417 -5.785  1.00 67.03 ? 63  ASP A N   1 
ATOM   461  C  CA  . ASP A 1 63  ? 7.898   -19.024 -5.946  1.00 67.97 ? 63  ASP A CA  1 
ATOM   462  C  C   . ASP A 1 63  ? 6.652   -18.064 -5.999  1.00 66.32 ? 63  ASP A C   1 
ATOM   463  O  O   . ASP A 1 63  ? 5.505   -18.528 -6.086  1.00 66.71 ? 63  ASP A O   1 
ATOM   464  C  CB  . ASP A 1 63  ? 7.708   -20.085 -4.854  1.00 69.59 ? 63  ASP A CB  1 
ATOM   465  C  CG  . ASP A 1 63  ? 7.491   -19.474 -3.458  1.00 69.36 ? 63  ASP A CG  1 
ATOM   466  O  OD1 . ASP A 1 63  ? 6.946   -18.344 -3.344  1.00 68.04 ? 63  ASP A OD1 1 
ATOM   467  O  OD2 . ASP A 1 63  ? 7.845   -20.151 -2.468  1.00 71.14 ? 63  ASP A OD2 1 
ATOM   468  N  N   . TYR A 1 64  ? 6.862   -16.754 -5.946  1.00 63.98 ? 64  TYR A N   1 
ATOM   469  C  CA  . TYR A 1 64  ? 5.773   -15.769 -5.968  1.00 62.64 ? 64  TYR A CA  1 
ATOM   470  C  C   . TYR A 1 64  ? 4.685   -16.092 -4.983  1.00 62.41 ? 64  TYR A C   1 
ATOM   471  O  O   . TYR A 1 64  ? 3.542   -15.632 -5.131  1.00 62.01 ? 64  TYR A O   1 
ATOM   472  C  CB  . TYR A 1 64  ? 5.200   -15.473 -7.370  1.00 62.97 ? 64  TYR A CB  1 
ATOM   473  C  CG  . TYR A 1 64  ? 6.289   -15.096 -8.357  1.00 63.96 ? 64  TYR A CG  1 
ATOM   474  C  CD1 . TYR A 1 64  ? 6.440   -13.773 -8.783  1.00 60.95 ? 64  TYR A CD1 1 
ATOM   475  C  CD2 . TYR A 1 64  ? 7.195   -16.078 -8.847  1.00 63.69 ? 64  TYR A CD2 1 
ATOM   476  C  CE1 . TYR A 1 64  ? 7.459   -13.410 -9.688  1.00 61.70 ? 64  TYR A CE1 1 
ATOM   477  C  CE2 . TYR A 1 64  ? 8.230   -15.734 -9.726  1.00 65.25 ? 64  TYR A CE2 1 
ATOM   478  C  CZ  . TYR A 1 64  ? 8.352   -14.389 -10.154 1.00 66.43 ? 64  TYR A CZ  1 
ATOM   479  O  OH  . TYR A 1 64  ? 9.370   -14.026 -11.048 1.00 67.76 ? 64  TYR A OH  1 
ATOM   480  N  N   . SER A 1 65  ? 5.069   -16.816 -3.927  1.00 62.44 ? 65  SER A N   1 
ATOM   481  C  CA  . SER A 1 65  ? 4.206   -16.970 -2.740  1.00 61.43 ? 65  SER A CA  1 
ATOM   482  C  C   . SER A 1 65  ? 4.940   -16.619 -1.422  1.00 59.39 ? 65  SER A C   1 
ATOM   483  O  O   . SER A 1 65  ? 4.441   -15.857 -0.636  1.00 58.49 ? 65  SER A O   1 
ATOM   484  C  CB  . SER A 1 65  ? 3.619   -18.406 -2.693  1.00 63.41 ? 65  SER A CB  1 
ATOM   485  O  OG  . SER A 1 65  ? 2.597   -18.505 -1.704  1.00 62.90 ? 65  SER A OG  1 
ATOM   486  N  N   . SER A 1 66  ? 6.122   -17.177 -1.171  1.00 58.75 ? 66  SER A N   1 
ATOM   487  C  CA  . SER A 1 66  ? 6.905   -16.766 0.035   1.00 56.77 ? 66  SER A CA  1 
ATOM   488  C  C   . SER A 1 66  ? 8.322   -16.220 -0.339  1.00 54.63 ? 66  SER A C   1 
ATOM   489  O  O   . SER A 1 66  ? 9.036   -15.741 0.520   1.00 54.84 ? 66  SER A O   1 
ATOM   490  C  CB  . SER A 1 66  ? 7.066   -17.947 0.998   1.00 58.31 ? 66  SER A CB  1 
ATOM   491  O  OG  . SER A 1 66  ? 7.820   -18.957 0.340   1.00 59.80 ? 66  SER A OG  1 
ATOM   492  N  N   . SER A 1 67  ? 8.707   -16.341 -1.601  1.00 51.84 ? 67  SER A N   1 
ATOM   493  C  CA  . SER A 1 67  ? 9.988   -15.890 -2.085  1.00 50.25 ? 67  SER A CA  1 
ATOM   494  C  C   . SER A 1 67  ? 9.702   -15.132 -3.378  1.00 47.46 ? 67  SER A C   1 
ATOM   495  O  O   . SER A 1 67  ? 8.748   -15.474 -4.111  1.00 45.20 ? 67  SER A O   1 
ATOM   496  C  CB  . SER A 1 67  ? 10.968  -17.064 -2.279  1.00 51.33 ? 67  SER A CB  1 
ATOM   497  O  OG  . SER A 1 67  ? 10.731  -17.756 -3.507  1.00 56.48 ? 67  SER A OG  1 
ATOM   498  N  N   . TRP A 1 68  ? 10.474  -14.060 -3.589  1.00 44.50 ? 68  TRP A N   1 
ATOM   499  C  CA  . TRP A 1 68  ? 10.267  -13.091 -4.664  1.00 42.51 ? 68  TRP A CA  1 
ATOM   500  C  C   . TRP A 1 68  ? 11.568  -12.718 -5.412  1.00 41.24 ? 68  TRP A C   1 
ATOM   501  O  O   . TRP A 1 68  ? 12.627  -12.814 -4.844  1.00 41.19 ? 68  TRP A O   1 
ATOM   502  C  CB  . TRP A 1 68  ? 9.633   -11.871 -4.052  1.00 41.94 ? 68  TRP A CB  1 
ATOM   503  C  CG  . TRP A 1 68  ? 8.366   -12.225 -3.266  1.00 43.72 ? 68  TRP A CG  1 
ATOM   504  C  CD1 . TRP A 1 68  ? 8.251   -12.472 -1.909  1.00 45.41 ? 68  TRP A CD1 1 
ATOM   505  C  CD2 . TRP A 1 68  ? 7.048   -12.305 -3.798  1.00 43.37 ? 68  TRP A CD2 1 
ATOM   506  N  NE1 . TRP A 1 68  ? 6.930   -12.737 -1.586  1.00 44.86 ? 68  TRP A NE1 1 
ATOM   507  C  CE2 . TRP A 1 68  ? 6.176   -12.655 -2.722  1.00 45.01 ? 68  TRP A CE2 1 
ATOM   508  C  CE3 . TRP A 1 68  ? 6.517   -12.139 -5.089  1.00 42.54 ? 68  TRP A CE3 1 
ATOM   509  C  CZ2 . TRP A 1 68  ? 4.793   -12.809 -2.893  1.00 45.44 ? 68  TRP A CZ2 1 
ATOM   510  C  CZ3 . TRP A 1 68  ? 5.163   -12.327 -5.274  1.00 45.94 ? 68  TRP A CZ3 1 
ATOM   511  C  CH2 . TRP A 1 68  ? 4.298   -12.653 -4.169  1.00 46.46 ? 68  TRP A CH2 1 
ATOM   512  N  N   . PRO A 1 69  ? 11.487  -12.242 -6.672  1.00 39.89 ? 69  PRO A N   1 
ATOM   513  C  CA  . PRO A 1 69  ? 12.757  -11.642 -7.169  1.00 39.67 ? 69  PRO A CA  1 
ATOM   514  C  C   . PRO A 1 69  ? 13.035  -10.336 -6.355  1.00 37.86 ? 69  PRO A C   1 
ATOM   515  O  O   . PRO A 1 69  ? 12.086  -9.740  -5.788  1.00 35.24 ? 69  PRO A O   1 
ATOM   516  C  CB  . PRO A 1 69  ? 12.469  -11.309 -8.633  1.00 39.12 ? 69  PRO A CB  1 
ATOM   517  C  CG  . PRO A 1 69  ? 10.866  -11.091 -8.652  1.00 37.43 ? 69  PRO A CG  1 
ATOM   518  C  CD  . PRO A 1 69  ? 10.350  -12.066 -7.606  1.00 39.62 ? 69  PRO A CD  1 
ATOM   519  N  N   . PRO A 1 70  ? 14.325  -9.940  -6.244  1.00 37.56 ? 70  PRO A N   1 
ATOM   520  C  CA  . PRO A 1 70  ? 14.657  -8.699  -5.537  1.00 35.80 ? 70  PRO A CA  1 
ATOM   521  C  C   . PRO A 1 70  ? 13.778  -7.506  -5.992  1.00 34.00 ? 70  PRO A C   1 
ATOM   522  O  O   . PRO A 1 70  ? 13.606  -7.283  -7.218  1.00 34.42 ? 70  PRO A O   1 
ATOM   523  C  CB  . PRO A 1 70  ? 16.100  -8.452  -5.945  1.00 35.21 ? 70  PRO A CB  1 
ATOM   524  C  CG  . PRO A 1 70  ? 16.651  -9.878  -6.083  1.00 41.96 ? 70  PRO A CG  1 
ATOM   525  C  CD  . PRO A 1 70  ? 15.530  -10.633 -6.763  1.00 39.77 ? 70  PRO A CD  1 
ATOM   526  N  N   . HIS A 1 71  ? 13.290  -6.708  -5.045  1.00 30.33 ? 71  HIS A N   1 
ATOM   527  C  CA  . HIS A 1 71  ? 12.421  -5.599  -5.425  1.00 30.12 ? 71  HIS A CA  1 
ATOM   528  C  C   . HIS A 1 71  ? 12.556  -4.546  -4.304  1.00 30.55 ? 71  HIS A C   1 
ATOM   529  O  O   . HIS A 1 71  ? 12.869  -4.929  -3.177  1.00 31.91 ? 71  HIS A O   1 
ATOM   530  C  CB  . HIS A 1 71  ? 10.913  -6.038  -5.561  1.00 27.69 ? 71  HIS A CB  1 
ATOM   531  C  CG  . HIS A 1 71  ? 10.378  -6.727  -4.350  1.00 28.77 ? 71  HIS A CG  1 
ATOM   532  N  ND1 . HIS A 1 71  ? 10.690  -8.065  -4.054  1.00 29.50 ? 71  HIS A ND1 1 
ATOM   533  C  CD2 . HIS A 1 71  ? 9.614   -6.271  -3.314  1.00 23.68 ? 71  HIS A CD2 1 
ATOM   534  C  CE1 . HIS A 1 71  ? 10.126  -8.399  -2.893  1.00 28.10 ? 71  HIS A CE1 1 
ATOM   535  N  NE2 . HIS A 1 71  ? 9.478   -7.335  -2.421  1.00 28.12 ? 71  HIS A NE2 1 
ATOM   536  N  N   . CYS A 1 72  ? 12.335  -3.262  -4.628  1.00 29.62 ? 72  CYS A N   1 
ATOM   537  C  CA  . CYS A 1 72  ? 12.280  -2.194  -3.630  1.00 32.58 ? 72  CYS A CA  1 
ATOM   538  C  C   . CYS A 1 72  ? 13.532  -2.227  -2.704  1.00 32.84 ? 72  CYS A C   1 
ATOM   539  O  O   . CYS A 1 72  ? 13.439  -2.087  -1.491  1.00 32.79 ? 72  CYS A O   1 
ATOM   540  C  CB  . CYS A 1 72  ? 10.954  -2.285  -2.813  1.00 31.28 ? 72  CYS A CB  1 
ATOM   541  S  SG  . CYS A 1 72  ? 9.475   -2.264  -3.824  1.00 35.61 ? 72  CYS A SG  1 
ATOM   542  N  N   . VAL A 1 73  ? 14.684  -2.417  -3.329  1.00 34.76 ? 73  VAL A N   1 
ATOM   543  C  CA  . VAL A 1 73  ? 16.002  -2.436  -2.660  1.00 35.62 ? 73  VAL A CA  1 
ATOM   544  C  C   . VAL A 1 73  ? 16.449  -1.006  -2.359  1.00 35.49 ? 73  VAL A C   1 
ATOM   545  O  O   . VAL A 1 73  ? 16.469  -0.156  -3.263  1.00 35.11 ? 73  VAL A O   1 
ATOM   546  C  CB  . VAL A 1 73  ? 17.080  -3.190  -3.520  1.00 36.53 ? 73  VAL A CB  1 
ATOM   547  C  CG1 . VAL A 1 73  ? 18.437  -3.234  -2.795  1.00 37.63 ? 73  VAL A CG1 1 
ATOM   548  C  CG2 . VAL A 1 73  ? 16.659  -4.629  -3.716  1.00 34.43 ? 73  VAL A CG2 1 
ATOM   549  N  N   . SER A 1 74  ? 16.802  -0.757  -1.093  1.00 34.56 ? 74  SER A N   1 
ATOM   550  C  CA  . SER A 1 74  ? 17.277  0.566   -0.649  1.00 34.84 ? 74  SER A CA  1 
ATOM   551  C  C   . SER A 1 74  ? 18.437  1.062   -1.523  1.00 36.96 ? 74  SER A C   1 
ATOM   552  O  O   . SER A 1 74  ? 19.424  0.314   -1.760  1.00 35.53 ? 74  SER A O   1 
ATOM   553  C  CB  . SER A 1 74  ? 17.682  0.502   0.849   1.00 35.11 ? 74  SER A CB  1 
ATOM   554  O  OG  . SER A 1 74  ? 18.805  -0.303  0.997   1.00 34.63 ? 74  SER A OG  1 
ATOM   555  N  N   . GLY A 1 75  ? 18.273  2.282   -2.069  1.00 37.50 ? 75  GLY A N   1 
ATOM   556  C  CA  . GLY A 1 75  ? 19.288  2.910   -2.900  1.00 39.65 ? 75  GLY A CA  1 
ATOM   557  C  C   . GLY A 1 75  ? 19.145  2.617   -4.392  1.00 41.53 ? 75  GLY A C   1 
ATOM   558  O  O   . GLY A 1 75  ? 20.014  3.012   -5.177  1.00 42.97 ? 75  GLY A O   1 
ATOM   559  N  N   . THR A 1 76  ? 18.094  1.900   -4.782  1.00 40.02 ? 76  THR A N   1 
ATOM   560  C  CA  . THR A 1 76  ? 17.768  1.712   -6.196  1.00 40.94 ? 76  THR A CA  1 
ATOM   561  C  C   . THR A 1 76  ? 16.455  2.436   -6.616  1.00 40.66 ? 76  THR A C   1 
ATOM   562  O  O   . THR A 1 76  ? 15.629  2.792   -5.767  1.00 38.35 ? 76  THR A O   1 
ATOM   563  C  CB  . THR A 1 76  ? 17.666  0.213   -6.577  1.00 40.33 ? 76  THR A CB  1 
ATOM   564  O  OG1 . THR A 1 76  ? 16.410  -0.314  -6.101  1.00 39.61 ? 76  THR A OG1 1 
ATOM   565  C  CG2 . THR A 1 76  ? 18.878  -0.585  -6.011  1.00 39.93 ? 76  THR A CG2 1 
ATOM   566  N  N   . PRO A 1 77  ? 16.275  2.659   -7.939  1.00 42.13 ? 77  PRO A N   1 
ATOM   567  C  CA  . PRO A 1 77  ? 15.030  3.287   -8.441  1.00 42.78 ? 77  PRO A CA  1 
ATOM   568  C  C   . PRO A 1 77  ? 13.699  2.510   -8.172  1.00 41.69 ? 77  PRO A C   1 
ATOM   569  O  O   . PRO A 1 77  ? 12.656  3.144   -7.991  1.00 40.03 ? 77  PRO A O   1 
ATOM   570  C  CB  . PRO A 1 77  ? 15.276  3.429   -9.976  1.00 43.68 ? 77  PRO A CB  1 
ATOM   571  C  CG  . PRO A 1 77  ? 16.763  3.203   -10.168 1.00 45.73 ? 77  PRO A CG  1 
ATOM   572  C  CD  . PRO A 1 77  ? 17.224  2.344   -9.028  1.00 43.41 ? 77  PRO A CD  1 
ATOM   573  N  N   . GLY A 1 78  ? 13.750  1.168   -8.155  1.00 41.58 ? 78  GLY A N   1 
ATOM   574  C  CA  . GLY A 1 78  ? 12.576  0.341   -7.829  1.00 40.69 ? 78  GLY A CA  1 
ATOM   575  C  C   . GLY A 1 78  ? 11.896  0.759   -6.565  1.00 41.16 ? 78  GLY A C   1 
ATOM   576  O  O   . GLY A 1 78  ? 10.667  0.643   -6.437  1.00 38.90 ? 78  GLY A O   1 
ATOM   577  N  N   . ALA A 1 79  ? 12.671  1.291   -5.606  1.00 41.97 ? 79  ALA A N   1 
ATOM   578  C  CA  . ALA A 1 79  ? 12.047  1.565   -4.314  1.00 40.88 ? 79  ALA A CA  1 
ATOM   579  C  C   . ALA A 1 79  ? 11.284  2.916   -4.281  1.00 42.00 ? 79  ALA A C   1 
ATOM   580  O  O   . ALA A 1 79  ? 10.479  3.165   -3.375  1.00 41.80 ? 79  ALA A O   1 
ATOM   581  C  CB  . ALA A 1 79  ? 13.067  1.470   -3.199  1.00 40.71 ? 79  ALA A CB  1 
ATOM   582  N  N   . ASP A 1 80  ? 11.539  3.791   -5.243  1.00 41.99 ? 80  ASP A N   1 
ATOM   583  C  CA  . ASP A 1 80  ? 10.932  5.132   -5.239  1.00 42.14 ? 80  ASP A CA  1 
ATOM   584  C  C   . ASP A 1 80  ? 9.452   5.158   -5.698  1.00 41.24 ? 80  ASP A C   1 
ATOM   585  O  O   . ASP A 1 80  ? 9.003   4.275   -6.408  1.00 41.02 ? 80  ASP A O   1 
ATOM   586  C  CB  . ASP A 1 80  ? 11.670  5.955   -6.245  1.00 43.91 ? 80  ASP A CB  1 
ATOM   587  C  CG  . ASP A 1 80  ? 13.108  6.293   -5.822  1.00 46.83 ? 80  ASP A CG  1 
ATOM   588  O  OD1 . ASP A 1 80  ? 13.472  6.124   -4.613  1.00 46.57 ? 80  ASP A OD1 1 
ATOM   589  O  OD2 . ASP A 1 80  ? 13.844  6.779   -6.752  1.00 49.69 ? 80  ASP A OD2 1 
ATOM   590  N  N   . PHE A 1 81  ? 8.718   6.187   -5.305  1.00 41.37 ? 81  PHE A N   1 
ATOM   591  C  CA  . PHE A 1 81  ? 7.385   6.499   -5.863  1.00 40.45 ? 81  PHE A CA  1 
ATOM   592  C  C   . PHE A 1 81  ? 7.391   6.530   -7.376  1.00 40.50 ? 81  PHE A C   1 
ATOM   593  O  O   . PHE A 1 81  ? 8.329   7.061   -8.004  1.00 40.57 ? 81  PHE A O   1 
ATOM   594  C  CB  . PHE A 1 81  ? 6.843   7.829   -5.337  1.00 40.76 ? 81  PHE A CB  1 
ATOM   595  C  CG  . PHE A 1 81  ? 6.546   7.810   -3.855  1.00 37.98 ? 81  PHE A CG  1 
ATOM   596  C  CD1 . PHE A 1 81  ? 5.703   6.840   -3.324  1.00 38.73 ? 81  PHE A CD1 1 
ATOM   597  C  CD2 . PHE A 1 81  ? 7.138   8.742   -3.004  1.00 39.41 ? 81  PHE A CD2 1 
ATOM   598  C  CE1 . PHE A 1 81  ? 5.422   6.787   -1.992  1.00 40.28 ? 81  PHE A CE1 1 
ATOM   599  C  CE2 . PHE A 1 81  ? 6.885   8.723   -1.611  1.00 41.91 ? 81  PHE A CE2 1 
ATOM   600  C  CZ  . PHE A 1 81  ? 6.018   7.747   -1.090  1.00 42.51 ? 81  PHE A CZ  1 
ATOM   601  N  N   . HIS A 1 82  ? 6.355   5.935   -7.975  1.00 39.02 ? 82  HIS A N   1 
ATOM   602  C  CA  . HIS A 1 82  ? 6.207   6.079   -9.387  1.00 39.68 ? 82  HIS A CA  1 
ATOM   603  C  C   . HIS A 1 82  ? 6.161   7.607   -9.724  1.00 42.66 ? 82  HIS A C   1 
ATOM   604  O  O   . HIS A 1 82  ? 5.599   8.392   -8.982  1.00 40.50 ? 82  HIS A O   1 
ATOM   605  C  CB  . HIS A 1 82  ? 5.036   5.264   -9.961  1.00 39.43 ? 82  HIS A CB  1 
ATOM   606  C  CG  . HIS A 1 82  ? 4.884   5.435   -11.458 1.00 40.09 ? 82  HIS A CG  1 
ATOM   607  N  ND1 . HIS A 1 82  ? 5.317   4.491   -12.371 1.00 38.61 ? 82  HIS A ND1 1 
ATOM   608  C  CD2 . HIS A 1 82  ? 4.437   6.483   -12.185 1.00 35.96 ? 82  HIS A CD2 1 
ATOM   609  C  CE1 . HIS A 1 82  ? 5.087   4.928   -13.595 1.00 44.78 ? 82  HIS A CE1 1 
ATOM   610  N  NE2 . HIS A 1 82  ? 4.556   6.139   -13.510 1.00 43.50 ? 82  HIS A NE2 1 
ATOM   611  N  N   . PRO A 1 83  ? 6.869   8.046   -10.802 1.00 45.95 ? 83  PRO A N   1 
ATOM   612  C  CA  . PRO A 1 83  ? 6.915   9.521   -11.073 1.00 48.41 ? 83  PRO A CA  1 
ATOM   613  C  C   . PRO A 1 83  ? 5.595   10.255  -11.415 1.00 49.39 ? 83  PRO A C   1 
ATOM   614  O  O   . PRO A 1 83  ? 5.541   11.472  -11.213 1.00 50.89 ? 83  PRO A O   1 
ATOM   615  C  CB  . PRO A 1 83  ? 7.914   9.664   -12.216 1.00 50.85 ? 83  PRO A CB  1 
ATOM   616  C  CG  . PRO A 1 83  ? 8.413   8.235   -12.511 1.00 49.01 ? 83  PRO A CG  1 
ATOM   617  C  CD  . PRO A 1 83  ? 7.703   7.245   -11.712 1.00 45.32 ? 83  PRO A CD  1 
ATOM   618  N  N   . SER A 1 84  ? 4.559   9.542   -11.895 1.00 49.12 ? 84  SER A N   1 
ATOM   619  C  CA  . SER A 1 84  ? 3.186   10.089  -11.908 1.00 50.12 ? 84  SER A CA  1 
ATOM   620  C  C   . SER A 1 84  ? 2.896   10.208  -10.415 1.00 52.23 ? 84  SER A C   1 
ATOM   621  O  O   . SER A 1 84  ? 3.819   10.070  -9.606  1.00 52.57 ? 84  SER A O   1 
ATOM   622  C  CB  . SER A 1 84  ? 2.242   9.165   -12.673 1.00 49.50 ? 84  SER A CB  1 
ATOM   623  O  OG  . SER A 1 84  ? 2.698   9.076   -14.034 1.00 41.50 ? 84  SER A OG  1 
ATOM   624  N  N   . LEU A 1 85  ? 1.720   10.496  -9.930  1.00 53.98 ? 85  LEU A N   1 
ATOM   625  C  CA  . LEU A 1 85  ? 1.744   10.510  -8.395  1.00 54.22 ? 85  LEU A CA  1 
ATOM   626  C  C   . LEU A 1 85  ? 2.379   11.786  -7.780  1.00 55.80 ? 85  LEU A C   1 
ATOM   627  O  O   . LEU A 1 85  ? 3.552   11.798  -7.387  1.00 55.45 ? 85  LEU A O   1 
ATOM   628  C  CB  . LEU A 1 85  ? 2.384   9.238   -7.702  1.00 51.49 ? 85  LEU A CB  1 
ATOM   629  C  CG  . LEU A 1 85  ? 1.962   9.149   -6.186  1.00 51.73 ? 85  LEU A CG  1 
ATOM   630  C  CD1 . LEU A 1 85  ? 0.424   9.087   -6.007  1.00 50.88 ? 85  LEU A CD1 1 
ATOM   631  C  CD2 . LEU A 1 85  ? 2.601   8.126   -5.221  1.00 49.11 ? 85  LEU A CD2 1 
ATOM   632  N  N   . ASP A 1 86  ? 1.580   12.849  -7.729  1.00 58.31 ? 86  ASP A N   1 
ATOM   633  C  CA  . ASP A 1 86  ? 1.911   14.032  -6.962  1.00 60.44 ? 86  ASP A CA  1 
ATOM   634  C  C   . ASP A 1 86  ? 2.166   13.594  -5.538  1.00 58.78 ? 86  ASP A C   1 
ATOM   635  O  O   . ASP A 1 86  ? 1.387   12.852  -4.965  1.00 57.33 ? 86  ASP A O   1 
ATOM   636  C  CB  . ASP A 1 86  ? 0.774   15.054  -7.013  1.00 63.61 ? 86  ASP A CB  1 
ATOM   637  C  CG  . ASP A 1 86  ? 0.322   15.379  -8.473  1.00 68.87 ? 86  ASP A CG  1 
ATOM   638  O  OD1 . ASP A 1 86  ? 1.080   15.067  -9.441  1.00 69.01 ? 86  ASP A OD1 1 
ATOM   639  O  OD2 . ASP A 1 86  ? -0.794  15.957  -8.634  1.00 74.53 ? 86  ASP A OD2 1 
ATOM   640  N  N   . THR A 1 87  ? 3.300   14.039  -5.016  1.00 59.09 ? 87  THR A N   1 
ATOM   641  C  CA  . THR A 1 87  ? 3.790   13.748  -3.670  1.00 59.02 ? 87  THR A CA  1 
ATOM   642  C  C   . THR A 1 87  ? 3.532   14.956  -2.694  1.00 59.96 ? 87  THR A C   1 
ATOM   643  O  O   . THR A 1 87  ? 3.540   14.844  -1.475  1.00 59.09 ? 87  THR A O   1 
ATOM   644  C  CB  . THR A 1 87  ? 5.285   13.340  -3.763  1.00 58.26 ? 87  THR A CB  1 
ATOM   645  O  OG1 . THR A 1 87  ? 5.815   13.171  -2.460  1.00 63.29 ? 87  THR A OG1 1 
ATOM   646  C  CG2 . THR A 1 87  ? 6.139   14.393  -4.474  1.00 60.22 ? 87  THR A CG2 1 
ATOM   647  N  N   . SER A 1 88  ? 3.255   16.110  -3.260  1.00 61.95 ? 88  SER A N   1 
ATOM   648  C  CA  . SER A 1 88  ? 2.790   17.261  -2.500  1.00 63.71 ? 88  SER A CA  1 
ATOM   649  C  C   . SER A 1 88  ? 1.923   17.010  -1.261  1.00 62.58 ? 88  SER A C   1 
ATOM   650  O  O   . SER A 1 88  ? 2.180   17.608  -0.224  1.00 62.90 ? 88  SER A O   1 
ATOM   651  C  CB  . SER A 1 88  ? 2.046   18.208  -3.433  1.00 65.34 ? 88  SER A CB  1 
ATOM   652  O  OG  . SER A 1 88  ? 2.844   19.343  -3.531  1.00 70.90 ? 88  SER A OG  1 
ATOM   653  N  N   . ALA A 1 89  ? 0.895   16.161  -1.365  1.00 60.92 ? 89  ALA A N   1 
ATOM   654  C  CA  . ALA A 1 89  ? -0.112  16.027  -0.285  1.00 59.34 ? 89  ALA A CA  1 
ATOM   655  C  C   . ALA A 1 89  ? 0.278   15.070  0.861   1.00 56.46 ? 89  ALA A C   1 
ATOM   656  O  O   . ALA A 1 89  ? -0.408  14.998  1.881   1.00 56.31 ? 89  ALA A O   1 
ATOM   657  C  CB  . ALA A 1 89  ? -1.458  15.613  -0.882  1.00 59.47 ? 89  ALA A CB  1 
ATOM   658  N  N   . ILE A 1 90  ? 1.394   14.357  0.712   1.00 54.04 ? 90  ILE A N   1 
ATOM   659  C  CA  . ILE A 1 90  ? 1.687   13.209  1.570   1.00 50.89 ? 90  ILE A CA  1 
ATOM   660  C  C   . ILE A 1 90  ? 2.446   13.681  2.807   1.00 52.16 ? 90  ILE A C   1 
ATOM   661  O  O   . ILE A 1 90  ? 3.577   14.155  2.703   1.00 53.94 ? 90  ILE A O   1 
ATOM   662  C  CB  . ILE A 1 90  ? 2.474   12.132  0.768   1.00 49.35 ? 90  ILE A CB  1 
ATOM   663  C  CG1 . ILE A 1 90  ? 1.578   11.557  -0.364  1.00 48.46 ? 90  ILE A CG1 1 
ATOM   664  C  CG2 . ILE A 1 90  ? 3.151   11.067  1.661   1.00 44.26 ? 90  ILE A CG2 1 
ATOM   665  C  CD1 . ILE A 1 90  ? 2.333   10.633  -1.379  1.00 49.29 ? 90  ILE A CD1 1 
ATOM   666  N  N   . GLU A 1 91  ? 1.825   13.543  3.972   1.00 51.43 ? 91  GLU A N   1 
ATOM   667  C  CA  . GLU A 1 91  ? 2.368   14.092  5.219   1.00 52.50 ? 91  GLU A CA  1 
ATOM   668  C  C   . GLU A 1 91  ? 3.448   13.194  5.837   1.00 50.42 ? 91  GLU A C   1 
ATOM   669  O  O   . GLU A 1 91  ? 4.390   13.686  6.460   1.00 53.12 ? 91  GLU A O   1 
ATOM   670  C  CB  . GLU A 1 91  ? 1.220   14.301  6.212   1.00 53.02 ? 91  GLU A CB  1 
ATOM   671  C  CG  . GLU A 1 91  ? 0.124   15.114  5.624   1.00 56.75 ? 91  GLU A CG  1 
ATOM   672  C  CD  . GLU A 1 91  ? -1.015  15.377  6.565   1.00 62.92 ? 91  GLU A CD  1 
ATOM   673  O  OE1 . GLU A 1 91  ? -0.795  15.591  7.786   1.00 62.54 ? 91  GLU A OE1 1 
ATOM   674  O  OE2 . GLU A 1 91  ? -2.161  15.381  6.053   1.00 67.64 ? 91  GLU A OE2 1 
ATOM   675  N  N   . ALA A 1 92  ? 3.309   11.879  5.706   1.00 46.24 ? 92  ALA A N   1 
ATOM   676  C  CA  . ALA A 1 92  ? 4.316   10.992  6.208   1.00 42.57 ? 92  ALA A CA  1 
ATOM   677  C  C   . ALA A 1 92  ? 4.438   9.726   5.368   1.00 40.64 ? 92  ALA A C   1 
ATOM   678  O  O   . ALA A 1 92  ? 3.446   9.192   4.853   1.00 36.78 ? 92  ALA A O   1 
ATOM   679  C  CB  . ALA A 1 92  ? 4.016   10.673  7.710   1.00 41.82 ? 92  ALA A CB  1 
ATOM   680  N  N   . VAL A 1 93  ? 5.685   9.246   5.260   1.00 39.64 ? 93  VAL A N   1 
ATOM   681  C  CA  . VAL A 1 93  ? 5.980   7.954   4.651   1.00 36.55 ? 93  VAL A CA  1 
ATOM   682  C  C   . VAL A 1 93  ? 6.349   6.809   5.621   1.00 36.46 ? 93  VAL A C   1 
ATOM   683  O  O   . VAL A 1 93  ? 7.223   6.981   6.440   1.00 37.44 ? 93  VAL A O   1 
ATOM   684  C  CB  . VAL A 1 93  ? 6.993   8.130   3.522   1.00 37.01 ? 93  VAL A CB  1 
ATOM   685  C  CG1 . VAL A 1 93  ? 7.175   6.782   2.772   1.00 29.72 ? 93  VAL A CG1 1 
ATOM   686  C  CG2 . VAL A 1 93  ? 6.413   9.196   2.548   1.00 36.55 ? 93  VAL A CG2 1 
ATOM   687  N  N   . PHE A 1 94  ? 5.655   5.661   5.553   1.00 34.40 ? 94  PHE A N   1 
ATOM   688  C  CA  . PHE A 1 94  ? 5.905   4.483   6.446   1.00 33.45 ? 94  PHE A CA  1 
ATOM   689  C  C   . PHE A 1 94  ? 6.670   3.315   5.721   1.00 34.02 ? 94  PHE A C   1 
ATOM   690  O  O   . PHE A 1 94  ? 6.136   2.753   4.780   1.00 33.51 ? 94  PHE A O   1 
ATOM   691  C  CB  . PHE A 1 94  ? 4.603   4.000   7.090   1.00 32.29 ? 94  PHE A CB  1 
ATOM   692  C  CG  . PHE A 1 94  ? 3.980   5.064   7.978   1.00 33.15 ? 94  PHE A CG  1 
ATOM   693  C  CD1 . PHE A 1 94  ? 3.210   6.108   7.423   1.00 25.54 ? 94  PHE A CD1 1 
ATOM   694  C  CD2 . PHE A 1 94  ? 4.276   5.111   9.325   1.00 30.83 ? 94  PHE A CD2 1 
ATOM   695  C  CE1 . PHE A 1 94  ? 2.731   7.142   8.216   1.00 31.00 ? 94  PHE A CE1 1 
ATOM   696  C  CE2 . PHE A 1 94  ? 3.766   6.145   10.129  1.00 29.45 ? 94  PHE A CE2 1 
ATOM   697  C  CZ  . PHE A 1 94  ? 3.012   7.172   9.565   1.00 32.92 ? 94  PHE A CZ  1 
ATOM   698  N  N   . TYR A 1 95  ? 7.900   2.990   6.157   1.00 32.90 ? 95  TYR A N   1 
ATOM   699  C  CA  . TYR A 1 95  ? 8.768   2.025   5.474   1.00 33.41 ? 95  TYR A CA  1 
ATOM   700  C  C   . TYR A 1 95  ? 8.610   0.715   6.217   1.00 33.26 ? 95  TYR A C   1 
ATOM   701  O  O   . TYR A 1 95  ? 8.588   0.732   7.443   1.00 32.69 ? 95  TYR A O   1 
ATOM   702  C  CB  . TYR A 1 95  ? 10.255  2.489   5.550   1.00 34.59 ? 95  TYR A CB  1 
ATOM   703  C  CG  . TYR A 1 95  ? 10.462  3.822   4.944   1.00 35.57 ? 95  TYR A CG  1 
ATOM   704  C  CD1 . TYR A 1 95  ? 10.168  4.959   5.650   1.00 38.34 ? 95  TYR A CD1 1 
ATOM   705  C  CD2 . TYR A 1 95  ? 10.892  3.955   3.610   1.00 39.75 ? 95  TYR A CD2 1 
ATOM   706  C  CE1 . TYR A 1 95  ? 10.311  6.247   5.070   1.00 43.11 ? 95  TYR A CE1 1 
ATOM   707  C  CE2 . TYR A 1 95  ? 11.074  5.241   3.014   1.00 37.07 ? 95  TYR A CE2 1 
ATOM   708  C  CZ  . TYR A 1 95  ? 10.762  6.365   3.747   1.00 41.00 ? 95  TYR A CZ  1 
ATOM   709  O  OH  . TYR A 1 95  ? 10.883  7.631   3.203   1.00 43.63 ? 95  TYR A OH  1 
ATOM   710  N  N   . LYS A 1 96  ? 8.497   -0.407  5.508   1.00 33.63 ? 96  LYS A N   1 
ATOM   711  C  CA  . LYS A 1 96  ? 8.445   -1.741  6.160   1.00 33.35 ? 96  LYS A CA  1 
ATOM   712  C  C   . LYS A 1 96  ? 9.358   -2.691  5.358   1.00 31.59 ? 96  LYS A C   1 
ATOM   713  O  O   . LYS A 1 96  ? 9.578   -2.475  4.162   1.00 32.43 ? 96  LYS A O   1 
ATOM   714  C  CB  . LYS A 1 96  ? 6.992   -2.296  6.091   1.00 33.99 ? 96  LYS A CB  1 
ATOM   715  C  CG  . LYS A 1 96  ? 6.521   -2.291  4.608   1.00 32.26 ? 96  LYS A CG  1 
ATOM   716  C  CD  . LYS A 1 96  ? 5.080   -2.757  4.365   1.00 35.88 ? 96  LYS A CD  1 
ATOM   717  C  CE  . LYS A 1 96  ? 4.512   -2.254  3.003   1.00 37.29 ? 96  LYS A CE  1 
ATOM   718  N  NZ  . LYS A 1 96  ? 4.689   -3.374  2.059   1.00 41.09 ? 96  LYS A NZ  1 
ATOM   719  N  N   . GLY A 1 97  ? 9.844   -3.740  6.001   1.00 30.98 ? 97  GLY A N   1 
ATOM   720  C  CA  . GLY A 1 97  ? 10.624  -4.812  5.364   1.00 30.85 ? 97  GLY A CA  1 
ATOM   721  C  C   . GLY A 1 97  ? 12.170  -4.588  5.329   1.00 32.10 ? 97  GLY A C   1 
ATOM   722  O  O   . GLY A 1 97  ? 12.872  -5.303  4.591   1.00 30.84 ? 97  GLY A O   1 
ATOM   723  N  N   . ALA A 1 98  ? 12.714  -3.671  6.133   1.00 30.47 ? 98  ALA A N   1 
ATOM   724  C  CA  . ALA A 1 98  ? 14.184  -3.419  6.093   1.00 34.06 ? 98  ALA A CA  1 
ATOM   725  C  C   . ALA A 1 98  ? 15.008  -4.742  6.247   1.00 36.92 ? 98  ALA A C   1 
ATOM   726  O  O   . ALA A 1 98  ? 15.938  -5.032  5.472   1.00 36.72 ? 98  ALA A O   1 
ATOM   727  C  CB  . ALA A 1 98  ? 14.569  -2.390  7.161   1.00 33.39 ? 98  ALA A CB  1 
ATOM   728  N  N   . TYR A 1 99  ? 14.658  -5.558  7.252   1.00 39.59 ? 99  TYR A N   1 
ATOM   729  C  CA  . TYR A 1 99  ? 15.367  -6.822  7.483   1.00 42.88 ? 99  TYR A CA  1 
ATOM   730  C  C   . TYR A 1 99  ? 14.481  -8.059  7.361   1.00 44.38 ? 99  TYR A C   1 
ATOM   731  O  O   . TYR A 1 99  ? 14.838  -9.136  7.821   1.00 45.84 ? 99  TYR A O   1 
ATOM   732  C  CB  . TYR A 1 99  ? 16.125  -6.776  8.827   1.00 46.08 ? 99  TYR A CB  1 
ATOM   733  C  CG  . TYR A 1 99  ? 17.076  -5.654  8.834   1.00 47.73 ? 99  TYR A CG  1 
ATOM   734  C  CD1 . TYR A 1 99  ? 16.656  -4.388  9.231   1.00 48.94 ? 99  TYR A CD1 1 
ATOM   735  C  CD2 . TYR A 1 99  ? 18.377  -5.819  8.348   1.00 51.43 ? 99  TYR A CD2 1 
ATOM   736  C  CE1 . TYR A 1 99  ? 17.516  -3.327  9.175   1.00 51.26 ? 99  TYR A CE1 1 
ATOM   737  C  CE2 . TYR A 1 99  ? 19.251  -4.768  8.301   1.00 54.11 ? 99  TYR A CE2 1 
ATOM   738  C  CZ  . TYR A 1 99  ? 18.795  -3.516  8.717   1.00 52.54 ? 99  TYR A CZ  1 
ATOM   739  O  OH  . TYR A 1 99  ? 19.646  -2.427  8.701   1.00 58.01 ? 99  TYR A OH  1 
ATOM   740  N  N   . THR A 1 100 ? 13.332  -7.915  6.719   1.00 44.41 ? 100 THR A N   1 
ATOM   741  C  CA  . THR A 1 100 ? 12.341  -8.968  6.770   1.00 46.89 ? 100 THR A CA  1 
ATOM   742  C  C   . THR A 1 100 ? 11.309  -8.820  5.627   1.00 45.67 ? 100 THR A C   1 
ATOM   743  O  O   . THR A 1 100 ? 11.079  -7.710  5.163   1.00 44.06 ? 100 THR A O   1 
ATOM   744  C  CB  . THR A 1 100 ? 11.648  -8.932  8.196   1.00 48.59 ? 100 THR A CB  1 
ATOM   745  O  OG1 . THR A 1 100 ? 11.246  -10.254 8.563   1.00 52.68 ? 100 THR A OG1 1 
ATOM   746  C  CG2 . THR A 1 100 ? 10.444  -7.893  8.271   1.00 45.35 ? 100 THR A CG2 1 
ATOM   747  N  N   . GLY A 1 101 ? 10.734  -9.924  5.155   1.00 45.90 ? 101 GLY A N   1 
ATOM   748  C  CA  . GLY A 1 101 ? 9.541   -9.823  4.298   1.00 45.44 ? 101 GLY A CA  1 
ATOM   749  C  C   . GLY A 1 101 ? 8.375   -9.150  5.033   1.00 45.62 ? 101 GLY A C   1 
ATOM   750  O  O   . GLY A 1 101 ? 8.040   -9.539  6.168   1.00 46.39 ? 101 GLY A O   1 
ATOM   751  N  N   . ALA A 1 102 ? 7.755   -8.129  4.433   1.00 44.85 ? 102 ALA A N   1 
ATOM   752  C  CA  . ALA A 1 102 ? 6.600   -7.453  5.085   1.00 44.69 ? 102 ALA A CA  1 
ATOM   753  C  C   . ALA A 1 102 ? 5.253   -7.660  4.318   1.00 45.69 ? 102 ALA A C   1 
ATOM   754  O  O   . ALA A 1 102 ? 5.228   -7.665  3.051   1.00 45.63 ? 102 ALA A O   1 
ATOM   755  C  CB  . ALA A 1 102 ? 6.892   -5.951  5.321   1.00 42.86 ? 102 ALA A CB  1 
ATOM   756  N  N   . TYR A 1 103 ? 4.160   -7.819  5.077   1.00 45.17 ? 103 TYR A N   1 
ATOM   757  C  CA  . TYR A 1 103 ? 2.835   -8.099  4.483   1.00 46.84 ? 103 TYR A CA  1 
ATOM   758  C  C   . TYR A 1 103 ? 1.821   -6.958  4.520   1.00 42.27 ? 103 TYR A C   1 
ATOM   759  O  O   . TYR A 1 103 ? 0.964   -6.924  3.683   1.00 41.12 ? 103 TYR A O   1 
ATOM   760  C  CB  . TYR A 1 103 ? 2.202   -9.435  5.029   1.00 50.69 ? 103 TYR A CB  1 
ATOM   761  C  CG  . TYR A 1 103 ? 3.202   -10.555 4.925   1.00 57.42 ? 103 TYR A CG  1 
ATOM   762  C  CD1 . TYR A 1 103 ? 3.495   -11.147 3.685   1.00 60.43 ? 103 TYR A CD1 1 
ATOM   763  C  CD2 . TYR A 1 103 ? 3.919   -10.983 6.070   1.00 63.45 ? 103 TYR A CD2 1 
ATOM   764  C  CE1 . TYR A 1 103 ? 4.476   -12.162 3.598   1.00 66.58 ? 103 TYR A CE1 1 
ATOM   765  C  CE2 . TYR A 1 103 ? 4.900   -11.997 6.004   1.00 65.14 ? 103 TYR A CE2 1 
ATOM   766  C  CZ  . TYR A 1 103 ? 5.178   -12.577 4.762   1.00 65.38 ? 103 TYR A CZ  1 
ATOM   767  O  OH  . TYR A 1 103 ? 6.157   -13.575 4.685   1.00 66.77 ? 103 TYR A OH  1 
ATOM   768  N  N   . SER A 1 104 ? 1.960   -6.031  5.451   1.00 38.76 ? 104 SER A N   1 
ATOM   769  C  CA  . SER A 1 104 ? 0.934   -5.019  5.752   1.00 35.42 ? 104 SER A CA  1 
ATOM   770  C  C   . SER A 1 104 ? 1.510   -3.662  5.997   1.00 32.76 ? 104 SER A C   1 
ATOM   771  O  O   . SER A 1 104 ? 2.554   -3.548  6.635   1.00 33.58 ? 104 SER A O   1 
ATOM   772  C  CB  . SER A 1 104 ? 0.182   -5.444  7.042   1.00 35.15 ? 104 SER A CB  1 
ATOM   773  O  OG  . SER A 1 104 ? -0.526  -4.322  7.577   1.00 36.61 ? 104 SER A OG  1 
ATOM   774  N  N   . GLY A 1 105 ? 0.847   -2.619  5.527   1.00 30.01 ? 105 GLY A N   1 
ATOM   775  C  CA  . GLY A 1 105 ? 1.259   -1.267  5.859   1.00 31.26 ? 105 GLY A CA  1 
ATOM   776  C  C   . GLY A 1 105 ? 1.389   -1.049  7.361   1.00 32.47 ? 105 GLY A C   1 
ATOM   777  O  O   . GLY A 1 105 ? 2.155   -0.215  7.762   1.00 31.35 ? 105 GLY A O   1 
ATOM   778  N  N   . PHE A 1 106 ? 0.687   -1.861  8.192   1.00 33.08 ? 106 PHE A N   1 
ATOM   779  C  CA  . PHE A 1 106 ? 0.719   -1.628  9.612   1.00 35.69 ? 106 PHE A CA  1 
ATOM   780  C  C   . PHE A 1 106 ? 2.034   -2.086  10.250  1.00 37.91 ? 106 PHE A C   1 
ATOM   781  O  O   . PHE A 1 106 ? 2.322   -1.781  11.408  1.00 39.87 ? 106 PHE A O   1 
ATOM   782  C  CB  . PHE A 1 106 ? -0.551  -2.078  10.358  1.00 34.43 ? 106 PHE A CB  1 
ATOM   783  C  CG  . PHE A 1 106 ? -1.672  -1.115  10.190  1.00 31.40 ? 106 PHE A CG  1 
ATOM   784  C  CD1 . PHE A 1 106 ? -1.819  -0.065  11.068  1.00 34.70 ? 106 PHE A CD1 1 
ATOM   785  C  CD2 . PHE A 1 106 ? -2.532  -1.226  9.099   1.00 29.71 ? 106 PHE A CD2 1 
ATOM   786  C  CE1 . PHE A 1 106 ? -2.846  0.892   10.875  1.00 31.89 ? 106 PHE A CE1 1 
ATOM   787  C  CE2 . PHE A 1 106 ? -3.581  -0.285  8.869   1.00 30.58 ? 106 PHE A CE2 1 
ATOM   788  C  CZ  . PHE A 1 106 ? -3.718  0.772   9.779   1.00 32.99 ? 106 PHE A CZ  1 
ATOM   789  N  N   . GLU A 1 107 ? 2.866   -2.722  9.442   1.00 38.50 ? 107 GLU A N   1 
ATOM   790  C  CA  . GLU A 1 107 ? 4.220   -2.974  9.864   1.00 39.90 ? 107 GLU A CA  1 
ATOM   791  C  C   . GLU A 1 107 ? 5.139   -1.747  9.569   1.00 37.50 ? 107 GLU A C   1 
ATOM   792  O  O   . GLU A 1 107 ? 6.248   -1.726  9.981   1.00 36.82 ? 107 GLU A O   1 
ATOM   793  C  CB  . GLU A 1 107 ? 4.755   -4.270  9.227   1.00 38.79 ? 107 GLU A CB  1 
ATOM   794  C  CG  . GLU A 1 107 ? 4.004   -5.580  9.537   1.00 43.90 ? 107 GLU A CG  1 
ATOM   795  C  CD  . GLU A 1 107 ? 4.557   -6.779  8.597   1.00 46.99 ? 107 GLU A CD  1 
ATOM   796  O  OE1 . GLU A 1 107 ? 5.783   -7.153  8.754   1.00 55.17 ? 107 GLU A OE1 1 
ATOM   797  O  OE2 . GLU A 1 107 ? 3.802   -7.327  7.722   1.00 48.26 ? 107 GLU A OE2 1 
ATOM   798  N  N   . GLY A 1 108 ? 4.685   -0.733  8.864   1.00 36.12 ? 108 GLY A N   1 
ATOM   799  C  CA  . GLY A 1 108 ? 5.607   0.326   8.567   1.00 35.76 ? 108 GLY A CA  1 
ATOM   800  C  C   . GLY A 1 108 ? 5.843   1.286   9.722   1.00 36.51 ? 108 GLY A C   1 
ATOM   801  O  O   . GLY A 1 108 ? 4.974   1.465   10.634  1.00 35.66 ? 108 GLY A O   1 
ATOM   802  N  N   . VAL A 1 109 ? 7.041   1.878   9.671   1.00 37.48 ? 109 VAL A N   1 
ATOM   803  C  CA  . VAL A 1 109 ? 7.527   2.905   10.585  1.00 37.94 ? 109 VAL A CA  1 
ATOM   804  C  C   . VAL A 1 109 ? 7.985   4.129   9.791   1.00 38.15 ? 109 VAL A C   1 
ATOM   805  O  O   . VAL A 1 109 ? 8.569   3.997   8.703   1.00 35.69 ? 109 VAL A O   1 
ATOM   806  C  CB  . VAL A 1 109 ? 8.661   2.411   11.550  1.00 39.00 ? 109 VAL A CB  1 
ATOM   807  C  CG1 . VAL A 1 109 ? 8.162   1.347   12.567  1.00 37.74 ? 109 VAL A CG1 1 
ATOM   808  C  CG2 . VAL A 1 109 ? 9.891   1.927   10.819  1.00 42.75 ? 109 VAL A CG2 1 
ATOM   809  N  N   . ASP A 1 110 ? 7.725   5.315   10.331  1.00 40.07 ? 110 ASP A N   1 
ATOM   810  C  CA  . ASP A 1 110 ? 8.167   6.538   9.651   1.00 43.69 ? 110 ASP A CA  1 
ATOM   811  C  C   . ASP A 1 110 ? 9.662   6.843   10.068  1.00 46.09 ? 110 ASP A C   1 
ATOM   812  O  O   . ASP A 1 110 ? 10.304  6.064   10.851  1.00 44.65 ? 110 ASP A O   1 
ATOM   813  C  CB  . ASP A 1 110 ? 7.160   7.729   9.842   1.00 44.62 ? 110 ASP A CB  1 
ATOM   814  C  CG  . ASP A 1 110 ? 7.354   8.545   11.229  1.00 48.82 ? 110 ASP A CG  1 
ATOM   815  O  OD1 . ASP A 1 110 ? 8.132   8.140   12.109  1.00 48.16 ? 110 ASP A OD1 1 
ATOM   816  O  OD2 . ASP A 1 110 ? 6.730   9.644   11.422  1.00 54.13 ? 110 ASP A OD2 1 
ATOM   817  N  N   . GLU A 1 111 ? 10.219  7.916   9.525   1.00 47.75 ? 111 GLU A N   1 
ATOM   818  C  CA  . GLU A 1 111 ? 11.625  8.256   9.786   1.00 51.58 ? 111 GLU A CA  1 
ATOM   819  C  C   . GLU A 1 111 ? 12.097  8.530   11.268  1.00 52.61 ? 111 GLU A C   1 
ATOM   820  O  O   . GLU A 1 111 ? 13.286  8.391   11.548  1.00 53.01 ? 111 GLU A O   1 
ATOM   821  C  CB  . GLU A 1 111 ? 12.031  9.434   8.902   1.00 53.51 ? 111 GLU A CB  1 
ATOM   822  C  CG  . GLU A 1 111 ? 11.189  10.698  9.155   1.00 57.83 ? 111 GLU A CG  1 
ATOM   823  C  CD  . GLU A 1 111 ? 11.683  11.843  8.305   1.00 68.06 ? 111 GLU A CD  1 
ATOM   824  O  OE1 . GLU A 1 111 ? 11.943  11.581  7.097   1.00 70.68 ? 111 GLU A OE1 1 
ATOM   825  O  OE2 . GLU A 1 111 ? 11.837  12.980  8.838   1.00 71.61 ? 111 GLU A OE2 1 
ATOM   826  N  N   . ASN A 1 112 ? 11.198  8.918   12.182  1.00 53.33 ? 112 ASN A N   1 
ATOM   827  C  CA  . ASN A 1 112 ? 11.491  8.867   13.611  1.00 55.03 ? 112 ASN A CA  1 
ATOM   828  C  C   . ASN A 1 112 ? 11.100  7.481   14.124  1.00 53.18 ? 112 ASN A C   1 
ATOM   829  O  O   . ASN A 1 112 ? 10.861  6.549   13.366  1.00 51.99 ? 112 ASN A O   1 
ATOM   830  C  CB  . ASN A 1 112 ? 10.748  9.969   14.387  1.00 57.66 ? 112 ASN A CB  1 
ATOM   831  C  CG  . ASN A 1 112 ? 10.600  11.289  13.584  1.00 61.46 ? 112 ASN A CG  1 
ATOM   832  O  OD1 . ASN A 1 112 ? 9.484   11.643  13.197  1.00 65.84 ? 112 ASN A OD1 1 
ATOM   833  N  ND2 . ASN A 1 112 ? 11.717  12.006  13.330  1.00 61.44 ? 112 ASN A ND2 1 
ATOM   834  N  N   . GLY A 1 113 ? 10.938  7.261   15.400  1.00 53.29 ? 113 GLY A N   1 
ATOM   835  C  CA  . GLY A 1 113 ? 10.434  5.856   15.620  1.00 52.63 ? 113 GLY A CA  1 
ATOM   836  C  C   . GLY A 1 113 ? 9.106   5.249   15.073  1.00 48.79 ? 113 GLY A C   1 
ATOM   837  O  O   . GLY A 1 113 ? 8.853   4.022   15.287  1.00 47.81 ? 113 GLY A O   1 
ATOM   838  N  N   . THR A 1 114 ? 8.255   6.059   14.411  1.00 46.04 ? 114 THR A N   1 
ATOM   839  C  CA  . THR A 1 114 ? 6.783   5.877   14.632  1.00 43.10 ? 114 THR A CA  1 
ATOM   840  C  C   . THR A 1 114 ? 6.028   4.882   13.768  1.00 40.63 ? 114 THR A C   1 
ATOM   841  O  O   . THR A 1 114 ? 5.921   5.116   12.560  1.00 40.40 ? 114 THR A O   1 
ATOM   842  C  CB  . THR A 1 114 ? 5.998   7.198   14.624  1.00 43.84 ? 114 THR A CB  1 
ATOM   843  O  OG1 . THR A 1 114 ? 6.716   8.178   15.370  1.00 47.50 ? 114 THR A OG1 1 
ATOM   844  C  CG2 . THR A 1 114 ? 4.590   7.046   15.256  1.00 41.73 ? 114 THR A CG2 1 
ATOM   845  N  N   . PRO A 1 115 ? 5.419   3.833   14.411  1.00 39.34 ? 115 PRO A N   1 
ATOM   846  C  CA  . PRO A 1 115 ? 4.513   2.884   13.715  1.00 37.90 ? 115 PRO A CA  1 
ATOM   847  C  C   . PRO A 1 115 ? 3.207   3.558   13.248  1.00 36.37 ? 115 PRO A C   1 
ATOM   848  O  O   . PRO A 1 115 ? 2.682   4.468   13.938  1.00 35.24 ? 115 PRO A O   1 
ATOM   849  C  CB  . PRO A 1 115 ? 4.201   1.811   14.762  1.00 36.99 ? 115 PRO A CB  1 
ATOM   850  C  CG  . PRO A 1 115 ? 5.133   2.131   15.970  1.00 39.71 ? 115 PRO A CG  1 
ATOM   851  C  CD  . PRO A 1 115 ? 5.520   3.551   15.861  1.00 39.46 ? 115 PRO A CD  1 
ATOM   852  N  N   . LEU A 1 116 ? 2.723   3.108   12.077  1.00 34.20 ? 116 LEU A N   1 
ATOM   853  C  CA  . LEU A 1 116 ? 1.515   3.643   11.436  1.00 32.18 ? 116 LEU A CA  1 
ATOM   854  C  C   . LEU A 1 116 ? 0.313   3.872   12.385  1.00 33.22 ? 116 LEU A C   1 
ATOM   855  O  O   . LEU A 1 116 ? -0.290  4.938   12.365  1.00 32.90 ? 116 LEU A O   1 
ATOM   856  C  CB  . LEU A 1 116 ? 1.086   2.738   10.267  1.00 31.73 ? 116 LEU A CB  1 
ATOM   857  C  CG  . LEU A 1 116 ? -0.128  3.216   9.474   1.00 33.19 ? 116 LEU A CG  1 
ATOM   858  C  CD1 . LEU A 1 116 ? 0.069   4.687   9.006   1.00 32.26 ? 116 LEU A CD1 1 
ATOM   859  C  CD2 . LEU A 1 116 ? -0.504  2.250   8.262   1.00 28.64 ? 116 LEU A CD2 1 
ATOM   860  N  N   . LEU A 1 117 ? -0.065  2.896   13.207  1.00 33.22 ? 117 LEU A N   1 
ATOM   861  C  CA  . LEU A 1 117 ? -1.297  3.075   14.000  1.00 33.48 ? 117 LEU A CA  1 
ATOM   862  C  C   . LEU A 1 117 ? -1.097  4.185   15.016  1.00 36.84 ? 117 LEU A C   1 
ATOM   863  O  O   . LEU A 1 117 ? -2.061  4.994   15.284  1.00 39.69 ? 117 LEU A O   1 
ATOM   864  C  CB  . LEU A 1 117 ? -1.682  1.768   14.713  1.00 34.35 ? 117 LEU A CB  1 
ATOM   865  C  CG  . LEU A 1 117 ? -2.860  1.712   15.694  1.00 34.59 ? 117 LEU A CG  1 
ATOM   866  C  CD1 . LEU A 1 117 ? -4.168  1.870   14.892  1.00 35.29 ? 117 LEU A CD1 1 
ATOM   867  C  CD2 . LEU A 1 117 ? -2.904  0.477   16.607  1.00 32.93 ? 117 LEU A CD2 1 
ATOM   868  N  N   . ASN A 1 118 ? 0.129   4.238   15.590  1.00 36.63 ? 118 ASN A N   1 
ATOM   869  C  CA  . ASN A 1 118 ? 0.510   5.305   16.556  1.00 37.99 ? 118 ASN A CA  1 
ATOM   870  C  C   . ASN A 1 118 ? 0.369   6.696   15.931  1.00 37.94 ? 118 ASN A C   1 
ATOM   871  O  O   . ASN A 1 118 ? -0.383  7.515   16.438  1.00 37.97 ? 118 ASN A O   1 
ATOM   872  C  CB  . ASN A 1 118 ? 1.912   5.105   17.154  1.00 36.42 ? 118 ASN A CB  1 
ATOM   873  C  CG  . ASN A 1 118 ? 2.011   3.832   18.010  1.00 39.59 ? 118 ASN A CG  1 
ATOM   874  O  OD1 . ASN A 1 118 ? 2.217   3.884   19.228  1.00 41.80 ? 118 ASN A OD1 1 
ATOM   875  N  ND2 . ASN A 1 118 ? 1.783   2.683   17.381  1.00 48.18 ? 118 ASN A ND2 1 
ATOM   876  N  N   . TRP A 1 119 ? 1.000   6.907   14.766  1.00 35.46 ? 119 TRP A N   1 
ATOM   877  C  CA  . TRP A 1 119 ? 0.890   8.164   14.078  1.00 36.40 ? 119 TRP A CA  1 
ATOM   878  C  C   . TRP A 1 119 ? -0.582  8.571   13.866  1.00 37.92 ? 119 TRP A C   1 
ATOM   879  O  O   . TRP A 1 119 ? -0.940  9.741   14.132  1.00 40.96 ? 119 TRP A O   1 
ATOM   880  C  CB  . TRP A 1 119 ? 1.609   8.093   12.758  1.00 36.23 ? 119 TRP A CB  1 
ATOM   881  C  CG  . TRP A 1 119 ? 1.878   9.407   12.079  1.00 38.02 ? 119 TRP A CG  1 
ATOM   882  C  CD1 . TRP A 1 119 ? 3.069   10.124  12.106  1.00 35.36 ? 119 TRP A CD1 1 
ATOM   883  C  CD2 . TRP A 1 119 ? 0.980   10.135  11.181  1.00 37.00 ? 119 TRP A CD2 1 
ATOM   884  N  NE1 . TRP A 1 119 ? 2.945   11.243  11.322  1.00 38.41 ? 119 TRP A NE1 1 
ATOM   885  C  CE2 . TRP A 1 119 ? 1.697   11.287  10.737  1.00 37.74 ? 119 TRP A CE2 1 
ATOM   886  C  CE3 . TRP A 1 119 ? -0.356  9.930   10.734  1.00 36.48 ? 119 TRP A CE3 1 
ATOM   887  C  CZ2 . TRP A 1 119 ? 1.116   12.271  9.871   1.00 40.37 ? 119 TRP A CZ2 1 
ATOM   888  C  CZ3 . TRP A 1 119 ? -0.948  10.911  9.863   1.00 36.60 ? 119 TRP A CZ3 1 
ATOM   889  C  CH2 . TRP A 1 119 ? -0.201  12.039  9.420   1.00 39.39 ? 119 TRP A CH2 1 
ATOM   890  N  N   . LEU A 1 120 ? -1.436  7.607   13.480  1.00 35.63 ? 120 LEU A N   1 
ATOM   891  C  CA  . LEU A 1 120 ? -2.820  7.905   13.214  1.00 36.67 ? 120 LEU A CA  1 
ATOM   892  C  C   . LEU A 1 120 ? -3.649  8.295   14.491  1.00 38.27 ? 120 LEU A C   1 
ATOM   893  O  O   . LEU A 1 120 ? -4.476  9.216   14.460  1.00 39.82 ? 120 LEU A O   1 
ATOM   894  C  CB  . LEU A 1 120 ? -3.516  6.763   12.449  1.00 34.87 ? 120 LEU A CB  1 
ATOM   895  C  CG  . LEU A 1 120 ? -2.953  6.379   11.043  1.00 30.83 ? 120 LEU A CG  1 
ATOM   896  C  CD1 . LEU A 1 120 ? -3.528  5.010   10.592  1.00 31.81 ? 120 LEU A CD1 1 
ATOM   897  C  CD2 . LEU A 1 120 ? -3.266  7.498   9.979   1.00 31.83 ? 120 LEU A CD2 1 
ATOM   898  N  N   . ARG A 1 121 ? -3.487  7.542   15.555  1.00 37.61 ? 121 ARG A N   1 
ATOM   899  C  CA  . ARG A 1 121 ? -4.233  7.799   16.764  1.00 39.34 ? 121 ARG A CA  1 
ATOM   900  C  C   . ARG A 1 121 ? -3.835  9.074   17.485  1.00 41.63 ? 121 ARG A C   1 
ATOM   901  O  O   . ARG A 1 121 ? -4.643  9.631   18.225  1.00 43.08 ? 121 ARG A O   1 
ATOM   902  C  CB  . ARG A 1 121 ? -4.119  6.618   17.688  1.00 38.56 ? 121 ARG A CB  1 
ATOM   903  C  CG  . ARG A 1 121 ? -4.712  5.355   17.002  1.00 39.69 ? 121 ARG A CG  1 
ATOM   904  C  CD  . ARG A 1 121 ? -6.227  5.532   16.705  1.00 38.32 ? 121 ARG A CD  1 
ATOM   905  N  NE  . ARG A 1 121 ? -7.036  5.723   17.918  1.00 42.37 ? 121 ARG A NE  1 
ATOM   906  C  CZ  . ARG A 1 121 ? -8.004  6.666   18.108  1.00 44.96 ? 121 ARG A CZ  1 
ATOM   907  N  NH1 . ARG A 1 121 ? -8.366  7.571   17.169  1.00 42.23 ? 121 ARG A NH1 1 
ATOM   908  N  NH2 . ARG A 1 121 ? -8.638  6.709   19.276  1.00 44.80 ? 121 ARG A NH2 1 
ATOM   909  N  N   . GLN A 1 122 ? -2.595  9.499   17.292  1.00 40.94 ? 122 GLN A N   1 
ATOM   910  C  CA  . GLN A 1 122 ? -2.070  10.687  17.915  1.00 45.41 ? 122 GLN A CA  1 
ATOM   911  C  C   . GLN A 1 122 ? -2.691  11.926  17.282  1.00 45.59 ? 122 GLN A C   1 
ATOM   912  O  O   . GLN A 1 122 ? -2.557  13.046  17.779  1.00 47.23 ? 122 GLN A O   1 
ATOM   913  C  CB  . GLN A 1 122 ? -0.558  10.736  17.745  1.00 42.96 ? 122 GLN A CB  1 
ATOM   914  C  CG  . GLN A 1 122 ? 0.210   9.795   18.701  1.00 47.52 ? 122 GLN A CG  1 
ATOM   915  C  CD  . GLN A 1 122 ? 1.718   9.720   18.382  1.00 47.52 ? 122 GLN A CD  1 
ATOM   916  O  OE1 . GLN A 1 122 ? 2.252   10.549  17.625  1.00 54.60 ? 122 GLN A OE1 1 
ATOM   917  N  NE2 . GLN A 1 122 ? 2.387   8.707   18.919  1.00 47.09 ? 122 GLN A NE2 1 
ATOM   918  N  N   . ARG A 1 123 ? -3.342  11.703  16.160  1.00 45.35 ? 123 ARG A N   1 
ATOM   919  C  CA  . ARG A 1 123 ? -3.960  12.750  15.385  1.00 46.57 ? 123 ARG A CA  1 
ATOM   920  C  C   . ARG A 1 123 ? -5.471  12.562  15.454  1.00 48.09 ? 123 ARG A C   1 
ATOM   921  O  O   . ARG A 1 123 ? -6.253  13.180  14.706  1.00 50.66 ? 123 ARG A O   1 
ATOM   922  C  CB  . ARG A 1 123 ? -3.348  12.693  13.974  1.00 45.96 ? 123 ARG A CB  1 
ATOM   923  C  CG  . ARG A 1 123 ? -1.982  13.372  14.023  1.00 45.09 ? 123 ARG A CG  1 
ATOM   924  C  CD  . ARG A 1 123 ? -1.123  13.128  12.855  1.00 49.00 ? 123 ARG A CD  1 
ATOM   925  N  NE  . ARG A 1 123 ? 0.231   13.652  13.043  1.00 51.44 ? 123 ARG A NE  1 
ATOM   926  C  CZ  . ARG A 1 123 ? 1.191   13.030  13.719  1.00 52.05 ? 123 ARG A CZ  1 
ATOM   927  N  NH1 . ARG A 1 123 ? 0.949   11.839  14.304  1.00 47.60 ? 123 ARG A NH1 1 
ATOM   928  N  NH2 . ARG A 1 123 ? 2.406   13.610  13.808  1.00 52.08 ? 123 ARG A NH2 1 
ATOM   929  N  N   . GLY A 1 124 ? -5.898  11.700  16.374  1.00 47.98 ? 124 GLY A N   1 
ATOM   930  C  CA  . GLY A 1 124 ? -7.320  11.361  16.547  1.00 48.30 ? 124 GLY A CA  1 
ATOM   931  C  C   . GLY A 1 124 ? -7.997  10.697  15.346  1.00 48.26 ? 124 GLY A C   1 
ATOM   932  O  O   . GLY A 1 124 ? -9.240  10.682  15.280  1.00 48.68 ? 124 GLY A O   1 
ATOM   933  N  N   . VAL A 1 125 ? -7.208  10.141  14.400  1.00 46.50 ? 125 VAL A N   1 
ATOM   934  C  CA  . VAL A 1 125 ? -7.797  9.426   13.261  1.00 45.78 ? 125 VAL A CA  1 
ATOM   935  C  C   . VAL A 1 125 ? -8.486  8.133   13.710  1.00 46.15 ? 125 VAL A C   1 
ATOM   936  O  O   . VAL A 1 125 ? -7.955  7.336   14.485  1.00 47.66 ? 125 VAL A O   1 
ATOM   937  C  CB  . VAL A 1 125 ? -6.794  9.159   12.143  1.00 44.27 ? 125 VAL A CB  1 
ATOM   938  C  CG1 . VAL A 1 125 ? -7.387  8.164   11.095  1.00 38.75 ? 125 VAL A CG1 1 
ATOM   939  C  CG2 . VAL A 1 125 ? -6.392  10.513  11.468  1.00 42.36 ? 125 VAL A CG2 1 
ATOM   940  N  N   . ASP A 1 126 ? -9.666  7.929   13.196  1.00 46.91 ? 126 ASP A N   1 
ATOM   941  C  CA  . ASP A 1 126 ? -10.514 6.858   13.638  1.00 49.03 ? 126 ASP A CA  1 
ATOM   942  C  C   . ASP A 1 126 ? -11.164 6.142   12.415  1.00 46.80 ? 126 ASP A C   1 
ATOM   943  O  O   . ASP A 1 126 ? -11.864 5.116   12.564  1.00 46.45 ? 126 ASP A O   1 
ATOM   944  C  CB  . ASP A 1 126 ? -11.553 7.547   14.539  1.00 54.28 ? 126 ASP A CB  1 
ATOM   945  C  CG  . ASP A 1 126 ? -12.572 6.614   15.134  1.00 63.67 ? 126 ASP A CG  1 
ATOM   946  O  OD1 . ASP A 1 126 ? -13.172 5.768   14.367  1.00 71.95 ? 126 ASP A OD1 1 
ATOM   947  O  OD2 . ASP A 1 126 ? -12.837 6.812   16.378  1.00 75.09 ? 126 ASP A OD2 1 
ATOM   948  N  N   . GLU A 1 127 ? -10.972 6.682   11.220  1.00 45.12 ? 127 GLU A N   1 
ATOM   949  C  CA  . GLU A 1 127 ? -11.404 6.006   10.022  1.00 48.03 ? 127 GLU A CA  1 
ATOM   950  C  C   . GLU A 1 127 ? -10.432 6.207   8.871   1.00 44.25 ? 127 GLU A C   1 
ATOM   951  O  O   . GLU A 1 127 ? -9.877  7.314   8.692   1.00 44.55 ? 127 GLU A O   1 
ATOM   952  C  CB  . GLU A 1 127 ? -12.853 6.387   9.618   1.00 49.71 ? 127 GLU A CB  1 
ATOM   953  C  CG  . GLU A 1 127 ? -13.076 7.856   9.190   1.00 57.17 ? 127 GLU A CG  1 
ATOM   954  C  CD  . GLU A 1 127 ? -14.446 8.459   9.689   1.00 60.23 ? 127 GLU A CD  1 
ATOM   955  O  OE1 . GLU A 1 127 ? -15.380 7.669   10.024  1.00 70.21 ? 127 GLU A OE1 1 
ATOM   956  O  OE2 . GLU A 1 127 ? -14.596 9.720   9.766   1.00 70.61 ? 127 GLU A OE2 1 
ATOM   957  N  N   . VAL A 1 128 ? -10.211 5.134   8.111   1.00 41.39 ? 128 VAL A N   1 
ATOM   958  C  CA  . VAL A 1 128 ? -9.259  5.184   6.975   1.00 38.91 ? 128 VAL A CA  1 
ATOM   959  C  C   . VAL A 1 128 ? -9.877  4.694   5.642   1.00 38.70 ? 128 VAL A C   1 
ATOM   960  O  O   . VAL A 1 128 ? -10.720 3.814   5.639   1.00 38.67 ? 128 VAL A O   1 
ATOM   961  C  CB  . VAL A 1 128 ? -7.881  4.422   7.276   1.00 37.50 ? 128 VAL A CB  1 
ATOM   962  C  CG1 . VAL A 1 128 ? -7.158  4.998   8.575   1.00 36.76 ? 128 VAL A CG1 1 
ATOM   963  C  CG2 . VAL A 1 128 ? -8.136  2.962   7.486   1.00 33.83 ? 128 VAL A CG2 1 
ATOM   964  N  N   . ASP A 1 129 ? -9.406  5.282   4.540   1.00 38.71 ? 129 ASP A N   1 
ATOM   965  C  CA  . ASP A 1 129 ? -9.578  4.821   3.170   1.00 39.63 ? 129 ASP A CA  1 
ATOM   966  C  C   . ASP A 1 129 ? -8.202  4.318   2.705   1.00 39.52 ? 129 ASP A C   1 
ATOM   967  O  O   . ASP A 1 129 ? -7.186  4.976   2.967   1.00 39.00 ? 129 ASP A O   1 
ATOM   968  C  CB  . ASP A 1 129 ? -10.015 5.975   2.246   1.00 39.99 ? 129 ASP A CB  1 
ATOM   969  C  CG  . ASP A 1 129 ? -11.525 6.380   2.440   1.00 43.79 ? 129 ASP A CG  1 
ATOM   970  O  OD1 . ASP A 1 129 ? -12.253 5.723   3.234   1.00 47.57 ? 129 ASP A OD1 1 
ATOM   971  O  OD2 . ASP A 1 129 ? -11.997 7.375   1.810   1.00 45.53 ? 129 ASP A OD2 1 
ATOM   972  N  N   . VAL A 1 130 ? -8.198  3.182   1.991   1.00 37.18 ? 130 VAL A N   1 
ATOM   973  C  CA  . VAL A 1 130 ? -7.027  2.556   1.503   1.00 36.37 ? 130 VAL A CA  1 
ATOM   974  C  C   . VAL A 1 130 ? -7.063  2.483   -0.059  1.00 37.53 ? 130 VAL A C   1 
ATOM   975  O  O   . VAL A 1 130 ? -8.122  2.086   -0.663  1.00 36.63 ? 130 VAL A O   1 
ATOM   976  C  CB  . VAL A 1 130 ? -6.892  1.087   2.153   1.00 36.07 ? 130 VAL A CB  1 
ATOM   977  C  CG1 . VAL A 1 130 ? -5.647  0.387   1.659   1.00 34.11 ? 130 VAL A CG1 1 
ATOM   978  C  CG2 . VAL A 1 130 ? -6.823  1.123   3.694   1.00 32.99 ? 130 VAL A CG2 1 
ATOM   979  N  N   . VAL A 1 131 ? -5.940  2.878   -0.704  1.00 34.98 ? 131 VAL A N   1 
ATOM   980  C  CA  . VAL A 1 131 ? -5.802  2.758   -2.148  1.00 34.94 ? 131 VAL A CA  1 
ATOM   981  C  C   . VAL A 1 131 ? -4.399  2.228   -2.458  1.00 34.75 ? 131 VAL A C   1 
ATOM   982  O  O   . VAL A 1 131 ? -3.585  2.187   -1.549  1.00 33.43 ? 131 VAL A O   1 
ATOM   983  C  CB  . VAL A 1 131 ? -6.013  4.103   -2.840  1.00 36.80 ? 131 VAL A CB  1 
ATOM   984  C  CG1 . VAL A 1 131 ? -7.488  4.625   -2.560  1.00 36.31 ? 131 VAL A CG1 1 
ATOM   985  C  CG2 . VAL A 1 131 ? -4.946  5.104   -2.411  1.00 32.48 ? 131 VAL A CG2 1 
ATOM   986  N  N   . GLY A 1 132 ? -4.129  1.821   -3.713  1.00 34.86 ? 132 GLY A N   1 
ATOM   987  C  CA  . GLY A 1 132 ? -2.750  1.415   -4.146  1.00 32.57 ? 132 GLY A CA  1 
ATOM   988  C  C   . GLY A 1 132 ? -2.607  0.001   -4.743  1.00 32.62 ? 132 GLY A C   1 
ATOM   989  O  O   . GLY A 1 132 ? -3.553  -0.523  -5.364  1.00 33.18 ? 132 GLY A O   1 
ATOM   990  N  N   . ILE A 1 133 ? -1.455  -0.641  -4.518  1.00 31.57 ? 133 ILE A N   1 
ATOM   991  C  CA  . ILE A 1 133 ? -1.049  -1.918  -5.163  1.00 32.35 ? 133 ILE A CA  1 
ATOM   992  C  C   . ILE A 1 133 ? -0.571  -2.919  -4.095  1.00 31.01 ? 133 ILE A C   1 
ATOM   993  O  O   . ILE A 1 133 ? 0.106   -2.538  -3.175  1.00 31.17 ? 133 ILE A O   1 
ATOM   994  C  CB  . ILE A 1 133 ? 0.124   -1.610  -6.164  1.00 32.93 ? 133 ILE A CB  1 
ATOM   995  C  CG1 . ILE A 1 133 ? -0.192  -0.330  -6.972  1.00 36.19 ? 133 ILE A CG1 1 
ATOM   996  C  CG2 . ILE A 1 133 ? 0.467   -2.796  -7.106  1.00 33.18 ? 133 ILE A CG2 1 
ATOM   997  C  CD1 . ILE A 1 133 ? 0.994   0.219   -7.804  1.00 35.79 ? 133 ILE A CD1 1 
ATOM   998  N  N   . ALA A 1 134 ? -0.877  -4.193  -4.167  1.00 31.87 ? 134 ALA A N   1 
ATOM   999  C  CA  . ALA A 1 134 ? -1.833  -4.769  -5.070  1.00 33.10 ? 134 ALA A CA  1 
ATOM   1000 C  C   . ALA A 1 134 ? -3.128  -5.135  -4.300  1.00 34.02 ? 134 ALA A C   1 
ATOM   1001 O  O   . ALA A 1 134 ? -3.088  -5.637  -3.129  1.00 33.32 ? 134 ALA A O   1 
ATOM   1002 C  CB  . ALA A 1 134 ? -1.249  -6.050  -5.764  1.00 34.32 ? 134 ALA A CB  1 
ATOM   1003 N  N   . THR A 1 135 ? -4.251  -4.980  -4.993  1.00 33.35 ? 135 THR A N   1 
ATOM   1004 C  CA  . THR A 1 135 ? -5.565  -5.321  -4.384  1.00 36.18 ? 135 THR A CA  1 
ATOM   1005 C  C   . THR A 1 135 ? -5.544  -6.642  -3.624  1.00 36.06 ? 135 THR A C   1 
ATOM   1006 O  O   . THR A 1 135 ? -6.129  -6.748  -2.568  1.00 34.42 ? 135 THR A O   1 
ATOM   1007 C  CB  . THR A 1 135 ? -6.698  -5.455  -5.462  1.00 35.75 ? 135 THR A CB  1 
ATOM   1008 O  OG1 . THR A 1 135 ? -6.670  -4.300  -6.261  1.00 35.40 ? 135 THR A OG1 1 
ATOM   1009 C  CG2 . THR A 1 135 ? -8.076  -5.585  -4.806  1.00 37.36 ? 135 THR A CG2 1 
ATOM   1010 N  N   . ASP A 1 136 ? -4.884  -7.637  -4.227  1.00 37.14 ? 136 ASP A N   1 
ATOM   1011 C  CA  . ASP A 1 136 ? -4.937  -8.999  -3.716  1.00 37.79 ? 136 ASP A CA  1 
ATOM   1012 C  C   . ASP A 1 136 ? -3.823  -9.298  -2.697  1.00 36.98 ? 136 ASP A C   1 
ATOM   1013 O  O   . ASP A 1 136 ? -3.760  -10.430 -2.196  1.00 36.63 ? 136 ASP A O   1 
ATOM   1014 C  CB  . ASP A 1 136 ? -5.007  -10.089 -4.851  1.00 38.41 ? 136 ASP A CB  1 
ATOM   1015 C  CG  . ASP A 1 136 ? -4.330  -9.686  -6.241  1.00 42.52 ? 136 ASP A CG  1 
ATOM   1016 O  OD1 . ASP A 1 136 ? -3.729  -8.573  -6.443  1.00 43.73 ? 136 ASP A OD1 1 
ATOM   1017 O  OD2 . ASP A 1 136 ? -4.373  -10.578 -7.146  1.00 41.77 ? 136 ASP A OD2 1 
ATOM   1018 N  N   . HIS A 1 137 ? -2.937  -8.317  -2.429  1.00 34.09 ? 137 HIS A N   1 
ATOM   1019 C  CA  . HIS A 1 137 ? -1.828  -8.563  -1.540  1.00 35.25 ? 137 HIS A CA  1 
ATOM   1020 C  C   . HIS A 1 137 ? -1.812  -7.494  -0.443  1.00 35.77 ? 137 HIS A C   1 
ATOM   1021 O  O   . HIS A 1 137 ? -2.622  -7.560  0.513   1.00 35.10 ? 137 HIS A O   1 
ATOM   1022 C  CB  . HIS A 1 137 ? -0.481  -8.728  -2.333  1.00 35.06 ? 137 HIS A CB  1 
ATOM   1023 C  CG  . HIS A 1 137 ? -0.439  -10.025 -3.101  1.00 38.76 ? 137 HIS A CG  1 
ATOM   1024 N  ND1 . HIS A 1 137 ? -0.831  -10.137 -4.428  1.00 39.53 ? 137 HIS A ND1 1 
ATOM   1025 C  CD2 . HIS A 1 137 ? -0.207  -11.286 -2.673  1.00 41.18 ? 137 HIS A CD2 1 
ATOM   1026 C  CE1 . HIS A 1 137 ? -0.793  -11.402 -4.789  1.00 42.61 ? 137 HIS A CE1 1 
ATOM   1027 N  NE2 . HIS A 1 137 ? -0.417  -12.123 -3.744  1.00 44.62 ? 137 HIS A NE2 1 
ATOM   1028 N  N   . CYS A 1 138 ? -0.995  -6.464  -0.623  1.00 33.99 ? 138 CYS A N   1 
ATOM   1029 C  CA  . CYS A 1 138 ? -0.761  -5.577  0.480   1.00 34.08 ? 138 CYS A CA  1 
ATOM   1030 C  C   . CYS A 1 138 ? -1.962  -4.653  0.805   1.00 32.28 ? 138 CYS A C   1 
ATOM   1031 O  O   . CYS A 1 138 ? -2.135  -4.232  1.955   1.00 29.84 ? 138 CYS A O   1 
ATOM   1032 C  CB  . CYS A 1 138 ? 0.565   -4.808  0.321   1.00 33.65 ? 138 CYS A CB  1 
ATOM   1033 S  SG  . CYS A 1 138 ? 1.028   -3.891  1.849   1.00 38.97 ? 138 CYS A SG  1 
ATOM   1034 N  N   . VAL A 1 139 ? -2.771  -4.334  -0.215  1.00 31.69 ? 139 VAL A N   1 
ATOM   1035 C  CA  . VAL A 1 139 ? -3.975  -3.575  0.006   1.00 31.49 ? 139 VAL A CA  1 
ATOM   1036 C  C   . VAL A 1 139 ? -4.960  -4.377  0.916   1.00 32.74 ? 139 VAL A C   1 
ATOM   1037 O  O   . VAL A 1 139 ? -5.472  -3.855  1.922   1.00 30.14 ? 139 VAL A O   1 
ATOM   1038 C  CB  . VAL A 1 139 ? -4.662  -3.266  -1.344  1.00 33.31 ? 139 VAL A CB  1 
ATOM   1039 C  CG1 . VAL A 1 139 ? -6.073  -2.736  -1.082  1.00 30.91 ? 139 VAL A CG1 1 
ATOM   1040 C  CG2 . VAL A 1 139 ? -3.800  -2.242  -2.111  1.00 30.03 ? 139 VAL A CG2 1 
ATOM   1041 N  N   . ARG A 1 140 ? -5.183  -5.645  0.544   1.00 31.92 ? 140 ARG A N   1 
ATOM   1042 C  CA  . ARG A 1 140 ? -6.067  -6.501  1.300   1.00 34.86 ? 140 ARG A CA  1 
ATOM   1043 C  C   . ARG A 1 140 ? -5.542  -6.544  2.762   1.00 33.91 ? 140 ARG A C   1 
ATOM   1044 O  O   . ARG A 1 140 ? -6.315  -6.356  3.705   1.00 33.35 ? 140 ARG A O   1 
ATOM   1045 C  CB  . ARG A 1 140 ? -6.068  -7.930  0.656   1.00 36.28 ? 140 ARG A CB  1 
ATOM   1046 C  CG  . ARG A 1 140 ? -7.027  -8.957  1.313   1.00 37.59 ? 140 ARG A CG  1 
ATOM   1047 C  CD  . ARG A 1 140 ? -6.529  -10.403 1.105   1.00 40.84 ? 140 ARG A CD  1 
ATOM   1048 N  NE  . ARG A 1 140 ? -5.387  -10.716 1.989   1.00 53.42 ? 140 ARG A NE  1 
ATOM   1049 C  CZ  . ARG A 1 140 ? -4.112  -11.013 1.642   1.00 57.25 ? 140 ARG A CZ  1 
ATOM   1050 N  NH1 . ARG A 1 140 ? -3.676  -11.083 0.379   1.00 54.37 ? 140 ARG A NH1 1 
ATOM   1051 N  NH2 . ARG A 1 140 ? -3.231  -11.265 2.603   1.00 58.23 ? 140 ARG A NH2 1 
ATOM   1052 N  N   . GLN A 1 141 ? -4.256  -6.877  2.926   1.00 32.35 ? 141 GLN A N   1 
ATOM   1053 C  CA  . GLN A 1 141 ? -3.654  -7.092  4.256   1.00 33.81 ? 141 GLN A CA  1 
ATOM   1054 C  C   . GLN A 1 141 ? -3.714  -5.790  5.129   1.00 31.52 ? 141 GLN A C   1 
ATOM   1055 O  O   . GLN A 1 141 ? -4.080  -5.840  6.292   1.00 30.89 ? 141 GLN A O   1 
ATOM   1056 C  CB  . GLN A 1 141 ? -2.260  -7.779  4.163   1.00 34.02 ? 141 GLN A CB  1 
ATOM   1057 C  CG  . GLN A 1 141 ? -1.754  -8.374  5.472   1.00 41.30 ? 141 GLN A CG  1 
ATOM   1058 C  CD  . GLN A 1 141 ? -2.745  -9.448  6.112   1.00 52.14 ? 141 GLN A CD  1 
ATOM   1059 O  OE1 . GLN A 1 141 ? -3.340  -9.218  7.193   1.00 56.26 ? 141 GLN A OE1 1 
ATOM   1060 N  NE2 . GLN A 1 141 ? -2.921  -10.587 5.429   1.00 49.43 ? 141 GLN A NE2 1 
ATOM   1061 N  N   . THR A 1 142 ? -3.545  -4.626  4.493   1.00 30.52 ? 142 THR A N   1 
ATOM   1062 C  CA  . THR A 1 142 ? -3.540  -3.342  5.178   1.00 29.65 ? 142 THR A CA  1 
ATOM   1063 C  C   . THR A 1 142 ? -4.936  -2.972  5.597   1.00 30.35 ? 142 THR A C   1 
ATOM   1064 O  O   . THR A 1 142 ? -5.147  -2.562  6.740   1.00 31.40 ? 142 THR A O   1 
ATOM   1065 C  CB  . THR A 1 142 ? -2.928  -2.212  4.277   1.00 29.37 ? 142 THR A CB  1 
ATOM   1066 O  OG1 . THR A 1 142 ? -1.582  -2.537  3.936   1.00 27.96 ? 142 THR A OG1 1 
ATOM   1067 C  CG2 . THR A 1 142 ? -2.879  -0.936  4.995   1.00 27.40 ? 142 THR A CG2 1 
ATOM   1068 N  N   . ALA A 1 143 ? -5.902  -3.167  4.699   1.00 30.27 ? 143 ALA A N   1 
ATOM   1069 C  CA  . ALA A 1 143 ? -7.361  -3.016  5.035   1.00 30.66 ? 143 ALA A CA  1 
ATOM   1070 C  C   . ALA A 1 143 ? -7.849  -3.912  6.196   1.00 31.79 ? 143 ALA A C   1 
ATOM   1071 O  O   . ALA A 1 143 ? -8.523  -3.431  7.183   1.00 30.34 ? 143 ALA A O   1 
ATOM   1072 C  CB  . ALA A 1 143 ? -8.243  -3.204  3.794   1.00 29.11 ? 143 ALA A CB  1 
ATOM   1073 N  N   . GLU A 1 144 ? -7.550  -5.204  6.131   1.00 31.34 ? 144 GLU A N   1 
ATOM   1074 C  CA  . GLU A 1 144 ? -7.972  -6.026  7.281   1.00 34.24 ? 144 GLU A CA  1 
ATOM   1075 C  C   . GLU A 1 144 ? -7.203  -5.756  8.595   1.00 34.34 ? 144 GLU A C   1 
ATOM   1076 O  O   . GLU A 1 144 ? -7.728  -5.943  9.693   1.00 35.49 ? 144 GLU A O   1 
ATOM   1077 C  CB  . GLU A 1 144 ? -7.904  -7.498  6.950   1.00 34.67 ? 144 GLU A CB  1 
ATOM   1078 C  CG  . GLU A 1 144 ? -8.685  -7.852  5.665   1.00 43.16 ? 144 GLU A CG  1 
ATOM   1079 C  CD  . GLU A 1 144 ? -8.496  -9.311  5.291   1.00 51.15 ? 144 GLU A CD  1 
ATOM   1080 O  OE1 . GLU A 1 144 ? -8.009  -10.085 6.147   1.00 55.23 ? 144 GLU A OE1 1 
ATOM   1081 O  OE2 . GLU A 1 144 ? -8.872  -9.689  4.172   1.00 57.88 ? 144 GLU A OE2 1 
ATOM   1082 N  N   . ASP A 1 145 ? -5.961  -5.316  8.511   1.00 33.67 ? 145 ASP A N   1 
ATOM   1083 C  CA  . ASP A 1 145 ? -5.316  -4.873  9.741   1.00 34.54 ? 145 ASP A CA  1 
ATOM   1084 C  C   . ASP A 1 145 ? -5.928  -3.581  10.311  1.00 33.98 ? 145 ASP A C   1 
ATOM   1085 O  O   . ASP A 1 145 ? -5.941  -3.398  11.518  1.00 33.03 ? 145 ASP A O   1 
ATOM   1086 C  CB  . ASP A 1 145 ? -3.805  -4.650  9.497   1.00 34.71 ? 145 ASP A CB  1 
ATOM   1087 C  CG  . ASP A 1 145 ? -3.013  -5.974  9.516   1.00 40.27 ? 145 ASP A CG  1 
ATOM   1088 O  OD1 . ASP A 1 145 ? -1.772  -5.933  9.287   1.00 57.22 ? 145 ASP A OD1 1 
ATOM   1089 O  OD2 . ASP A 1 145 ? -3.575  -7.053  9.827   1.00 44.38 ? 145 ASP A OD2 1 
ATOM   1090 N  N   . ALA A 1 146 ? -6.346  -2.665  9.444   1.00 32.79 ? 146 ALA A N   1 
ATOM   1091 C  CA  . ALA A 1 146 ? -7.026  -1.465  9.893   1.00 33.72 ? 146 ALA A CA  1 
ATOM   1092 C  C   . ALA A 1 146 ? -8.229  -1.840  10.750  1.00 35.40 ? 146 ALA A C   1 
ATOM   1093 O  O   . ALA A 1 146 ? -8.391  -1.341  11.863  1.00 36.36 ? 146 ALA A O   1 
ATOM   1094 C  CB  . ALA A 1 146 ? -7.423  -0.566  8.688   1.00 32.88 ? 146 ALA A CB  1 
ATOM   1095 N  N   . VAL A 1 147 ? -9.021  -2.821  10.285  1.00 36.81 ? 147 VAL A N   1 
ATOM   1096 C  CA  . VAL A 1 147 ? -10.200 -3.270  11.006  1.00 36.94 ? 147 VAL A CA  1 
ATOM   1097 C  C   . VAL A 1 147 ? -9.868  -4.034  12.298  1.00 38.02 ? 147 VAL A C   1 
ATOM   1098 O  O   . VAL A 1 147 ? -10.470 -3.822  13.286  1.00 39.22 ? 147 VAL A O   1 
ATOM   1099 C  CB  . VAL A 1 147 ? -11.093 -4.155  10.130  1.00 37.98 ? 147 VAL A CB  1 
ATOM   1100 C  CG1 . VAL A 1 147 ? -12.224 -4.692  11.041  1.00 37.91 ? 147 VAL A CG1 1 
ATOM   1101 C  CG2 . VAL A 1 147 ? -11.647 -3.344  8.912   1.00 34.18 ? 147 VAL A CG2 1 
ATOM   1102 N  N   . ARG A 1 148 ? -8.891  -4.926  12.282  1.00 38.78 ? 148 ARG A N   1 
ATOM   1103 C  CA  . ARG A 1 148 ? -8.442  -5.616  13.475  1.00 41.26 ? 148 ARG A CA  1 
ATOM   1104 C  C   . ARG A 1 148 ? -8.054  -4.611  14.577  1.00 40.95 ? 148 ARG A C   1 
ATOM   1105 O  O   . ARG A 1 148 ? -8.378  -4.854  15.747  1.00 40.73 ? 148 ARG A O   1 
ATOM   1106 C  CB  . ARG A 1 148 ? -7.228  -6.499  13.153  1.00 41.66 ? 148 ARG A CB  1 
ATOM   1107 C  CG  . ARG A 1 148 ? -7.603  -7.907  12.945  1.00 52.03 ? 148 ARG A CG  1 
ATOM   1108 C  CD  . ARG A 1 148 ? -6.348  -8.715  12.520  1.00 63.15 ? 148 ARG A CD  1 
ATOM   1109 N  NE  . ARG A 1 148 ? -6.755  -9.783  11.586  1.00 69.56 ? 148 ARG A NE  1 
ATOM   1110 C  CZ  . ARG A 1 148 ? -6.498  -9.785  10.270  1.00 70.24 ? 148 ARG A CZ  1 
ATOM   1111 N  NH1 . ARG A 1 148 ? -5.821  -8.783  9.718   1.00 66.68 ? 148 ARG A NH1 1 
ATOM   1112 N  NH2 . ARG A 1 148 ? -6.930  -10.788 9.496   1.00 70.99 ? 148 ARG A NH2 1 
ATOM   1113 N  N   . ASN A 1 149 ? -7.391  -3.514  14.177  1.00 39.03 ? 149 ASN A N   1 
ATOM   1114 C  CA  . ASN A 1 149 ? -6.912  -2.484  15.094  1.00 40.43 ? 149 ASN A CA  1 
ATOM   1115 C  C   . ASN A 1 149 ? -7.969  -1.449  15.447  1.00 43.65 ? 149 ASN A C   1 
ATOM   1116 O  O   . ASN A 1 149 ? -7.635  -0.359  15.962  1.00 43.75 ? 149 ASN A O   1 
ATOM   1117 C  CB  . ASN A 1 149 ? -5.738  -1.716  14.489  1.00 39.33 ? 149 ASN A CB  1 
ATOM   1118 C  CG  . ASN A 1 149 ? -4.489  -2.550  14.396  1.00 38.87 ? 149 ASN A CG  1 
ATOM   1119 O  OD1 . ASN A 1 149 ? -4.161  -3.226  15.338  1.00 40.63 ? 149 ASN A OD1 1 
ATOM   1120 N  ND2 . ASN A 1 149 ? -3.781  -2.499  13.257  1.00 37.01 ? 149 ASN A ND2 1 
ATOM   1121 N  N   . GLY A 1 150 ? -9.234  -1.740  15.133  1.00 44.94 ? 150 GLY A N   1 
ATOM   1122 C  CA  . GLY A 1 150 ? -10.320 -0.856  15.592  1.00 47.09 ? 150 GLY A CA  1 
ATOM   1123 C  C   . GLY A 1 150 ? -10.672 0.364   14.734  1.00 47.09 ? 150 GLY A C   1 
ATOM   1124 O  O   . GLY A 1 150 ? -11.428 1.197   15.173  1.00 47.75 ? 150 GLY A O   1 
ATOM   1125 N  N   . LEU A 1 151 ? -10.135 0.481   13.523  1.00 45.67 ? 151 LEU A N   1 
ATOM   1126 C  CA  . LEU A 1 151 ? -10.520 1.589   12.630  1.00 45.58 ? 151 LEU A CA  1 
ATOM   1127 C  C   . LEU A 1 151 ? -11.656 1.198   11.663  1.00 46.89 ? 151 LEU A C   1 
ATOM   1128 O  O   . LEU A 1 151 ? -11.741 0.037   11.150  1.00 46.59 ? 151 LEU A O   1 
ATOM   1129 C  CB  . LEU A 1 151 ? -9.309  2.112   11.812  1.00 44.05 ? 151 LEU A CB  1 
ATOM   1130 C  CG  . LEU A 1 151 ? -7.977  2.429   12.527  1.00 44.14 ? 151 LEU A CG  1 
ATOM   1131 C  CD1 . LEU A 1 151 ? -6.804  2.527   11.560  1.00 40.64 ? 151 LEU A CD1 1 
ATOM   1132 C  CD2 . LEU A 1 151 ? -8.102  3.694   13.372  1.00 41.81 ? 151 LEU A CD2 1 
ATOM   1133 N  N   . ALA A 1 152 ? -12.507 2.190   11.394  1.00 48.31 ? 152 ALA A N   1 
ATOM   1134 C  CA  . ALA A 1 152 ? -13.530 2.132   10.374  1.00 48.89 ? 152 ALA A CA  1 
ATOM   1135 C  C   . ALA A 1 152 ? -12.814 2.251   9.016   1.00 47.50 ? 152 ALA A C   1 
ATOM   1136 O  O   . ALA A 1 152 ? -12.002 3.165   8.800   1.00 48.22 ? 152 ALA A O   1 
ATOM   1137 C  CB  . ALA A 1 152 ? -14.556 3.288   10.611  1.00 50.46 ? 152 ALA A CB  1 
ATOM   1138 N  N   . THR A 1 153 ? -13.062 1.293   8.124   1.00 46.87 ? 153 THR A N   1 
ATOM   1139 C  CA  . THR A 1 153 ? -12.201 1.069   6.939   1.00 44.48 ? 153 THR A CA  1 
ATOM   1140 C  C   . THR A 1 153 ? -12.946 0.908   5.646   1.00 43.78 ? 153 THR A C   1 
ATOM   1141 O  O   . THR A 1 153 ? -13.784 -0.001  5.508   1.00 42.55 ? 153 THR A O   1 
ATOM   1142 C  CB  . THR A 1 153 ? -11.298 -0.243  7.111   1.00 43.70 ? 153 THR A CB  1 
ATOM   1143 O  OG1 . THR A 1 153 ? -10.534 -0.148  8.324   1.00 47.66 ? 153 THR A OG1 1 
ATOM   1144 C  CG2 . THR A 1 153 ? -10.297 -0.445  5.918   1.00 41.63 ? 153 THR A CG2 1 
ATOM   1145 N  N   . ARG A 1 154 ? -12.561 1.735   4.668   1.00 43.32 ? 154 ARG A N   1 
ATOM   1146 C  CA  . ARG A 1 154 ? -12.935 1.528   3.248   1.00 42.27 ? 154 ARG A CA  1 
ATOM   1147 C  C   . ARG A 1 154 ? -11.727 1.271   2.345   1.00 40.10 ? 154 ARG A C   1 
ATOM   1148 O  O   . ARG A 1 154 ? -10.676 1.865   2.529   1.00 38.31 ? 154 ARG A O   1 
ATOM   1149 C  CB  . ARG A 1 154 ? -13.732 2.715   2.650   1.00 41.13 ? 154 ARG A CB  1 
ATOM   1150 C  CG  . ARG A 1 154 ? -14.788 3.280   3.592   1.00 47.77 ? 154 ARG A CG  1 
ATOM   1151 C  CD  . ARG A 1 154 ? -15.774 4.225   2.901   1.00 49.00 ? 154 ARG A CD  1 
ATOM   1152 N  NE  . ARG A 1 154 ? -15.095 5.463   2.565   1.00 53.25 ? 154 ARG A NE  1 
ATOM   1153 C  CZ  . ARG A 1 154 ? -15.557 6.417   1.770   1.00 54.93 ? 154 ARG A CZ  1 
ATOM   1154 N  NH1 . ARG A 1 154 ? -16.762 6.346   1.226   1.00 54.69 ? 154 ARG A NH1 1 
ATOM   1155 N  NH2 . ARG A 1 154 ? -14.782 7.466   1.536   1.00 57.19 ? 154 ARG A NH2 1 
ATOM   1156 N  N   . VAL A 1 155 ? -11.944 0.407   1.346   1.00 39.51 ? 155 VAL A N   1 
ATOM   1157 C  CA  . VAL A 1 155 ? -11.155 0.390   0.109   1.00 36.65 ? 155 VAL A CA  1 
ATOM   1158 C  C   . VAL A 1 155 ? -11.909 1.037   -1.074  1.00 37.45 ? 155 VAL A C   1 
ATOM   1159 O  O   . VAL A 1 155 ? -13.091 0.672   -1.367  1.00 38.98 ? 155 VAL A O   1 
ATOM   1160 C  CB  . VAL A 1 155 ? -10.704 -1.067  -0.228  1.00 35.32 ? 155 VAL A CB  1 
ATOM   1161 C  CG1 . VAL A 1 155 ? -9.937  -1.078  -1.549  1.00 33.26 ? 155 VAL A CG1 1 
ATOM   1162 C  CG2 . VAL A 1 155 ? -9.822  -1.588  0.882   1.00 34.04 ? 155 VAL A CG2 1 
ATOM   1163 N  N   . LEU A 1 156 ? -11.223 1.966   -1.749  1.00 35.36 ? 156 LEU A N   1 
ATOM   1164 C  CA  . LEU A 1 156 ? -11.706 2.613   -2.962  1.00 36.92 ? 156 LEU A CA  1 
ATOM   1165 C  C   . LEU A 1 156 ? -11.224 1.796   -4.185  1.00 36.03 ? 156 LEU A C   1 
ATOM   1166 O  O   . LEU A 1 156 ? -10.111 1.998   -4.708  1.00 33.37 ? 156 LEU A O   1 
ATOM   1167 C  CB  . LEU A 1 156 ? -11.301 4.096   -3.029  1.00 35.36 ? 156 LEU A CB  1 
ATOM   1168 C  CG  . LEU A 1 156 ? -11.508 4.898   -1.726  1.00 38.95 ? 156 LEU A CG  1 
ATOM   1169 C  CD1 . LEU A 1 156 ? -11.105 6.345   -2.009  1.00 35.63 ? 156 LEU A CD1 1 
ATOM   1170 C  CD2 . LEU A 1 156 ? -13.002 4.854   -1.105  1.00 37.62 ? 156 LEU A CD2 1 
ATOM   1171 N  N   . VAL A 1 157 ? -12.064 0.812   -4.527  1.00 36.39 ? 157 VAL A N   1 
ATOM   1172 C  CA  . VAL A 1 157 ? -11.713 -0.313  -5.427  1.00 36.30 ? 157 VAL A CA  1 
ATOM   1173 C  C   . VAL A 1 157 ? -11.274 0.151   -6.783  1.00 37.49 ? 157 VAL A C   1 
ATOM   1174 O  O   . VAL A 1 157 ? -10.360 -0.461  -7.378  1.00 38.16 ? 157 VAL A O   1 
ATOM   1175 C  CB  . VAL A 1 157 ? -12.832 -1.356  -5.592  1.00 36.23 ? 157 VAL A CB  1 
ATOM   1176 C  CG1 . VAL A 1 157 ? -12.995 -2.151  -4.336  1.00 38.89 ? 157 VAL A CG1 1 
ATOM   1177 C  CG2 . VAL A 1 157 ? -14.148 -0.714  -6.001  1.00 38.90 ? 157 VAL A CG2 1 
ATOM   1178 N  N   . ASP A 1 158 ? -11.828 1.263   -7.253  1.00 37.69 ? 158 ASP A N   1 
ATOM   1179 C  CA  . ASP A 1 158 ? -11.404 1.822   -8.523  1.00 39.82 ? 158 ASP A CA  1 
ATOM   1180 C  C   . ASP A 1 158 ? -9.981  2.384   -8.479  1.00 39.66 ? 158 ASP A C   1 
ATOM   1181 O  O   . ASP A 1 158 ? -9.394  2.588   -9.544  1.00 39.24 ? 158 ASP A O   1 
ATOM   1182 C  CB  . ASP A 1 158 ? -12.381 2.888   -9.020  1.00 43.67 ? 158 ASP A CB  1 
ATOM   1183 C  CG  . ASP A 1 158 ? -12.423 4.147   -8.095  1.00 50.06 ? 158 ASP A CG  1 
ATOM   1184 O  OD1 . ASP A 1 158 ? -12.564 3.965   -6.847  1.00 45.75 ? 158 ASP A OD1 1 
ATOM   1185 O  OD2 . ASP A 1 158 ? -12.320 5.306   -8.642  1.00 54.89 ? 158 ASP A OD2 1 
ATOM   1186 N  N   . LEU A 1 159 ? -9.396  2.563   -7.273  1.00 37.17 ? 159 LEU A N   1 
ATOM   1187 C  CA  . LEU A 1 159 ? -8.094  3.171   -7.130  1.00 36.09 ? 159 LEU A CA  1 
ATOM   1188 C  C   . LEU A 1 159 ? -7.102  2.162   -6.561  1.00 34.99 ? 159 LEU A C   1 
ATOM   1189 O  O   . LEU A 1 159 ? -6.223  2.516   -5.787  1.00 35.09 ? 159 LEU A O   1 
ATOM   1190 C  CB  . LEU A 1 159 ? -8.189  4.415   -6.222  1.00 36.04 ? 159 LEU A CB  1 
ATOM   1191 C  CG  . LEU A 1 159 ? -8.819  5.702   -6.845  1.00 40.99 ? 159 LEU A CG  1 
ATOM   1192 C  CD1 . LEU A 1 159 ? -8.979  6.869   -5.821  1.00 40.79 ? 159 LEU A CD1 1 
ATOM   1193 C  CD2 . LEU A 1 159 ? -8.117  6.198   -8.163  1.00 40.84 ? 159 LEU A CD2 1 
ATOM   1194 N  N   . THR A 1 160 ? -7.286  0.898   -6.919  1.00 35.91 ? 160 THR A N   1 
ATOM   1195 C  CA  . THR A 1 160 ? -6.373  -0.232  -6.640  1.00 36.17 ? 160 THR A CA  1 
ATOM   1196 C  C   . THR A 1 160 ? -6.066  -0.911  -7.966  1.00 36.91 ? 160 THR A C   1 
ATOM   1197 O  O   . THR A 1 160 ? -6.751  -0.684  -8.954  1.00 35.17 ? 160 THR A O   1 
ATOM   1198 C  CB  . THR A 1 160 ? -6.959  -1.271  -5.585  1.00 37.08 ? 160 THR A CB  1 
ATOM   1199 O  OG1 . THR A 1 160 ? -8.126  -1.907  -6.128  1.00 40.49 ? 160 THR A OG1 1 
ATOM   1200 C  CG2 . THR A 1 160 ? -7.381  -0.558  -4.303  1.00 32.40 ? 160 THR A CG2 1 
ATOM   1201 N  N   . ALA A 1 161 ? -4.989  -1.684  -7.989  1.00 36.55 ? 161 ALA A N   1 
ATOM   1202 C  CA  . ALA A 1 161 ? -4.603  -2.484  -9.153  1.00 37.38 ? 161 ALA A CA  1 
ATOM   1203 C  C   . ALA A 1 161 ? -4.247  -3.868  -8.622  1.00 36.93 ? 161 ALA A C   1 
ATOM   1204 O  O   . ALA A 1 161 ? -3.401  -3.993  -7.744  1.00 36.76 ? 161 ALA A O   1 
ATOM   1205 C  CB  . ALA A 1 161 ? -3.380  -1.844  -9.927  1.00 36.79 ? 161 ALA A CB  1 
ATOM   1206 N  N   . GLY A 1 162 ? -4.936  -4.904  -9.090  1.00 38.29 ? 162 GLY A N   1 
ATOM   1207 C  CA  . GLY A 1 162 ? -4.679  -6.274  -8.625  1.00 37.34 ? 162 GLY A CA  1 
ATOM   1208 C  C   . GLY A 1 162 ? -3.983  -7.072  -9.718  1.00 38.55 ? 162 GLY A C   1 
ATOM   1209 O  O   . GLY A 1 162 ? -4.073  -6.728  -10.873 1.00 39.00 ? 162 GLY A O   1 
ATOM   1210 N  N   . VAL A 1 163 ? -3.354  -8.173  -9.307  1.00 39.33 ? 163 VAL A N   1 
ATOM   1211 C  CA  . VAL A 1 163 ? -2.437  -8.957  -10.088 1.00 41.56 ? 163 VAL A CA  1 
ATOM   1212 C  C   . VAL A 1 163 ? -3.198  -9.828  -11.080 1.00 43.84 ? 163 VAL A C   1 
ATOM   1213 O  O   . VAL A 1 163 ? -2.916  -9.839  -12.246 1.00 44.33 ? 163 VAL A O   1 
ATOM   1214 C  CB  . VAL A 1 163 ? -1.575  -9.805  -9.167  1.00 41.31 ? 163 VAL A CB  1 
ATOM   1215 C  CG1 . VAL A 1 163 ? -0.846  -10.886 -9.969  1.00 43.46 ? 163 VAL A CG1 1 
ATOM   1216 C  CG2 . VAL A 1 163 ? -0.538  -8.922  -8.503  1.00 39.75 ? 163 VAL A CG2 1 
ATOM   1217 N  N   . SER A 1 164 ? -4.263  -10.456 -10.620 1.00 45.21 ? 164 SER A N   1 
ATOM   1218 C  CA  . SER A 1 164 ? -4.996  -11.311 -11.463 1.00 47.16 ? 164 SER A CA  1 
ATOM   1219 C  C   . SER A 1 164 ? -6.475  -11.142 -11.112 1.00 47.36 ? 164 SER A C   1 
ATOM   1220 O  O   . SER A 1 164 ? -6.804  -10.767 -9.986  1.00 47.37 ? 164 SER A O   1 
ATOM   1221 C  CB  . SER A 1 164 ? -4.533  -12.717 -11.158 1.00 48.04 ? 164 SER A CB  1 
ATOM   1222 O  OG  . SER A 1 164 ? -5.540  -13.608 -11.565 1.00 52.92 ? 164 SER A OG  1 
ATOM   1223 N  N   . ALA A 1 165 ? -7.351  -11.394 -12.068 1.00 46.57 ? 165 ALA A N   1 
ATOM   1224 C  CA  . ALA A 1 165 ? -8.785  -11.353 -11.839 1.00 45.66 ? 165 ALA A CA  1 
ATOM   1225 C  C   . ALA A 1 165 ? -9.313  -12.351 -10.803 1.00 45.85 ? 165 ALA A C   1 
ATOM   1226 O  O   . ALA A 1 165 ? -10.169 -11.970 -9.963  1.00 46.85 ? 165 ALA A O   1 
ATOM   1227 C  CB  . ALA A 1 165 ? -9.484  -11.565 -13.089 1.00 46.51 ? 165 ALA A CB  1 
ATOM   1228 N  N   . ASP A 1 166 ? -8.839  -13.593 -10.845 1.00 44.79 ? 166 ASP A N   1 
ATOM   1229 C  CA  . ASP A 1 166 ? -9.306  -14.637 -9.915  1.00 46.39 ? 166 ASP A CA  1 
ATOM   1230 C  C   . ASP A 1 166 ? -8.912  -14.416 -8.451  1.00 43.18 ? 166 ASP A C   1 
ATOM   1231 O  O   . ASP A 1 166 ? -9.749  -14.484 -7.573  1.00 42.56 ? 166 ASP A O   1 
ATOM   1232 C  CB  . ASP A 1 166 ? -8.902  -16.046 -10.373 1.00 49.22 ? 166 ASP A CB  1 
ATOM   1233 C  CG  . ASP A 1 166 ? -7.376  -16.284 -10.330 1.00 56.70 ? 166 ASP A CG  1 
ATOM   1234 O  OD1 . ASP A 1 166 ? -6.593  -15.314 -10.111 1.00 64.53 ? 166 ASP A OD1 1 
ATOM   1235 O  OD2 . ASP A 1 166 ? -6.938  -17.459 -10.510 1.00 66.21 ? 166 ASP A OD2 1 
ATOM   1236 N  N   . THR A 1 167 ? -7.641  -14.162 -8.212  1.00 40.91 ? 167 THR A N   1 
ATOM   1237 C  CA  . THR A 1 167 ? -7.182  -13.725 -6.914  1.00 40.65 ? 167 THR A CA  1 
ATOM   1238 C  C   . THR A 1 167 ? -7.752  -12.352 -6.429  1.00 38.44 ? 167 THR A C   1 
ATOM   1239 O  O   . THR A 1 167 ? -7.917  -12.167 -5.231  1.00 40.02 ? 167 THR A O   1 
ATOM   1240 C  CB  . THR A 1 167 ? -5.629  -13.724 -6.850  1.00 39.49 ? 167 THR A CB  1 
ATOM   1241 O  OG1 . THR A 1 167 ? -5.106  -12.807 -7.812  1.00 40.06 ? 167 THR A OG1 1 
ATOM   1242 C  CG2 . THR A 1 167 ? -5.095  -15.123 -7.200  1.00 42.35 ? 167 THR A CG2 1 
ATOM   1243 N  N   . THR A 1 168 ? -8.035  -11.409 -7.314  1.00 35.92 ? 168 THR A N   1 
ATOM   1244 C  CA  . THR A 1 168 ? -8.674  -10.163 -6.880  1.00 35.70 ? 168 THR A CA  1 
ATOM   1245 C  C   . THR A 1 168 ? -10.113 -10.356 -6.361  1.00 37.30 ? 168 THR A C   1 
ATOM   1246 O  O   . THR A 1 168 ? -10.481 -9.794  -5.296  1.00 38.22 ? 168 THR A O   1 
ATOM   1247 C  CB  . THR A 1 168 ? -8.545  -9.147  -7.964  1.00 33.85 ? 168 THR A CB  1 
ATOM   1248 O  OG1 . THR A 1 168 ? -7.147  -8.962  -8.208  1.00 34.23 ? 168 THR A OG1 1 
ATOM   1249 C  CG2 . THR A 1 168 ? -9.178  -7.805  -7.617  1.00 35.59 ? 168 THR A CG2 1 
ATOM   1250 N  N   . VAL A 1 169 ? -10.876 -11.204 -7.038  1.00 39.03 ? 169 VAL A N   1 
ATOM   1251 C  CA  . VAL A 1 169 ? -12.209 -11.631 -6.580  1.00 41.74 ? 169 VAL A CA  1 
ATOM   1252 C  C   . VAL A 1 169 ? -12.120 -12.249 -5.210  1.00 41.64 ? 169 VAL A C   1 
ATOM   1253 O  O   . VAL A 1 169 ? -12.862 -11.833 -4.352  1.00 43.42 ? 169 VAL A O   1 
ATOM   1254 C  CB  . VAL A 1 169 ? -12.910 -12.761 -7.507  1.00 42.48 ? 169 VAL A CB  1 
ATOM   1255 C  CG1 . VAL A 1 169 ? -14.370 -12.879 -7.131  1.00 47.06 ? 169 VAL A CG1 1 
ATOM   1256 C  CG2 . VAL A 1 169 ? -12.893 -12.395 -8.876  1.00 43.72 ? 169 VAL A CG2 1 
ATOM   1257 N  N   . ALA A 1 170 ? -11.285 -13.298 -5.034  1.00 42.13 ? 170 ALA A N   1 
ATOM   1258 C  CA  . ALA A 1 170 ? -11.089 -13.950 -3.696  1.00 41.83 ? 170 ALA A CA  1 
ATOM   1259 C  C   . ALA A 1 170 ? -10.726 -12.922 -2.653  1.00 40.42 ? 170 ALA A C   1 
ATOM   1260 O  O   . ALA A 1 170 ? -11.233 -12.959 -1.541  1.00 41.17 ? 170 ALA A O   1 
ATOM   1261 C  CB  . ALA A 1 170 ? -10.053 -15.067 -3.711  1.00 42.43 ? 170 ALA A CB  1 
ATOM   1262 N  N   . ALA A 1 171 ? -9.900  -11.964 -3.022  1.00 38.36 ? 171 ALA A N   1 
ATOM   1263 C  CA  . ALA A 1 171 ? -9.467  -10.972 -2.035  1.00 37.53 ? 171 ALA A CA  1 
ATOM   1264 C  C   . ALA A 1 171 ? -10.644 -10.021 -1.650  1.00 37.57 ? 171 ALA A C   1 
ATOM   1265 O  O   . ALA A 1 171 ? -10.891 -9.751  -0.474  1.00 37.65 ? 171 ALA A O   1 
ATOM   1266 C  CB  . ALA A 1 171 ? -8.216  -10.203 -2.508  1.00 34.73 ? 171 ALA A CB  1 
ATOM   1267 N  N   . LEU A 1 172 ? -11.359 -9.506  -2.634  1.00 38.50 ? 172 LEU A N   1 
ATOM   1268 C  CA  . LEU A 1 172 ? -12.527 -8.637  -2.360  1.00 39.65 ? 172 LEU A CA  1 
ATOM   1269 C  C   . LEU A 1 172 ? -13.530 -9.402  -1.492  1.00 41.82 ? 172 LEU A C   1 
ATOM   1270 O  O   . LEU A 1 172 ? -13.976 -8.856  -0.447  1.00 40.35 ? 172 LEU A O   1 
ATOM   1271 C  CB  . LEU A 1 172 ? -13.197 -8.119  -3.643  1.00 38.76 ? 172 LEU A CB  1 
ATOM   1272 C  CG  . LEU A 1 172 ? -12.330 -7.231  -4.490  1.00 36.31 ? 172 LEU A CG  1 
ATOM   1273 C  CD1 . LEU A 1 172 ? -12.761 -7.045  -6.043  1.00 39.12 ? 172 LEU A CD1 1 
ATOM   1274 C  CD2 . LEU A 1 172 ? -12.070 -5.939  -3.832  1.00 34.33 ? 172 LEU A CD2 1 
ATOM   1275 N  N   . GLU A 1 173 ? -13.850 -10.656 -1.842  1.00 43.73 ? 173 GLU A N   1 
ATOM   1276 C  CA  . GLU A 1 173 ? -14.724 -11.387 -0.870  1.00 49.14 ? 173 GLU A CA  1 
ATOM   1277 C  C   . GLU A 1 173 ? -14.156 -11.509 0.604   1.00 47.60 ? 173 GLU A C   1 
ATOM   1278 O  O   . GLU A 1 173 ? -14.918 -11.414 1.541   1.00 48.07 ? 173 GLU A O   1 
ATOM   1279 C  CB  . GLU A 1 173 ? -15.153 -12.794 -1.297  1.00 50.05 ? 173 GLU A CB  1 
ATOM   1280 C  CG  . GLU A 1 173 ? -15.124 -13.152 -2.758  1.00 56.70 ? 173 GLU A CG  1 
ATOM   1281 C  CD  . GLU A 1 173 ? -15.771 -14.534 -2.945  1.00 60.73 ? 173 GLU A CD  1 
ATOM   1282 O  OE1 . GLU A 1 173 ? -15.988 -15.191 -1.882  1.00 73.24 ? 173 GLU A OE1 1 
ATOM   1283 O  OE2 . GLU A 1 173 ? -16.102 -14.951 -4.098  1.00 68.56 ? 173 GLU A OE2 1 
ATOM   1284 N  N   . GLU A 1 174 ? -12.858 -11.770 0.792   1.00 45.95 ? 174 GLU A N   1 
ATOM   1285 C  CA  . GLU A 1 174 ? -12.343 -11.966 2.139   1.00 47.56 ? 174 GLU A CA  1 
ATOM   1286 C  C   . GLU A 1 174 ? -12.375 -10.612 2.893   1.00 45.76 ? 174 GLU A C   1 
ATOM   1287 O  O   . GLU A 1 174 ? -12.516 -10.581 4.109   1.00 45.83 ? 174 GLU A O   1 
ATOM   1288 C  CB  . GLU A 1 174 ? -10.923 -12.607 2.192   1.00 47.66 ? 174 GLU A CB  1 
ATOM   1289 C  CG  . GLU A 1 174 ? -10.524 -13.822 1.207   1.00 57.75 ? 174 GLU A CG  1 
ATOM   1290 C  CD  . GLU A 1 174 ? -11.493 -15.070 1.166   1.00 74.34 ? 174 GLU A CD  1 
ATOM   1291 O  OE1 . GLU A 1 174 ? -11.630 -15.764 2.239   1.00 79.93 ? 174 GLU A OE1 1 
ATOM   1292 O  OE2 . GLU A 1 174 ? -12.105 -15.383 0.054   1.00 77.32 ? 174 GLU A OE2 1 
ATOM   1293 N  N   . MET A 1 175 ? -12.265 -9.503  2.170   1.00 45.02 ? 175 MET A N   1 
ATOM   1294 C  CA  . MET A 1 175 ? -12.315 -8.182  2.761   1.00 45.49 ? 175 MET A CA  1 
ATOM   1295 C  C   . MET A 1 175 ? -13.735 -7.885  3.327   1.00 48.48 ? 175 MET A C   1 
ATOM   1296 O  O   . MET A 1 175 ? -13.883 -7.487  4.506   1.00 48.35 ? 175 MET A O   1 
ATOM   1297 C  CB  . MET A 1 175 ? -11.836 -7.107  1.778   1.00 43.41 ? 175 MET A CB  1 
ATOM   1298 C  CG  . MET A 1 175 ? -10.298 -6.946  1.644   1.00 41.86 ? 175 MET A CG  1 
ATOM   1299 S  SD  . MET A 1 175 ? -9.715  -5.428  0.793   1.00 44.72 ? 175 MET A SD  1 
ATOM   1300 C  CE  . MET A 1 175 ? -9.525  -5.988  -0.917  1.00 36.21 ? 175 MET A CE  1 
ATOM   1301 N  N   . ARG A 1 176 ? -14.782 -8.123  2.538   1.00 50.68 ? 176 ARG A N   1 
ATOM   1302 C  CA  . ARG A 1 176 ? -16.155 -8.049  3.092   1.00 53.17 ? 176 ARG A CA  1 
ATOM   1303 C  C   . ARG A 1 176 ? -16.394 -8.945  4.332   1.00 53.96 ? 176 ARG A C   1 
ATOM   1304 O  O   . ARG A 1 176 ? -16.939 -8.474  5.299   1.00 54.46 ? 176 ARG A O   1 
ATOM   1305 C  CB  . ARG A 1 176 ? -17.194 -8.341  2.026   1.00 55.39 ? 176 ARG A CB  1 
ATOM   1306 C  CG  . ARG A 1 176 ? -17.431 -7.222  1.048   1.00 58.04 ? 176 ARG A CG  1 
ATOM   1307 C  CD  . ARG A 1 176 ? -18.507 -7.663  0.039   1.00 62.82 ? 176 ARG A CD  1 
ATOM   1308 N  NE  . ARG A 1 176 ? -19.860 -7.190  0.349   1.00 67.13 ? 176 ARG A NE  1 
ATOM   1309 C  CZ  . ARG A 1 176 ? -20.983 -7.850  0.038   1.00 69.50 ? 176 ARG A CZ  1 
ATOM   1310 N  NH1 . ARG A 1 176 ? -20.932 -9.034  -0.545  1.00 70.62 ? 176 ARG A NH1 1 
ATOM   1311 N  NH2 . ARG A 1 176 ? -22.167 -7.340  0.318   1.00 71.81 ? 176 ARG A NH2 1 
ATOM   1312 N  N   . THR A 1 177 ? -15.965 -10.212 4.298   1.00 54.38 ? 177 THR A N   1 
ATOM   1313 C  CA  . THR A 1 177 ? -16.097 -11.152 5.442   1.00 56.84 ? 177 THR A CA  1 
ATOM   1314 C  C   . THR A 1 177 ? -15.302 -10.690 6.698   1.00 55.81 ? 177 THR A C   1 
ATOM   1315 O  O   . THR A 1 177 ? -15.615 -11.044 7.862   1.00 58.30 ? 177 THR A O   1 
ATOM   1316 C  CB  . THR A 1 177 ? -15.615 -12.579 5.022   1.00 57.99 ? 177 THR A CB  1 
ATOM   1317 O  OG1 . THR A 1 177 ? -16.316 -12.999 3.846   1.00 59.58 ? 177 THR A OG1 1 
ATOM   1318 C  CG2 . THR A 1 177 ? -15.787 -13.630 6.142   1.00 58.67 ? 177 THR A CG2 1 
ATOM   1319 N  N   . ALA A 1 178 ? -14.285 -9.877  6.476   1.00 52.51 ? 178 ALA A N   1 
ATOM   1320 C  CA  . ALA A 1 178 ? -13.595 -9.201  7.588   1.00 50.30 ? 178 ALA A CA  1 
ATOM   1321 C  C   . ALA A 1 178 ? -14.266 -7.850  7.894   1.00 49.28 ? 178 ALA A C   1 
ATOM   1322 O  O   . ALA A 1 178 ? -13.822 -7.162  8.765   1.00 48.42 ? 178 ALA A O   1 
ATOM   1323 C  CB  . ALA A 1 178 ? -12.109 -9.007  7.288   1.00 46.09 ? 178 ALA A CB  1 
ATOM   1324 N  N   . SER A 1 179 ? -15.291 -7.458  7.139   1.00 49.54 ? 179 SER A N   1 
ATOM   1325 C  CA  . SER A 1 179 ? -16.038 -6.182  7.400   1.00 50.71 ? 179 SER A CA  1 
ATOM   1326 C  C   . SER A 1 179 ? -15.471 -4.819  6.891   1.00 49.21 ? 179 SER A C   1 
ATOM   1327 O  O   . SER A 1 179 ? -15.877 -3.748  7.361   1.00 51.25 ? 179 SER A O   1 
ATOM   1328 C  CB  . SER A 1 179 ? -16.462 -6.086  8.894   1.00 52.83 ? 179 SER A CB  1 
ATOM   1329 O  OG  . SER A 1 179 ? -15.352 -5.700  9.686   1.00 54.48 ? 179 SER A OG  1 
ATOM   1330 N  N   . VAL A 1 180 ? -14.562 -4.864  5.920   1.00 45.18 ? 180 VAL A N   1 
ATOM   1331 C  CA  . VAL A 1 180 ? -14.208 -3.717  5.106   1.00 43.34 ? 180 VAL A CA  1 
ATOM   1332 C  C   . VAL A 1 180 ? -15.298 -3.365  4.091   1.00 43.73 ? 180 VAL A C   1 
ATOM   1333 O  O   . VAL A 1 180 ? -15.848 -4.230  3.415   0.63 41.39 ? 180 VAL A O   1 
ATOM   1334 C  CB  . VAL A 1 180 ? -12.878 -4.003  4.288   1.00 41.96 ? 180 VAL A CB  1 
ATOM   1335 C  CG1 . VAL A 1 180 ? -12.410 -2.757  3.480   1.00 41.10 ? 180 VAL A CG1 1 
ATOM   1336 C  CG2 . VAL A 1 180 ? -11.786 -4.596  5.186   1.00 41.52 ? 180 VAL A CG2 1 
ATOM   1337 N  N   . GLU A 1 181 ? -15.494 -2.071  3.929   1.00 44.78 ? 181 GLU A N   1 
ATOM   1338 C  CA  . GLU A 1 181 ? -16.411 -1.478  3.006   1.00 48.82 ? 181 GLU A CA  1 
ATOM   1339 C  C   . GLU A 1 181 ? -15.729 -1.174  1.651   1.00 47.31 ? 181 GLU A C   1 
ATOM   1340 O  O   . GLU A 1 181 ? -14.743 -0.417  1.621   1.00 46.99 ? 181 GLU A O   1 
ATOM   1341 C  CB  . GLU A 1 181 ? -16.922 -0.166  3.635   1.00 50.43 ? 181 GLU A CB  1 
ATOM   1342 C  CG  . GLU A 1 181 ? -17.483 0.893   2.621   1.00 54.49 ? 181 GLU A CG  1 
ATOM   1343 C  CD  . GLU A 1 181 ? -18.383 2.024   3.281   1.00 59.12 ? 181 GLU A CD  1 
ATOM   1344 O  OE1 . GLU A 1 181 ? -18.278 2.205   4.537   1.00 65.09 ? 181 GLU A OE1 1 
ATOM   1345 O  OE2 . GLU A 1 181 ? -19.178 2.720   2.543   1.00 63.96 ? 181 GLU A OE2 1 
ATOM   1346 N  N   . LEU A 1 182 ? -16.264 -1.746  0.556   1.00 45.65 ? 182 LEU A N   1 
ATOM   1347 C  CA  . LEU A 1 182 ? -15.734 -1.628  -0.819  1.00 44.92 ? 182 LEU A CA  1 
ATOM   1348 C  C   . LEU A 1 182 ? -16.597 -0.722  -1.676  1.00 46.43 ? 182 LEU A C   1 
ATOM   1349 O  O   . LEU A 1 182 ? -17.770 -1.062  -1.970  1.00 48.03 ? 182 LEU A O   1 
ATOM   1350 C  CB  . LEU A 1 182 ? -15.642 -3.012  -1.454  1.00 43.79 ? 182 LEU A CB  1 
ATOM   1351 C  CG  . LEU A 1 182 ? -15.052 -4.146  -0.590  1.00 44.91 ? 182 LEU A CG  1 
ATOM   1352 C  CD1 . LEU A 1 182 ? -15.241 -5.502  -1.199  1.00 41.26 ? 182 LEU A CD1 1 
ATOM   1353 C  CD2 . LEU A 1 182 ? -13.515 -3.893  -0.287  1.00 40.92 ? 182 LEU A CD2 1 
ATOM   1354 N  N   . VAL A 1 183 ? -16.064 0.449   -2.033  1.00 46.58 ? 183 VAL A N   1 
ATOM   1355 C  CA  . VAL A 1 183 ? -16.850 1.491   -2.714  1.00 49.32 ? 183 VAL A CA  1 
ATOM   1356 C  C   . VAL A 1 183 ? -16.029 2.025   -3.874  1.00 48.79 ? 183 VAL A C   1 
ATOM   1357 O  O   . VAL A 1 183 ? -14.869 1.753   -3.926  1.00 48.06 ? 183 VAL A O   1 
ATOM   1358 C  CB  . VAL A 1 183 ? -17.223 2.663   -1.753  1.00 50.11 ? 183 VAL A CB  1 
ATOM   1359 C  CG1 . VAL A 1 183 ? -18.125 2.181   -0.717  1.00 53.22 ? 183 VAL A CG1 1 
ATOM   1360 C  CG2 . VAL A 1 183 ? -16.002 3.181   -1.034  1.00 48.81 ? 183 VAL A CG2 1 
ATOM   1361 N  N   . CYS A 1 184 ? -16.613 2.779   -4.792  1.00 50.45 ? 184 CYS A N   1 
ATOM   1362 C  CA  . CYS A 1 184 ? -15.826 3.622   -5.694  1.00 52.11 ? 184 CYS A CA  1 
ATOM   1363 C  C   . CYS A 1 184 ? -15.661 5.023   -5.134  1.00 52.75 ? 184 CYS A C   1 
ATOM   1364 O  O   . CYS A 1 184 ? -16.500 5.476   -4.368  1.00 53.18 ? 184 CYS A O   1 
ATOM   1365 C  CB  . CYS A 1 184 ? -16.468 3.738   -7.071  1.00 54.02 ? 184 CYS A CB  1 
ATOM   1366 S  SG  . CYS A 1 184 ? -16.309 2.226   -8.133  1.00 59.34 ? 184 CYS A SG  1 
ATOM   1367 N  N   . SER A 1 185 ? -14.583 5.699   -5.539  1.00 52.59 ? 185 SER A N   1 
ATOM   1368 C  CA  . SER A 1 185 ? -14.098 6.940   -4.898  1.00 53.71 ? 185 SER A CA  1 
ATOM   1369 C  C   . SER A 1 185 ? -14.980 8.146   -5.223  1.00 56.99 ? 185 SER A C   1 
ATOM   1370 O  O   . SER A 1 185 ? -15.311 8.339   -6.400  1.00 59.68 ? 185 SER A O   1 
ATOM   1371 C  CB  . SER A 1 185 ? -12.673 7.234   -5.326  1.00 51.73 ? 185 SER A CB  1 
ATOM   1372 O  OG  . SER A 1 185 ? -12.575 7.473   -6.725  1.00 51.63 ? 185 SER A OG  1 
HETATM 1373 FE FE  . FE2 B 2 .   ? 8.830   -7.157  -0.290  1.00 37.12 ? 188 FE2 A FE  1 
HETATM 1374 O  O   . HOH C 3 .   ? 10.338  8.459   -3.858  1.00 40.65 ? 189 HOH A O   1 
HETATM 1375 O  O   . HOH C 3 .   ? -4.256  -3.776  -12.342 1.00 61.02 ? 190 HOH A O   1 
HETATM 1376 O  O   . HOH C 3 .   ? 15.693  -0.999  -9.547  1.00 38.35 ? 191 HOH A O   1 
HETATM 1377 O  O   . HOH C 3 .   ? 2.861   4.568   -1.651  1.00 29.64 ? 192 HOH A O   1 
HETATM 1378 O  O   . HOH C 3 .   ? 18.223  4.914   -7.046  1.00 53.38 ? 193 HOH A O   1 
HETATM 1379 O  O   . HOH C 3 .   ? -5.014  1.279   -13.338 1.00 36.02 ? 194 HOH A O   1 
HETATM 1380 O  O   . HOH C 3 .   ? -2.634  -6.497  -13.517 1.00 43.41 ? 195 HOH A O   1 
HETATM 1381 O  O   . HOH C 3 .   ? 12.739  -5.096  9.279   1.00 38.02 ? 196 HOH A O   1 
HETATM 1382 O  O   . HOH C 3 .   ? 3.626   16.892  -6.440  1.00 55.79 ? 197 HOH A O   1 
HETATM 1383 O  O   . HOH C 3 .   ? -12.990 -16.582 -2.149  1.00 60.11 ? 198 HOH A O   1 
HETATM 1384 O  O   . HOH C 3 .   ? 3.563   6.471   21.014  1.00 34.26 ? 199 HOH A O   1 
HETATM 1385 O  O   . HOH C 3 .   ? 5.441   9.342   18.258  1.00 53.30 ? 200 HOH A O   1 
HETATM 1386 O  O   . HOH C 3 .   ? 10.974  -9.576  -12.570 1.00 46.59 ? 201 HOH A O   1 
HETATM 1387 O  O   . HOH C 3 .   ? 2.846   -4.050  -2.433  1.00 42.77 ? 202 HOH A O   1 
HETATM 1388 O  O   . HOH C 3 .   ? -23.846 -8.643  -1.422  1.00 65.13 ? 203 HOH A O   1 
HETATM 1389 O  O   . HOH C 3 .   ? -9.935  14.153  -12.612 1.00 80.49 ? 204 HOH A O   1 
HETATM 1390 O  O   . HOH C 3 .   ? 9.368   -4.301  8.374   1.00 41.77 ? 205 HOH A O   1 
HETATM 1391 O  O   . HOH C 3 .   ? 13.132  -19.878 -2.829  1.00 72.10 ? 206 HOH A O   1 
HETATM 1392 O  O   . HOH C 3 .   ? 6.194   2.229   -15.360 1.00 56.57 ? 207 HOH A O   1 
HETATM 1393 O  O   . HOH C 3 .   ? -18.816 -2.867  0.496   1.00 59.37 ? 208 HOH A O   1 
HETATM 1394 O  O   . HOH C 3 .   ? 2.973   -4.047  13.620  1.00 53.02 ? 209 HOH A O   1 
HETATM 1395 O  O   . HOH C 3 .   ? 14.871  -2.668  -6.575  1.00 34.75 ? 210 HOH A O   1 
HETATM 1396 O  O   . HOH C 3 .   ? 1.299   13.427  19.513  1.00 64.49 ? 211 HOH A O   1 
HETATM 1397 O  O   . HOH C 3 .   ? 1.676   -8.739  -11.941 1.00 47.38 ? 212 HOH A O   1 
HETATM 1398 O  O   . HOH C 3 .   ? -6.410  18.247  9.328   1.00 63.57 ? 213 HOH A O   1 
HETATM 1399 O  O   . HOH C 3 .   ? -14.061 4.487   6.738   1.00 71.88 ? 214 HOH A O   1 
HETATM 1400 O  O   . HOH C 3 .   ? 2.726   -8.003  -6.048  1.00 53.75 ? 215 HOH A O   1 
HETATM 1401 O  O   . HOH C 3 .   ? -16.937 9.949   0.421   1.00 67.90 ? 216 HOH A O   1 
HETATM 1402 O  O   . HOH C 3 .   ? 1.138   -5.896  -2.627  1.00 31.70 ? 217 HOH A O   1 
HETATM 1403 O  O   . HOH C 3 .   ? 6.003   -4.511  -17.375 1.00 52.01 ? 218 HOH A O   1 
HETATM 1404 O  O   . HOH C 3 .   ? -6.492  -13.944 -3.344  1.00 30.30 ? 219 HOH A O   1 
HETATM 1405 O  O   . HOH C 3 .   ? 6.191   -8.079  0.372   1.00 37.61 ? 220 HOH A O   1 
HETATM 1406 O  O   . HOH C 3 .   ? 7.886   -6.940  1.752   1.00 36.18 ? 221 HOH A O   1 
HETATM 1407 O  O   . HOH C 3 .   ? 0.549   -8.552  1.506   1.00 40.29 ? 222 HOH A O   1 
HETATM 1408 O  O   . HOH C 3 .   ? 19.435  -17.582 -4.132  1.00 67.41 ? 223 HOH A O   1 
HETATM 1409 O  O   . HOH C 3 .   ? -1.288  13.616  20.447  1.00 51.36 ? 224 HOH A O   1 
HETATM 1410 O  O   . HOH C 3 .   ? 1.001   0.227   13.281  1.00 33.55 ? 225 HOH A O   1 
HETATM 1411 O  O   . HOH C 3 .   ? -1.076  17.262  13.318  1.00 57.81 ? 226 HOH A O   1 
HETATM 1412 O  O   . HOH C 3 .   ? 0.669   16.847  12.216  1.00 57.97 ? 227 HOH A O   1 
HETATM 1413 O  O   . HOH C 3 .   ? -2.332  18.884  11.530  1.00 62.33 ? 228 HOH A O   1 
HETATM 1414 O  O   . HOH C 3 .   ? -2.017  16.503  16.321  1.00 67.00 ? 229 HOH A O   1 
HETATM 1415 O  O   . HOH C 3 .   ? 8.495   -13.591 2.028   1.00 50.68 ? 230 HOH A O   1 
HETATM 1416 O  O   . HOH C 3 .   ? -10.006 -7.892  9.781   1.00 46.68 ? 231 HOH A O   1 
HETATM 1417 O  O   . HOH C 3 .   ? -16.601 -13.217 9.324   1.00 41.85 ? 232 HOH A O   1 
# 
loop_
_pdbx_poly_seq_scheme.asym_id 
_pdbx_poly_seq_scheme.entity_id 
_pdbx_poly_seq_scheme.seq_id 
_pdbx_poly_seq_scheme.mon_id 
_pdbx_poly_seq_scheme.ndb_seq_num 
_pdbx_poly_seq_scheme.pdb_seq_num 
_pdbx_poly_seq_scheme.auth_seq_num 
_pdbx_poly_seq_scheme.pdb_mon_id 
_pdbx_poly_seq_scheme.auth_mon_id 
_pdbx_poly_seq_scheme.pdb_strand_id 
_pdbx_poly_seq_scheme.pdb_ins_code 
_pdbx_poly_seq_scheme.hetero 
A 1 1   MET 1   1   1   MET MET A . n 
A 1 2   ARG 2   2   2   ARG ARG A . n 
A 1 3   ALA 3   3   3   ALA ALA A . n 
A 1 4   LEU 4   4   4   LEU LEU A . n 
A 1 5   ILE 5   5   5   ILE ILE A . n 
A 1 6   ILE 6   6   6   ILE ILE A . n 
A 1 7   VAL 7   7   7   VAL VAL A . n 
A 1 8   ASP 8   8   8   ASP ASP A . n 
A 1 9   VAL 9   9   9   VAL VAL A . n 
A 1 10  GLN 10  10  10  GLN GLN A . n 
A 1 11  ASN 11  11  11  ASN ASN A . n 
A 1 12  ASP 12  12  12  ASP ASP A . n 
A 1 13  PHE 13  13  13  PHE PHE A . n 
A 1 14  CYS 14  14  14  CYS CYS A . n 
A 1 15  GLU 15  15  15  GLU GLU A . n 
A 1 16  GLY 16  16  16  GLY GLY A . n 
A 1 17  GLY 17  17  17  GLY GLY A . n 
A 1 18  SER 18  18  18  SER SER A . n 
A 1 19  LEU 19  19  19  LEU LEU A . n 
A 1 20  ALA 20  20  20  ALA ALA A . n 
A 1 21  VAL 21  21  21  VAL VAL A . n 
A 1 22  THR 22  22  22  THR THR A . n 
A 1 23  GLY 23  23  23  GLY GLY A . n 
A 1 24  GLY 24  24  24  GLY GLY A . n 
A 1 25  ALA 25  25  25  ALA ALA A . n 
A 1 26  ALA 26  26  26  ALA ALA A . n 
A 1 27  LEU 27  27  27  LEU LEU A . n 
A 1 28  ALA 28  28  28  ALA ALA A . n 
A 1 29  ARG 29  29  29  ARG ARG A . n 
A 1 30  ALA 30  30  30  ALA ALA A . n 
A 1 31  ILE 31  31  31  ILE ILE A . n 
A 1 32  SER 32  32  32  SER SER A . n 
A 1 33  ASP 33  33  33  ASP ASP A . n 
A 1 34  TYR 34  34  34  TYR TYR A . n 
A 1 35  LEU 35  35  35  LEU LEU A . n 
A 1 36  ALA 36  36  36  ALA ALA A . n 
A 1 37  GLU 37  37  37  GLU GLU A . n 
A 1 38  ALA 38  38  38  ALA ALA A . n 
A 1 39  ALA 39  39  39  ALA ALA A . n 
A 1 40  ASP 40  40  40  ASP ASP A . n 
A 1 41  TYR 41  41  41  TYR TYR A . n 
A 1 42  HIS 42  42  42  HIS HIS A . n 
A 1 43  HIS 43  43  43  HIS HIS A . n 
A 1 44  VAL 44  44  44  VAL VAL A . n 
A 1 45  VAL 45  45  45  VAL VAL A . n 
A 1 46  ALA 46  46  46  ALA ALA A . n 
A 1 47  THR 47  47  47  THR THR A . n 
A 1 48  LYS 48  48  48  LYS LYS A . n 
A 1 49  ASP 49  49  49  ASP ASP A . n 
A 1 50  PHE 50  50  50  PHE PHE A . n 
A 1 51  HIS 51  51  51  HIS HIS A . n 
A 1 52  ILE 52  52  52  ILE ILE A . n 
A 1 53  ASP 53  53  53  ASP ASP A . n 
A 1 54  PRO 54  54  54  PRO PRO A . n 
A 1 55  GLY 55  55  55  GLY GLY A . n 
A 1 56  ASP 56  56  56  ASP ASP A . n 
A 1 57  HIS 57  57  57  HIS HIS A . n 
A 1 58  PHE 58  58  58  PHE PHE A . n 
A 1 59  SER 59  59  59  SER SER A . n 
A 1 60  GLY 60  60  60  GLY GLY A . n 
A 1 61  THR 61  61  61  THR THR A . n 
A 1 62  PRO 62  62  62  PRO PRO A . n 
A 1 63  ASP 63  63  63  ASP ASP A . n 
A 1 64  TYR 64  64  64  TYR TYR A . n 
A 1 65  SER 65  65  65  SER SER A . n 
A 1 66  SER 66  66  66  SER SER A . n 
A 1 67  SER 67  67  67  SER SER A . n 
A 1 68  TRP 68  68  68  TRP TRP A . n 
A 1 69  PRO 69  69  69  PRO PRO A . n 
A 1 70  PRO 70  70  70  PRO PRO A . n 
A 1 71  HIS 71  71  71  HIS HIS A . n 
A 1 72  CYS 72  72  72  CYS CYS A . n 
A 1 73  VAL 73  73  73  VAL VAL A . n 
A 1 74  SER 74  74  74  SER SER A . n 
A 1 75  GLY 75  75  75  GLY GLY A . n 
A 1 76  THR 76  76  76  THR THR A . n 
A 1 77  PRO 77  77  77  PRO PRO A . n 
A 1 78  GLY 78  78  78  GLY GLY A . n 
A 1 79  ALA 79  79  79  ALA ALA A . n 
A 1 80  ASP 80  80  80  ASP ASP A . n 
A 1 81  PHE 81  81  81  PHE PHE A . n 
A 1 82  HIS 82  82  82  HIS HIS A . n 
A 1 83  PRO 83  83  83  PRO PRO A . n 
A 1 84  SER 84  84  84  SER SER A . n 
A 1 85  LEU 85  85  85  LEU LEU A . n 
A 1 86  ASP 86  86  86  ASP ASP A . n 
A 1 87  THR 87  87  87  THR THR A . n 
A 1 88  SER 88  88  88  SER SER A . n 
A 1 89  ALA 89  89  89  ALA ALA A . n 
A 1 90  ILE 90  90  90  ILE ILE A . n 
A 1 91  GLU 91  91  91  GLU GLU A . n 
A 1 92  ALA 92  92  92  ALA ALA A . n 
A 1 93  VAL 93  93  93  VAL VAL A . n 
A 1 94  PHE 94  94  94  PHE PHE A . n 
A 1 95  TYR 95  95  95  TYR TYR A . n 
A 1 96  LYS 96  96  96  LYS LYS A . n 
A 1 97  GLY 97  97  97  GLY GLY A . n 
A 1 98  ALA 98  98  98  ALA ALA A . n 
A 1 99  TYR 99  99  99  TYR TYR A . n 
A 1 100 THR 100 100 100 THR THR A . n 
A 1 101 GLY 101 101 101 GLY GLY A . n 
A 1 102 ALA 102 102 102 ALA ALA A . n 
A 1 103 TYR 103 103 103 TYR TYR A . n 
A 1 104 SER 104 104 104 SER SER A . n 
A 1 105 GLY 105 105 105 GLY GLY A . n 
A 1 106 PHE 106 106 106 PHE PHE A . n 
A 1 107 GLU 107 107 107 GLU GLU A . n 
A 1 108 GLY 108 108 108 GLY GLY A . n 
A 1 109 VAL 109 109 109 VAL VAL A . n 
A 1 110 ASP 110 110 110 ASP ASP A . n 
A 1 111 GLU 111 111 111 GLU GLU A . n 
A 1 112 ASN 112 112 112 ASN ASN A . n 
A 1 113 GLY 113 113 113 GLY GLY A . n 
A 1 114 THR 114 114 114 THR THR A . n 
A 1 115 PRO 115 115 115 PRO PRO A . n 
A 1 116 LEU 116 116 116 LEU LEU A . n 
A 1 117 LEU 117 117 117 LEU LEU A . n 
A 1 118 ASN 118 118 118 ASN ASN A . n 
A 1 119 TRP 119 119 119 TRP TRP A . n 
A 1 120 LEU 120 120 120 LEU LEU A . n 
A 1 121 ARG 121 121 121 ARG ARG A . n 
A 1 122 GLN 122 122 122 GLN GLN A . n 
A 1 123 ARG 123 123 123 ARG ARG A . n 
A 1 124 GLY 124 124 124 GLY GLY A . n 
A 1 125 VAL 125 125 125 VAL VAL A . n 
A 1 126 ASP 126 126 126 ASP ASP A . n 
A 1 127 GLU 127 127 127 GLU GLU A . n 
A 1 128 VAL 128 128 128 VAL VAL A . n 
A 1 129 ASP 129 129 129 ASP ASP A . n 
A 1 130 VAL 130 130 130 VAL VAL A . n 
A 1 131 VAL 131 131 131 VAL VAL A . n 
A 1 132 GLY 132 132 132 GLY GLY A . n 
A 1 133 ILE 133 133 133 ILE ILE A . n 
A 1 134 ALA 134 134 134 ALA ALA A . n 
A 1 135 THR 135 135 135 THR THR A . n 
A 1 136 ASP 136 136 136 ASP ASP A . n 
A 1 137 HIS 137 137 137 HIS HIS A . n 
A 1 138 CYS 138 138 138 CYS CYS A . n 
A 1 139 VAL 139 139 139 VAL VAL A . n 
A 1 140 ARG 140 140 140 ARG ARG A . n 
A 1 141 GLN 141 141 141 GLN GLN A . n 
A 1 142 THR 142 142 142 THR THR A . n 
A 1 143 ALA 143 143 143 ALA ALA A . n 
A 1 144 GLU 144 144 144 GLU GLU A . n 
A 1 145 ASP 145 145 145 ASP ASP A . n 
A 1 146 ALA 146 146 146 ALA ALA A . n 
A 1 147 VAL 147 147 147 VAL VAL A . n 
A 1 148 ARG 148 148 148 ARG ARG A . n 
A 1 149 ASN 149 149 149 ASN ASN A . n 
A 1 150 GLY 150 150 150 GLY GLY A . n 
A 1 151 LEU 151 151 151 LEU LEU A . n 
A 1 152 ALA 152 152 152 ALA ALA A . n 
A 1 153 THR 153 153 153 THR THR A . n 
A 1 154 ARG 154 154 154 ARG ARG A . n 
A 1 155 VAL 155 155 155 VAL VAL A . n 
A 1 156 LEU 156 156 156 LEU LEU A . n 
A 1 157 VAL 157 157 157 VAL VAL A . n 
A 1 158 ASP 158 158 158 ASP ASP A . n 
A 1 159 LEU 159 159 159 LEU LEU A . n 
A 1 160 THR 160 160 160 THR THR A . n 
A 1 161 ALA 161 161 161 ALA ALA A . n 
A 1 162 GLY 162 162 162 GLY GLY A . n 
A 1 163 VAL 163 163 163 VAL VAL A . n 
A 1 164 SER 164 164 164 SER SER A . n 
A 1 165 ALA 165 165 165 ALA ALA A . n 
A 1 166 ASP 166 166 166 ASP ASP A . n 
A 1 167 THR 167 167 167 THR THR A . n 
A 1 168 THR 168 168 168 THR THR A . n 
A 1 169 VAL 169 169 169 VAL VAL A . n 
A 1 170 ALA 170 170 170 ALA ALA A . n 
A 1 171 ALA 171 171 171 ALA ALA A . n 
A 1 172 LEU 172 172 172 LEU LEU A . n 
A 1 173 GLU 173 173 173 GLU GLU A . n 
A 1 174 GLU 174 174 174 GLU GLU A . n 
A 1 175 MET 175 175 175 MET MET A . n 
A 1 176 ARG 176 176 176 ARG ARG A . n 
A 1 177 THR 177 177 177 THR THR A . n 
A 1 178 ALA 178 178 178 ALA ALA A . n 
A 1 179 SER 179 179 179 SER SER A . n 
A 1 180 VAL 180 180 180 VAL VAL A . n 
A 1 181 GLU 181 181 181 GLU GLU A . n 
A 1 182 LEU 182 182 182 LEU LEU A . n 
A 1 183 VAL 183 183 183 VAL VAL A . n 
A 1 184 CYS 184 184 184 CYS CYS A . n 
A 1 185 SER 185 185 185 SER SER A . n 
A 1 186 SER 186 186 ?   ?   ?   A . n 
# 
loop_
_pdbx_nonpoly_scheme.asym_id 
_pdbx_nonpoly_scheme.entity_id 
_pdbx_nonpoly_scheme.mon_id 
_pdbx_nonpoly_scheme.ndb_seq_num 
_pdbx_nonpoly_scheme.pdb_seq_num 
_pdbx_nonpoly_scheme.auth_seq_num 
_pdbx_nonpoly_scheme.pdb_mon_id 
_pdbx_nonpoly_scheme.auth_mon_id 
_pdbx_nonpoly_scheme.pdb_strand_id 
_pdbx_nonpoly_scheme.pdb_ins_code 
B 2 FE2 1  188 188 FE2 FE2 A . 
C 3 HOH 1  189 189 HOH HOH A . 
C 3 HOH 2  190 190 HOH HOH A . 
C 3 HOH 3  191 191 HOH HOH A . 
C 3 HOH 4  192 192 HOH HOH A . 
C 3 HOH 5  193 193 HOH HOH A . 
C 3 HOH 6  194 194 HOH HOH A . 
C 3 HOH 7  195 195 HOH HOH A . 
C 3 HOH 8  196 196 HOH HOH A . 
C 3 HOH 9  197 197 HOH HOH A . 
C 3 HOH 10 198 198 HOH HOH A . 
C 3 HOH 11 199 199 HOH HOH A . 
C 3 HOH 12 200 200 HOH HOH A . 
C 3 HOH 13 201 201 HOH HOH A . 
C 3 HOH 14 202 202 HOH HOH A . 
C 3 HOH 15 203 203 HOH HOH A . 
C 3 HOH 16 204 204 HOH HOH A . 
C 3 HOH 17 205 205 HOH HOH A . 
C 3 HOH 18 206 206 HOH HOH A . 
C 3 HOH 19 207 207 HOH HOH A . 
C 3 HOH 20 208 208 HOH HOH A . 
C 3 HOH 21 209 209 HOH HOH A . 
C 3 HOH 22 210 210 HOH HOH A . 
C 3 HOH 23 211 211 HOH HOH A . 
C 3 HOH 24 212 212 HOH HOH A . 
C 3 HOH 25 213 213 HOH HOH A . 
C 3 HOH 26 214 214 HOH HOH A . 
C 3 HOH 27 215 215 HOH HOH A . 
C 3 HOH 28 216 216 HOH HOH A . 
C 3 HOH 29 217 217 HOH HOH A . 
C 3 HOH 30 218 218 HOH HOH A . 
C 3 HOH 31 219 219 HOH HOH A . 
C 3 HOH 32 220 220 HOH HOH A . 
C 3 HOH 33 221 221 HOH HOH A . 
C 3 HOH 34 222 222 HOH HOH A . 
C 3 HOH 35 223 223 HOH HOH A . 
C 3 HOH 36 224 224 HOH HOH A . 
C 3 HOH 37 225 225 HOH HOH A . 
C 3 HOH 38 226 226 HOH HOH A . 
C 3 HOH 39 227 227 HOH HOH A . 
C 3 HOH 40 228 228 HOH HOH A . 
C 3 HOH 41 229 229 HOH HOH A . 
C 3 HOH 42 230 230 HOH HOH A . 
C 3 HOH 43 231 231 HOH HOH A . 
C 3 HOH 44 232 232 HOH HOH A . 
# 
_pdbx_struct_assembly.id                   1 
_pdbx_struct_assembly.details              author_and_software_defined_assembly 
_pdbx_struct_assembly.method_details       PISA 
_pdbx_struct_assembly.oligomeric_details   monomeric 
_pdbx_struct_assembly.oligomeric_count     1 
# 
_pdbx_struct_assembly_gen.assembly_id       1 
_pdbx_struct_assembly_gen.oper_expression   1 
_pdbx_struct_assembly_gen.asym_id_list      A,B,C 
# 
_pdbx_struct_oper_list.id                   1 
_pdbx_struct_oper_list.type                 'identity operation' 
_pdbx_struct_oper_list.name                 1_555 
_pdbx_struct_oper_list.symmetry_operation   x,y,z 
_pdbx_struct_oper_list.matrix[1][1]         1.0000000000 
_pdbx_struct_oper_list.matrix[1][2]         0.0000000000 
_pdbx_struct_oper_list.matrix[1][3]         0.0000000000 
_pdbx_struct_oper_list.vector[1]            0.0000000000 
_pdbx_struct_oper_list.matrix[2][1]         0.0000000000 
_pdbx_struct_oper_list.matrix[2][2]         1.0000000000 
_pdbx_struct_oper_list.matrix[2][3]         0.0000000000 
_pdbx_struct_oper_list.vector[2]            0.0000000000 
_pdbx_struct_oper_list.matrix[3][1]         0.0000000000 
_pdbx_struct_oper_list.matrix[3][2]         0.0000000000 
_pdbx_struct_oper_list.matrix[3][3]         1.0000000000 
_pdbx_struct_oper_list.vector[3]            0.0000000000 
# 
loop_
_pdbx_struct_conn_angle.id 
_pdbx_struct_conn_angle.ptnr1_label_atom_id 
_pdbx_struct_conn_angle.ptnr1_label_alt_id 
_pdbx_struct_conn_angle.ptnr1_label_asym_id 
_pdbx_struct_conn_angle.ptnr1_label_comp_id 
_pdbx_struct_conn_angle.ptnr1_label_seq_id 
_pdbx_struct_conn_angle.ptnr1_auth_atom_id 
_pdbx_struct_conn_angle.ptnr1_auth_asym_id 
_pdbx_struct_conn_angle.ptnr1_auth_comp_id 
_pdbx_struct_conn_angle.ptnr1_auth_seq_id 
_pdbx_struct_conn_angle.ptnr1_PDB_ins_code 
_pdbx_struct_conn_angle.ptnr1_symmetry 
_pdbx_struct_conn_angle.ptnr2_label_atom_id 
_pdbx_struct_conn_angle.ptnr2_label_alt_id 
_pdbx_struct_conn_angle.ptnr2_label_asym_id 
_pdbx_struct_conn_angle.ptnr2_label_comp_id 
_pdbx_struct_conn_angle.ptnr2_label_seq_id 
_pdbx_struct_conn_angle.ptnr2_auth_atom_id 
_pdbx_struct_conn_angle.ptnr2_auth_asym_id 
_pdbx_struct_conn_angle.ptnr2_auth_comp_id 
_pdbx_struct_conn_angle.ptnr2_auth_seq_id 
_pdbx_struct_conn_angle.ptnr2_PDB_ins_code 
_pdbx_struct_conn_angle.ptnr2_symmetry 
_pdbx_struct_conn_angle.ptnr3_label_atom_id 
_pdbx_struct_conn_angle.ptnr3_label_alt_id 
_pdbx_struct_conn_angle.ptnr3_label_asym_id 
_pdbx_struct_conn_angle.ptnr3_label_comp_id 
_pdbx_struct_conn_angle.ptnr3_label_seq_id 
_pdbx_struct_conn_angle.ptnr3_auth_atom_id 
_pdbx_struct_conn_angle.ptnr3_auth_asym_id 
_pdbx_struct_conn_angle.ptnr3_auth_comp_id 
_pdbx_struct_conn_angle.ptnr3_auth_seq_id 
_pdbx_struct_conn_angle.ptnr3_PDB_ins_code 
_pdbx_struct_conn_angle.ptnr3_symmetry 
_pdbx_struct_conn_angle.value 
_pdbx_struct_conn_angle.value_esd 
1  OD2 ? A ASP 49 ? A ASP 49 ? 1_555 FE ? B FE2 . ? A FE2 188 ? 1_555 NE2 ? A HIS 51 ? A HIS 51  ? 1_555 94.7  ? 
2  OD2 ? A ASP 49 ? A ASP 49 ? 1_555 FE ? B FE2 . ? A FE2 188 ? 1_555 NE2 ? A HIS 57 ? A HIS 57  ? 1_555 174.4 ? 
3  NE2 ? A HIS 51 ? A HIS 51 ? 1_555 FE ? B FE2 . ? A FE2 188 ? 1_555 NE2 ? A HIS 57 ? A HIS 57  ? 1_555 85.8  ? 
4  OD2 ? A ASP 49 ? A ASP 49 ? 1_555 FE ? B FE2 . ? A FE2 188 ? 1_555 NE2 ? A HIS 71 ? A HIS 71  ? 1_555 90.4  ? 
5  NE2 ? A HIS 51 ? A HIS 51 ? 1_555 FE ? B FE2 . ? A FE2 188 ? 1_555 NE2 ? A HIS 71 ? A HIS 71  ? 1_555 103.3 ? 
6  NE2 ? A HIS 57 ? A HIS 57 ? 1_555 FE ? B FE2 . ? A FE2 188 ? 1_555 NE2 ? A HIS 71 ? A HIS 71  ? 1_555 95.0  ? 
7  OD2 ? A ASP 49 ? A ASP 49 ? 1_555 FE ? B FE2 . ? A FE2 188 ? 1_555 O   ? C HOH .  ? A HOH 221 ? 1_555 85.5  ? 
8  NE2 ? A HIS 51 ? A HIS 51 ? 1_555 FE ? B FE2 . ? A FE2 188 ? 1_555 O   ? C HOH .  ? A HOH 221 ? 1_555 83.8  ? 
9  NE2 ? A HIS 57 ? A HIS 57 ? 1_555 FE ? B FE2 . ? A FE2 188 ? 1_555 O   ? C HOH .  ? A HOH 221 ? 1_555 88.9  ? 
10 NE2 ? A HIS 71 ? A HIS 71 ? 1_555 FE ? B FE2 . ? A FE2 188 ? 1_555 O   ? C HOH .  ? A HOH 221 ? 1_555 172.1 ? 
# 
loop_
_pdbx_audit_revision_history.ordinal 
_pdbx_audit_revision_history.data_content_type 
_pdbx_audit_revision_history.major_revision 
_pdbx_audit_revision_history.minor_revision 
_pdbx_audit_revision_history.revision_date 
1 'Structure model' 1 0 2011-01-12 
2 'Structure model' 1 1 2011-07-13 
3 'Structure model' 1 2 2014-11-12 
4 'Structure model' 1 3 2023-11-01 
# 
_pdbx_audit_revision_details.ordinal             1 
_pdbx_audit_revision_details.revision_ordinal    1 
_pdbx_audit_revision_details.data_content_type   'Structure model' 
_pdbx_audit_revision_details.provider            repository 
_pdbx_audit_revision_details.type                'Initial release' 
_pdbx_audit_revision_details.description         ? 
_pdbx_audit_revision_details.details             ? 
# 
loop_
_pdbx_audit_revision_group.ordinal 
_pdbx_audit_revision_group.revision_ordinal 
_pdbx_audit_revision_group.data_content_type 
_pdbx_audit_revision_group.group 
1 2 'Structure model' 'Version format compliance' 
2 3 'Structure model' 'Structure summary'         
3 4 'Structure model' 'Data collection'           
4 4 'Structure model' 'Database references'       
5 4 'Structure model' 'Derived calculations'      
6 4 'Structure model' 'Refinement description'    
# 
loop_
_pdbx_audit_revision_category.ordinal 
_pdbx_audit_revision_category.revision_ordinal 
_pdbx_audit_revision_category.data_content_type 
_pdbx_audit_revision_category.category 
1 4 'Structure model' chem_comp_atom                
2 4 'Structure model' chem_comp_bond                
3 4 'Structure model' database_2                    
4 4 'Structure model' pdbx_initial_refinement_model 
5 4 'Structure model' pdbx_struct_conn_angle        
6 4 'Structure model' struct_conn                   
7 4 'Structure model' struct_site                   
# 
loop_
_pdbx_audit_revision_item.ordinal 
_pdbx_audit_revision_item.revision_ordinal 
_pdbx_audit_revision_item.data_content_type 
_pdbx_audit_revision_item.item 
1  4 'Structure model' '_database_2.pdbx_DOI'                        
2  4 'Structure model' '_database_2.pdbx_database_accession'         
3  4 'Structure model' '_pdbx_struct_conn_angle.ptnr1_auth_comp_id'  
4  4 'Structure model' '_pdbx_struct_conn_angle.ptnr1_auth_seq_id'   
5  4 'Structure model' '_pdbx_struct_conn_angle.ptnr1_label_asym_id' 
6  4 'Structure model' '_pdbx_struct_conn_angle.ptnr1_label_atom_id' 
7  4 'Structure model' '_pdbx_struct_conn_angle.ptnr1_label_comp_id' 
8  4 'Structure model' '_pdbx_struct_conn_angle.ptnr1_label_seq_id'  
9  4 'Structure model' '_pdbx_struct_conn_angle.ptnr3_auth_comp_id'  
10 4 'Structure model' '_pdbx_struct_conn_angle.ptnr3_auth_seq_id'   
11 4 'Structure model' '_pdbx_struct_conn_angle.ptnr3_label_asym_id' 
12 4 'Structure model' '_pdbx_struct_conn_angle.ptnr3_label_atom_id' 
13 4 'Structure model' '_pdbx_struct_conn_angle.ptnr3_label_comp_id' 
14 4 'Structure model' '_pdbx_struct_conn_angle.ptnr3_label_seq_id'  
15 4 'Structure model' '_pdbx_struct_conn_angle.value'               
16 4 'Structure model' '_struct_conn.pdbx_dist_value'                
17 4 'Structure model' '_struct_conn.ptnr1_auth_comp_id'             
18 4 'Structure model' '_struct_conn.ptnr1_auth_seq_id'              
19 4 'Structure model' '_struct_conn.ptnr1_label_asym_id'            
20 4 'Structure model' '_struct_conn.ptnr1_label_atom_id'            
21 4 'Structure model' '_struct_conn.ptnr1_label_comp_id'            
22 4 'Structure model' '_struct_conn.ptnr1_label_seq_id'             
23 4 'Structure model' '_struct_conn.ptnr2_auth_comp_id'             
24 4 'Structure model' '_struct_conn.ptnr2_auth_seq_id'              
25 4 'Structure model' '_struct_conn.ptnr2_label_asym_id'            
26 4 'Structure model' '_struct_conn.ptnr2_label_atom_id'            
27 4 'Structure model' '_struct_conn.ptnr2_label_comp_id'            
28 4 'Structure model' '_struct_site.pdbx_auth_asym_id'              
29 4 'Structure model' '_struct_site.pdbx_auth_comp_id'              
30 4 'Structure model' '_struct_site.pdbx_auth_seq_id'               
# 
_pdbx_refine_tls.pdbx_refine_id   'X-RAY DIFFRACTION' 
_pdbx_refine_tls.id               1 
_pdbx_refine_tls.details          ? 
_pdbx_refine_tls.method           refined 
_pdbx_refine_tls.origin_x         -0.1405 
_pdbx_refine_tls.origin_y         0.1144 
_pdbx_refine_tls.origin_z         0.4283 
_pdbx_refine_tls.T[1][1]          0.0309 
_pdbx_refine_tls.T[2][2]          0.1003 
_pdbx_refine_tls.T[3][3]          0.0780 
_pdbx_refine_tls.T[1][2]          -0.0130 
_pdbx_refine_tls.T[1][3]          -0.0217 
_pdbx_refine_tls.T[2][3]          -0.0500 
_pdbx_refine_tls.L[1][1]          2.3489 
_pdbx_refine_tls.L[2][2]          0.9546 
_pdbx_refine_tls.L[3][3]          2.6673 
_pdbx_refine_tls.L[1][2]          0.2863 
_pdbx_refine_tls.L[1][3]          0.4018 
_pdbx_refine_tls.L[2][3]          0.1234 
_pdbx_refine_tls.S[1][1]          -0.0847 
_pdbx_refine_tls.S[1][2]          0.0036 
_pdbx_refine_tls.S[1][3]          0.0468 
_pdbx_refine_tls.S[2][1]          -0.0516 
_pdbx_refine_tls.S[2][2]          -0.0926 
_pdbx_refine_tls.S[2][3]          0.0526 
_pdbx_refine_tls.S[3][1]          -0.1976 
_pdbx_refine_tls.S[3][2]          -0.1295 
_pdbx_refine_tls.S[3][3]          0.1773 
# 
_pdbx_refine_tls_group.pdbx_refine_id      'X-RAY DIFFRACTION' 
_pdbx_refine_tls_group.id                  1 
_pdbx_refine_tls_group.refine_tls_id       1 
_pdbx_refine_tls_group.beg_auth_asym_id    A 
_pdbx_refine_tls_group.beg_auth_seq_id     1 
_pdbx_refine_tls_group.beg_label_asym_id   ? 
_pdbx_refine_tls_group.beg_label_seq_id    ? 
_pdbx_refine_tls_group.end_auth_asym_id    A 
_pdbx_refine_tls_group.end_auth_seq_id     185 
_pdbx_refine_tls_group.end_label_asym_id   ? 
_pdbx_refine_tls_group.end_label_seq_id    ? 
_pdbx_refine_tls_group.selection           ? 
_pdbx_refine_tls_group.selection_details   ? 
# 
_phasing.method   MR 
# 
loop_
_software.pdbx_ordinal 
_software.name 
_software.version 
_software.date 
_software.type 
_software.contact_author 
_software.contact_author_email 
_software.classification 
_software.location 
_software.language 
_software.citation_id 
1 PHASER      .        ?               program 'Randy J. Read'      cimr-phaser@lists.cam.ac.uk phasing           
http://www-structmed.cimr.cam.ac.uk/phaser/  ?          ? 
2 REFMAC      5.2.0019 ?               program 'Garib N. Murshudov' garib@ysbl.york.ac.uk       refinement        
http://www.ccp4.ac.uk/dist/html/refmac5.html Fortran_77 ? 
3 PDB_EXTRACT 3.10     'June 10, 2010' package PDB                  deposit@deposit.rcsb.org    'data extraction' 
http://sw-tools.pdb.org/apps/PDB_EXTRACT/    C++        ? 
4 XDS         .        ?               ?       ?                    ?                           'data reduction'  ? ?          ? 
5 XSCALE      .        ?               ?       ?                    ?                           'data scaling'    ? ?          ? 
# 
_pdbx_validate_close_contact.id               1 
_pdbx_validate_close_contact.PDB_model_num    1 
_pdbx_validate_close_contact.auth_atom_id_1   O 
_pdbx_validate_close_contact.auth_asym_id_1   A 
_pdbx_validate_close_contact.auth_comp_id_1   HOH 
_pdbx_validate_close_contact.auth_seq_id_1    226 
_pdbx_validate_close_contact.PDB_ins_code_1   ? 
_pdbx_validate_close_contact.label_alt_id_1   ? 
_pdbx_validate_close_contact.auth_atom_id_2   O 
_pdbx_validate_close_contact.auth_asym_id_2   A 
_pdbx_validate_close_contact.auth_comp_id_2   HOH 
_pdbx_validate_close_contact.auth_seq_id_2    227 
_pdbx_validate_close_contact.PDB_ins_code_2   ? 
_pdbx_validate_close_contact.label_alt_id_2   ? 
_pdbx_validate_close_contact.dist             2.11 
# 
_pdbx_validate_rmsd_bond.id                        1 
_pdbx_validate_rmsd_bond.PDB_model_num             1 
_pdbx_validate_rmsd_bond.auth_atom_id_1            CG 
_pdbx_validate_rmsd_bond.auth_asym_id_1            A 
_pdbx_validate_rmsd_bond.auth_comp_id_1            GLU 
_pdbx_validate_rmsd_bond.auth_seq_id_1             107 
_pdbx_validate_rmsd_bond.PDB_ins_code_1            ? 
_pdbx_validate_rmsd_bond.label_alt_id_1            ? 
_pdbx_validate_rmsd_bond.auth_atom_id_2            CD 
_pdbx_validate_rmsd_bond.auth_asym_id_2            A 
_pdbx_validate_rmsd_bond.auth_comp_id_2            GLU 
_pdbx_validate_rmsd_bond.auth_seq_id_2             107 
_pdbx_validate_rmsd_bond.PDB_ins_code_2            ? 
_pdbx_validate_rmsd_bond.label_alt_id_2            ? 
_pdbx_validate_rmsd_bond.bond_value                1.621 
_pdbx_validate_rmsd_bond.bond_target_value         1.515 
_pdbx_validate_rmsd_bond.bond_deviation            0.106 
_pdbx_validate_rmsd_bond.bond_standard_deviation   0.015 
_pdbx_validate_rmsd_bond.linker_flag               N 
# 
loop_
_pdbx_validate_rmsd_angle.id 
_pdbx_validate_rmsd_angle.PDB_model_num 
_pdbx_validate_rmsd_angle.auth_atom_id_1 
_pdbx_validate_rmsd_angle.auth_asym_id_1 
_pdbx_validate_rmsd_angle.auth_comp_id_1 
_pdbx_validate_rmsd_angle.auth_seq_id_1 
_pdbx_validate_rmsd_angle.PDB_ins_code_1 
_pdbx_validate_rmsd_angle.label_alt_id_1 
_pdbx_validate_rmsd_angle.auth_atom_id_2 
_pdbx_validate_rmsd_angle.auth_asym_id_2 
_pdbx_validate_rmsd_angle.auth_comp_id_2 
_pdbx_validate_rmsd_angle.auth_seq_id_2 
_pdbx_validate_rmsd_angle.PDB_ins_code_2 
_pdbx_validate_rmsd_angle.label_alt_id_2 
_pdbx_validate_rmsd_angle.auth_atom_id_3 
_pdbx_validate_rmsd_angle.auth_asym_id_3 
_pdbx_validate_rmsd_angle.auth_comp_id_3 
_pdbx_validate_rmsd_angle.auth_seq_id_3 
_pdbx_validate_rmsd_angle.PDB_ins_code_3 
_pdbx_validate_rmsd_angle.label_alt_id_3 
_pdbx_validate_rmsd_angle.angle_value 
_pdbx_validate_rmsd_angle.angle_target_value 
_pdbx_validate_rmsd_angle.angle_deviation 
_pdbx_validate_rmsd_angle.angle_standard_deviation 
_pdbx_validate_rmsd_angle.linker_flag 
1 1 CB A ASP 8   ? ? CG A ASP 8   ? ? OD1 A ASP 8   ? ? 124.58 118.30 6.28  0.90 N 
2 1 CB A LEU 85  ? ? CG A LEU 85  ? ? CD2 A LEU 85  ? ? 121.85 111.00 10.85 1.70 N 
3 1 NE A ARG 121 ? ? CZ A ARG 121 ? ? NH1 A ARG 121 ? ? 123.71 120.30 3.41  0.50 N 
4 1 CB A ASP 136 ? ? CG A ASP 136 ? ? OD1 A ASP 136 ? ? 123.73 118.30 5.43  0.90 N 
5 1 NE A ARG 140 ? ? CZ A ARG 140 ? ? NH1 A ARG 140 ? ? 124.07 120.30 3.77  0.50 N 
# 
loop_
_pdbx_validate_torsion.id 
_pdbx_validate_torsion.PDB_model_num 
_pdbx_validate_torsion.auth_comp_id 
_pdbx_validate_torsion.auth_asym_id 
_pdbx_validate_torsion.auth_seq_id 
_pdbx_validate_torsion.PDB_ins_code 
_pdbx_validate_torsion.label_alt_id 
_pdbx_validate_torsion.phi 
_pdbx_validate_torsion.psi 
1  1 ASP A 33  ? ? 68.60   -34.50  
2  1 TYR A 34  ? ? -69.80  -179.50 
3  1 LEU A 35  ? ? 72.27   -49.91  
4  1 GLU A 37  ? ? -90.90  -92.08  
5  1 ALA A 39  ? ? 99.10   -174.92 
6  1 ASP A 40  ? ? 77.27   35.69   
7  1 TYR A 64  ? ? 49.00   25.98   
8  1 SER A 65  ? ? -128.06 -50.73  
9  1 SER A 84  ? ? -65.49  -171.14 
10 1 LEU A 85  ? ? 77.31   80.30   
11 1 HIS A 137 ? ? -126.95 -97.42  
12 1 SER A 179 ? ? 81.46   19.20   
# 
loop_
_pdbx_validate_peptide_omega.id 
_pdbx_validate_peptide_omega.PDB_model_num 
_pdbx_validate_peptide_omega.auth_comp_id_1 
_pdbx_validate_peptide_omega.auth_asym_id_1 
_pdbx_validate_peptide_omega.auth_seq_id_1 
_pdbx_validate_peptide_omega.PDB_ins_code_1 
_pdbx_validate_peptide_omega.label_alt_id_1 
_pdbx_validate_peptide_omega.auth_comp_id_2 
_pdbx_validate_peptide_omega.auth_asym_id_2 
_pdbx_validate_peptide_omega.auth_seq_id_2 
_pdbx_validate_peptide_omega.PDB_ins_code_2 
_pdbx_validate_peptide_omega.label_alt_id_2 
_pdbx_validate_peptide_omega.omega 
1 1 ASP A 33  ? ? TYR A 34  ? ? 136.00  
2 1 GLU A 37  ? ? ALA A 38  ? ? 147.24  
3 1 GLY A 113 ? ? THR A 114 ? ? -141.47 
# 
_pdbx_unobs_or_zero_occ_residues.id               1 
_pdbx_unobs_or_zero_occ_residues.PDB_model_num    1 
_pdbx_unobs_or_zero_occ_residues.polymer_flag     Y 
_pdbx_unobs_or_zero_occ_residues.occupancy_flag   1 
_pdbx_unobs_or_zero_occ_residues.auth_asym_id     A 
_pdbx_unobs_or_zero_occ_residues.auth_comp_id     SER 
_pdbx_unobs_or_zero_occ_residues.auth_seq_id      186 
_pdbx_unobs_or_zero_occ_residues.PDB_ins_code     ? 
_pdbx_unobs_or_zero_occ_residues.label_asym_id    A 
_pdbx_unobs_or_zero_occ_residues.label_comp_id    SER 
_pdbx_unobs_or_zero_occ_residues.label_seq_id     186 
# 
loop_
_chem_comp_atom.comp_id 
_chem_comp_atom.atom_id 
_chem_comp_atom.type_symbol 
_chem_comp_atom.pdbx_aromatic_flag 
_chem_comp_atom.pdbx_stereo_config 
_chem_comp_atom.pdbx_ordinal 
ALA N    N  N N 1   
ALA CA   C  N S 2   
ALA C    C  N N 3   
ALA O    O  N N 4   
ALA CB   C  N N 5   
ALA OXT  O  N N 6   
ALA H    H  N N 7   
ALA H2   H  N N 8   
ALA HA   H  N N 9   
ALA HB1  H  N N 10  
ALA HB2  H  N N 11  
ALA HB3  H  N N 12  
ALA HXT  H  N N 13  
ARG N    N  N N 14  
ARG CA   C  N S 15  
ARG C    C  N N 16  
ARG O    O  N N 17  
ARG CB   C  N N 18  
ARG CG   C  N N 19  
ARG CD   C  N N 20  
ARG NE   N  N N 21  
ARG CZ   C  N N 22  
ARG NH1  N  N N 23  
ARG NH2  N  N N 24  
ARG OXT  O  N N 25  
ARG H    H  N N 26  
ARG H2   H  N N 27  
ARG HA   H  N N 28  
ARG HB2  H  N N 29  
ARG HB3  H  N N 30  
ARG HG2  H  N N 31  
ARG HG3  H  N N 32  
ARG HD2  H  N N 33  
ARG HD3  H  N N 34  
ARG HE   H  N N 35  
ARG HH11 H  N N 36  
ARG HH12 H  N N 37  
ARG HH21 H  N N 38  
ARG HH22 H  N N 39  
ARG HXT  H  N N 40  
ASN N    N  N N 41  
ASN CA   C  N S 42  
ASN C    C  N N 43  
ASN O    O  N N 44  
ASN CB   C  N N 45  
ASN CG   C  N N 46  
ASN OD1  O  N N 47  
ASN ND2  N  N N 48  
ASN OXT  O  N N 49  
ASN H    H  N N 50  
ASN H2   H  N N 51  
ASN HA   H  N N 52  
ASN HB2  H  N N 53  
ASN HB3  H  N N 54  
ASN HD21 H  N N 55  
ASN HD22 H  N N 56  
ASN HXT  H  N N 57  
ASP N    N  N N 58  
ASP CA   C  N S 59  
ASP C    C  N N 60  
ASP O    O  N N 61  
ASP CB   C  N N 62  
ASP CG   C  N N 63  
ASP OD1  O  N N 64  
ASP OD2  O  N N 65  
ASP OXT  O  N N 66  
ASP H    H  N N 67  
ASP H2   H  N N 68  
ASP HA   H  N N 69  
ASP HB2  H  N N 70  
ASP HB3  H  N N 71  
ASP HD2  H  N N 72  
ASP HXT  H  N N 73  
CYS N    N  N N 74  
CYS CA   C  N R 75  
CYS C    C  N N 76  
CYS O    O  N N 77  
CYS CB   C  N N 78  
CYS SG   S  N N 79  
CYS OXT  O  N N 80  
CYS H    H  N N 81  
CYS H2   H  N N 82  
CYS HA   H  N N 83  
CYS HB2  H  N N 84  
CYS HB3  H  N N 85  
CYS HG   H  N N 86  
CYS HXT  H  N N 87  
FE2 FE   FE N N 88  
GLN N    N  N N 89  
GLN CA   C  N S 90  
GLN C    C  N N 91  
GLN O    O  N N 92  
GLN CB   C  N N 93  
GLN CG   C  N N 94  
GLN CD   C  N N 95  
GLN OE1  O  N N 96  
GLN NE2  N  N N 97  
GLN OXT  O  N N 98  
GLN H    H  N N 99  
GLN H2   H  N N 100 
GLN HA   H  N N 101 
GLN HB2  H  N N 102 
GLN HB3  H  N N 103 
GLN HG2  H  N N 104 
GLN HG3  H  N N 105 
GLN HE21 H  N N 106 
GLN HE22 H  N N 107 
GLN HXT  H  N N 108 
GLU N    N  N N 109 
GLU CA   C  N S 110 
GLU C    C  N N 111 
GLU O    O  N N 112 
GLU CB   C  N N 113 
GLU CG   C  N N 114 
GLU CD   C  N N 115 
GLU OE1  O  N N 116 
GLU OE2  O  N N 117 
GLU OXT  O  N N 118 
GLU H    H  N N 119 
GLU H2   H  N N 120 
GLU HA   H  N N 121 
GLU HB2  H  N N 122 
GLU HB3  H  N N 123 
GLU HG2  H  N N 124 
GLU HG3  H  N N 125 
GLU HE2  H  N N 126 
GLU HXT  H  N N 127 
GLY N    N  N N 128 
GLY CA   C  N N 129 
GLY C    C  N N 130 
GLY O    O  N N 131 
GLY OXT  O  N N 132 
GLY H    H  N N 133 
GLY H2   H  N N 134 
GLY HA2  H  N N 135 
GLY HA3  H  N N 136 
GLY HXT  H  N N 137 
HIS N    N  N N 138 
HIS CA   C  N S 139 
HIS C    C  N N 140 
HIS O    O  N N 141 
HIS CB   C  N N 142 
HIS CG   C  Y N 143 
HIS ND1  N  Y N 144 
HIS CD2  C  Y N 145 
HIS CE1  C  Y N 146 
HIS NE2  N  Y N 147 
HIS OXT  O  N N 148 
HIS H    H  N N 149 
HIS H2   H  N N 150 
HIS HA   H  N N 151 
HIS HB2  H  N N 152 
HIS HB3  H  N N 153 
HIS HD1  H  N N 154 
HIS HD2  H  N N 155 
HIS HE1  H  N N 156 
HIS HE2  H  N N 157 
HIS HXT  H  N N 158 
HOH O    O  N N 159 
HOH H1   H  N N 160 
HOH H2   H  N N 161 
ILE N    N  N N 162 
ILE CA   C  N S 163 
ILE C    C  N N 164 
ILE O    O  N N 165 
ILE CB   C  N S 166 
ILE CG1  C  N N 167 
ILE CG2  C  N N 168 
ILE CD1  C  N N 169 
ILE OXT  O  N N 170 
ILE H    H  N N 171 
ILE H2   H  N N 172 
ILE HA   H  N N 173 
ILE HB   H  N N 174 
ILE HG12 H  N N 175 
ILE HG13 H  N N 176 
ILE HG21 H  N N 177 
ILE HG22 H  N N 178 
ILE HG23 H  N N 179 
ILE HD11 H  N N 180 
ILE HD12 H  N N 181 
ILE HD13 H  N N 182 
ILE HXT  H  N N 183 
LEU N    N  N N 184 
LEU CA   C  N S 185 
LEU C    C  N N 186 
LEU O    O  N N 187 
LEU CB   C  N N 188 
LEU CG   C  N N 189 
LEU CD1  C  N N 190 
LEU CD2  C  N N 191 
LEU OXT  O  N N 192 
LEU H    H  N N 193 
LEU H2   H  N N 194 
LEU HA   H  N N 195 
LEU HB2  H  N N 196 
LEU HB3  H  N N 197 
LEU HG   H  N N 198 
LEU HD11 H  N N 199 
LEU HD12 H  N N 200 
LEU HD13 H  N N 201 
LEU HD21 H  N N 202 
LEU HD22 H  N N 203 
LEU HD23 H  N N 204 
LEU HXT  H  N N 205 
LYS N    N  N N 206 
LYS CA   C  N S 207 
LYS C    C  N N 208 
LYS O    O  N N 209 
LYS CB   C  N N 210 
LYS CG   C  N N 211 
LYS CD   C  N N 212 
LYS CE   C  N N 213 
LYS NZ   N  N N 214 
LYS OXT  O  N N 215 
LYS H    H  N N 216 
LYS H2   H  N N 217 
LYS HA   H  N N 218 
LYS HB2  H  N N 219 
LYS HB3  H  N N 220 
LYS HG2  H  N N 221 
LYS HG3  H  N N 222 
LYS HD2  H  N N 223 
LYS HD3  H  N N 224 
LYS HE2  H  N N 225 
LYS HE3  H  N N 226 
LYS HZ1  H  N N 227 
LYS HZ2  H  N N 228 
LYS HZ3  H  N N 229 
LYS HXT  H  N N 230 
MET N    N  N N 231 
MET CA   C  N S 232 
MET C    C  N N 233 
MET O    O  N N 234 
MET CB   C  N N 235 
MET CG   C  N N 236 
MET SD   S  N N 237 
MET CE   C  N N 238 
MET OXT  O  N N 239 
MET H    H  N N 240 
MET H2   H  N N 241 
MET HA   H  N N 242 
MET HB2  H  N N 243 
MET HB3  H  N N 244 
MET HG2  H  N N 245 
MET HG3  H  N N 246 
MET HE1  H  N N 247 
MET HE2  H  N N 248 
MET HE3  H  N N 249 
MET HXT  H  N N 250 
PHE N    N  N N 251 
PHE CA   C  N S 252 
PHE C    C  N N 253 
PHE O    O  N N 254 
PHE CB   C  N N 255 
PHE CG   C  Y N 256 
PHE CD1  C  Y N 257 
PHE CD2  C  Y N 258 
PHE CE1  C  Y N 259 
PHE CE2  C  Y N 260 
PHE CZ   C  Y N 261 
PHE OXT  O  N N 262 
PHE H    H  N N 263 
PHE H2   H  N N 264 
PHE HA   H  N N 265 
PHE HB2  H  N N 266 
PHE HB3  H  N N 267 
PHE HD1  H  N N 268 
PHE HD2  H  N N 269 
PHE HE1  H  N N 270 
PHE HE2  H  N N 271 
PHE HZ   H  N N 272 
PHE HXT  H  N N 273 
PRO N    N  N N 274 
PRO CA   C  N S 275 
PRO C    C  N N 276 
PRO O    O  N N 277 
PRO CB   C  N N 278 
PRO CG   C  N N 279 
PRO CD   C  N N 280 
PRO OXT  O  N N 281 
PRO H    H  N N 282 
PRO HA   H  N N 283 
PRO HB2  H  N N 284 
PRO HB3  H  N N 285 
PRO HG2  H  N N 286 
PRO HG3  H  N N 287 
PRO HD2  H  N N 288 
PRO HD3  H  N N 289 
PRO HXT  H  N N 290 
SER N    N  N N 291 
SER CA   C  N S 292 
SER C    C  N N 293 
SER O    O  N N 294 
SER CB   C  N N 295 
SER OG   O  N N 296 
SER OXT  O  N N 297 
SER H    H  N N 298 
SER H2   H  N N 299 
SER HA   H  N N 300 
SER HB2  H  N N 301 
SER HB3  H  N N 302 
SER HG   H  N N 303 
SER HXT  H  N N 304 
THR N    N  N N 305 
THR CA   C  N S 306 
THR C    C  N N 307 
THR O    O  N N 308 
THR CB   C  N R 309 
THR OG1  O  N N 310 
THR CG2  C  N N 311 
THR OXT  O  N N 312 
THR H    H  N N 313 
THR H2   H  N N 314 
THR HA   H  N N 315 
THR HB   H  N N 316 
THR HG1  H  N N 317 
THR HG21 H  N N 318 
THR HG22 H  N N 319 
THR HG23 H  N N 320 
THR HXT  H  N N 321 
TRP N    N  N N 322 
TRP CA   C  N S 323 
TRP C    C  N N 324 
TRP O    O  N N 325 
TRP CB   C  N N 326 
TRP CG   C  Y N 327 
TRP CD1  C  Y N 328 
TRP CD2  C  Y N 329 
TRP NE1  N  Y N 330 
TRP CE2  C  Y N 331 
TRP CE3  C  Y N 332 
TRP CZ2  C  Y N 333 
TRP CZ3  C  Y N 334 
TRP CH2  C  Y N 335 
TRP OXT  O  N N 336 
TRP H    H  N N 337 
TRP H2   H  N N 338 
TRP HA   H  N N 339 
TRP HB2  H  N N 340 
TRP HB3  H  N N 341 
TRP HD1  H  N N 342 
TRP HE1  H  N N 343 
TRP HE3  H  N N 344 
TRP HZ2  H  N N 345 
TRP HZ3  H  N N 346 
TRP HH2  H  N N 347 
TRP HXT  H  N N 348 
TYR N    N  N N 349 
TYR CA   C  N S 350 
TYR C    C  N N 351 
TYR O    O  N N 352 
TYR CB   C  N N 353 
TYR CG   C  Y N 354 
TYR CD1  C  Y N 355 
TYR CD2  C  Y N 356 
TYR CE1  C  Y N 357 
TYR CE2  C  Y N 358 
TYR CZ   C  Y N 359 
TYR OH   O  N N 360 
TYR OXT  O  N N 361 
TYR H    H  N N 362 
TYR H2   H  N N 363 
TYR HA   H  N N 364 
TYR HB2  H  N N 365 
TYR HB3  H  N N 366 
TYR HD1  H  N N 367 
TYR HD2  H  N N 368 
TYR HE1  H  N N 369 
TYR HE2  H  N N 370 
TYR HH   H  N N 371 
TYR HXT  H  N N 372 
VAL N    N  N N 373 
VAL CA   C  N S 374 
VAL C    C  N N 375 
VAL O    O  N N 376 
VAL CB   C  N N 377 
VAL CG1  C  N N 378 
VAL CG2  C  N N 379 
VAL OXT  O  N N 380 
VAL H    H  N N 381 
VAL H2   H  N N 382 
VAL HA   H  N N 383 
VAL HB   H  N N 384 
VAL HG11 H  N N 385 
VAL HG12 H  N N 386 
VAL HG13 H  N N 387 
VAL HG21 H  N N 388 
VAL HG22 H  N N 389 
VAL HG23 H  N N 390 
VAL HXT  H  N N 391 
# 
loop_
_chem_comp_bond.comp_id 
_chem_comp_bond.atom_id_1 
_chem_comp_bond.atom_id_2 
_chem_comp_bond.value_order 
_chem_comp_bond.pdbx_aromatic_flag 
_chem_comp_bond.pdbx_stereo_config 
_chem_comp_bond.pdbx_ordinal 
ALA N   CA   sing N N 1   
ALA N   H    sing N N 2   
ALA N   H2   sing N N 3   
ALA CA  C    sing N N 4   
ALA CA  CB   sing N N 5   
ALA CA  HA   sing N N 6   
ALA C   O    doub N N 7   
ALA C   OXT  sing N N 8   
ALA CB  HB1  sing N N 9   
ALA CB  HB2  sing N N 10  
ALA CB  HB3  sing N N 11  
ALA OXT HXT  sing N N 12  
ARG N   CA   sing N N 13  
ARG N   H    sing N N 14  
ARG N   H2   sing N N 15  
ARG CA  C    sing N N 16  
ARG CA  CB   sing N N 17  
ARG CA  HA   sing N N 18  
ARG C   O    doub N N 19  
ARG C   OXT  sing N N 20  
ARG CB  CG   sing N N 21  
ARG CB  HB2  sing N N 22  
ARG CB  HB3  sing N N 23  
ARG CG  CD   sing N N 24  
ARG CG  HG2  sing N N 25  
ARG CG  HG3  sing N N 26  
ARG CD  NE   sing N N 27  
ARG CD  HD2  sing N N 28  
ARG CD  HD3  sing N N 29  
ARG NE  CZ   sing N N 30  
ARG NE  HE   sing N N 31  
ARG CZ  NH1  sing N N 32  
ARG CZ  NH2  doub N N 33  
ARG NH1 HH11 sing N N 34  
ARG NH1 HH12 sing N N 35  
ARG NH2 HH21 sing N N 36  
ARG NH2 HH22 sing N N 37  
ARG OXT HXT  sing N N 38  
ASN N   CA   sing N N 39  
ASN N   H    sing N N 40  
ASN N   H2   sing N N 41  
ASN CA  C    sing N N 42  
ASN CA  CB   sing N N 43  
ASN CA  HA   sing N N 44  
ASN C   O    doub N N 45  
ASN C   OXT  sing N N 46  
ASN CB  CG   sing N N 47  
ASN CB  HB2  sing N N 48  
ASN CB  HB3  sing N N 49  
ASN CG  OD1  doub N N 50  
ASN CG  ND2  sing N N 51  
ASN ND2 HD21 sing N N 52  
ASN ND2 HD22 sing N N 53  
ASN OXT HXT  sing N N 54  
ASP N   CA   sing N N 55  
ASP N   H    sing N N 56  
ASP N   H2   sing N N 57  
ASP CA  C    sing N N 58  
ASP CA  CB   sing N N 59  
ASP CA  HA   sing N N 60  
ASP C   O    doub N N 61  
ASP C   OXT  sing N N 62  
ASP CB  CG   sing N N 63  
ASP CB  HB2  sing N N 64  
ASP CB  HB3  sing N N 65  
ASP CG  OD1  doub N N 66  
ASP CG  OD2  sing N N 67  
ASP OD2 HD2  sing N N 68  
ASP OXT HXT  sing N N 69  
CYS N   CA   sing N N 70  
CYS N   H    sing N N 71  
CYS N   H2   sing N N 72  
CYS CA  C    sing N N 73  
CYS CA  CB   sing N N 74  
CYS CA  HA   sing N N 75  
CYS C   O    doub N N 76  
CYS C   OXT  sing N N 77  
CYS CB  SG   sing N N 78  
CYS CB  HB2  sing N N 79  
CYS CB  HB3  sing N N 80  
CYS SG  HG   sing N N 81  
CYS OXT HXT  sing N N 82  
GLN N   CA   sing N N 83  
GLN N   H    sing N N 84  
GLN N   H2   sing N N 85  
GLN CA  C    sing N N 86  
GLN CA  CB   sing N N 87  
GLN CA  HA   sing N N 88  
GLN C   O    doub N N 89  
GLN C   OXT  sing N N 90  
GLN CB  CG   sing N N 91  
GLN CB  HB2  sing N N 92  
GLN CB  HB3  sing N N 93  
GLN CG  CD   sing N N 94  
GLN CG  HG2  sing N N 95  
GLN CG  HG3  sing N N 96  
GLN CD  OE1  doub N N 97  
GLN CD  NE2  sing N N 98  
GLN NE2 HE21 sing N N 99  
GLN NE2 HE22 sing N N 100 
GLN OXT HXT  sing N N 101 
GLU N   CA   sing N N 102 
GLU N   H    sing N N 103 
GLU N   H2   sing N N 104 
GLU CA  C    sing N N 105 
GLU CA  CB   sing N N 106 
GLU CA  HA   sing N N 107 
GLU C   O    doub N N 108 
GLU C   OXT  sing N N 109 
GLU CB  CG   sing N N 110 
GLU CB  HB2  sing N N 111 
GLU CB  HB3  sing N N 112 
GLU CG  CD   sing N N 113 
GLU CG  HG2  sing N N 114 
GLU CG  HG3  sing N N 115 
GLU CD  OE1  doub N N 116 
GLU CD  OE2  sing N N 117 
GLU OE2 HE2  sing N N 118 
GLU OXT HXT  sing N N 119 
GLY N   CA   sing N N 120 
GLY N   H    sing N N 121 
GLY N   H2   sing N N 122 
GLY CA  C    sing N N 123 
GLY CA  HA2  sing N N 124 
GLY CA  HA3  sing N N 125 
GLY C   O    doub N N 126 
GLY C   OXT  sing N N 127 
GLY OXT HXT  sing N N 128 
HIS N   CA   sing N N 129 
HIS N   H    sing N N 130 
HIS N   H2   sing N N 131 
HIS CA  C    sing N N 132 
HIS CA  CB   sing N N 133 
HIS CA  HA   sing N N 134 
HIS C   O    doub N N 135 
HIS C   OXT  sing N N 136 
HIS CB  CG   sing N N 137 
HIS CB  HB2  sing N N 138 
HIS CB  HB3  sing N N 139 
HIS CG  ND1  sing Y N 140 
HIS CG  CD2  doub Y N 141 
HIS ND1 CE1  doub Y N 142 
HIS ND1 HD1  sing N N 143 
HIS CD2 NE2  sing Y N 144 
HIS CD2 HD2  sing N N 145 
HIS CE1 NE2  sing Y N 146 
HIS CE1 HE1  sing N N 147 
HIS NE2 HE2  sing N N 148 
HIS OXT HXT  sing N N 149 
HOH O   H1   sing N N 150 
HOH O   H2   sing N N 151 
ILE N   CA   sing N N 152 
ILE N   H    sing N N 153 
ILE N   H2   sing N N 154 
ILE CA  C    sing N N 155 
ILE CA  CB   sing N N 156 
ILE CA  HA   sing N N 157 
ILE C   O    doub N N 158 
ILE C   OXT  sing N N 159 
ILE CB  CG1  sing N N 160 
ILE CB  CG2  sing N N 161 
ILE CB  HB   sing N N 162 
ILE CG1 CD1  sing N N 163 
ILE CG1 HG12 sing N N 164 
ILE CG1 HG13 sing N N 165 
ILE CG2 HG21 sing N N 166 
ILE CG2 HG22 sing N N 167 
ILE CG2 HG23 sing N N 168 
ILE CD1 HD11 sing N N 169 
ILE CD1 HD12 sing N N 170 
ILE CD1 HD13 sing N N 171 
ILE OXT HXT  sing N N 172 
LEU N   CA   sing N N 173 
LEU N   H    sing N N 174 
LEU N   H2   sing N N 175 
LEU CA  C    sing N N 176 
LEU CA  CB   sing N N 177 
LEU CA  HA   sing N N 178 
LEU C   O    doub N N 179 
LEU C   OXT  sing N N 180 
LEU CB  CG   sing N N 181 
LEU CB  HB2  sing N N 182 
LEU CB  HB3  sing N N 183 
LEU CG  CD1  sing N N 184 
LEU CG  CD2  sing N N 185 
LEU CG  HG   sing N N 186 
LEU CD1 HD11 sing N N 187 
LEU CD1 HD12 sing N N 188 
LEU CD1 HD13 sing N N 189 
LEU CD2 HD21 sing N N 190 
LEU CD2 HD22 sing N N 191 
LEU CD2 HD23 sing N N 192 
LEU OXT HXT  sing N N 193 
LYS N   CA   sing N N 194 
LYS N   H    sing N N 195 
LYS N   H2   sing N N 196 
LYS CA  C    sing N N 197 
LYS CA  CB   sing N N 198 
LYS CA  HA   sing N N 199 
LYS C   O    doub N N 200 
LYS C   OXT  sing N N 201 
LYS CB  CG   sing N N 202 
LYS CB  HB2  sing N N 203 
LYS CB  HB3  sing N N 204 
LYS CG  CD   sing N N 205 
LYS CG  HG2  sing N N 206 
LYS CG  HG3  sing N N 207 
LYS CD  CE   sing N N 208 
LYS CD  HD2  sing N N 209 
LYS CD  HD3  sing N N 210 
LYS CE  NZ   sing N N 211 
LYS CE  HE2  sing N N 212 
LYS CE  HE3  sing N N 213 
LYS NZ  HZ1  sing N N 214 
LYS NZ  HZ2  sing N N 215 
LYS NZ  HZ3  sing N N 216 
LYS OXT HXT  sing N N 217 
MET N   CA   sing N N 218 
MET N   H    sing N N 219 
MET N   H2   sing N N 220 
MET CA  C    sing N N 221 
MET CA  CB   sing N N 222 
MET CA  HA   sing N N 223 
MET C   O    doub N N 224 
MET C   OXT  sing N N 225 
MET CB  CG   sing N N 226 
MET CB  HB2  sing N N 227 
MET CB  HB3  sing N N 228 
MET CG  SD   sing N N 229 
MET CG  HG2  sing N N 230 
MET CG  HG3  sing N N 231 
MET SD  CE   sing N N 232 
MET CE  HE1  sing N N 233 
MET CE  HE2  sing N N 234 
MET CE  HE3  sing N N 235 
MET OXT HXT  sing N N 236 
PHE N   CA   sing N N 237 
PHE N   H    sing N N 238 
PHE N   H2   sing N N 239 
PHE CA  C    sing N N 240 
PHE CA  CB   sing N N 241 
PHE CA  HA   sing N N 242 
PHE C   O    doub N N 243 
PHE C   OXT  sing N N 244 
PHE CB  CG   sing N N 245 
PHE CB  HB2  sing N N 246 
PHE CB  HB3  sing N N 247 
PHE CG  CD1  doub Y N 248 
PHE CG  CD2  sing Y N 249 
PHE CD1 CE1  sing Y N 250 
PHE CD1 HD1  sing N N 251 
PHE CD2 CE2  doub Y N 252 
PHE CD2 HD2  sing N N 253 
PHE CE1 CZ   doub Y N 254 
PHE CE1 HE1  sing N N 255 
PHE CE2 CZ   sing Y N 256 
PHE CE2 HE2  sing N N 257 
PHE CZ  HZ   sing N N 258 
PHE OXT HXT  sing N N 259 
PRO N   CA   sing N N 260 
PRO N   CD   sing N N 261 
PRO N   H    sing N N 262 
PRO CA  C    sing N N 263 
PRO CA  CB   sing N N 264 
PRO CA  HA   sing N N 265 
PRO C   O    doub N N 266 
PRO C   OXT  sing N N 267 
PRO CB  CG   sing N N 268 
PRO CB  HB2  sing N N 269 
PRO CB  HB3  sing N N 270 
PRO CG  CD   sing N N 271 
PRO CG  HG2  sing N N 272 
PRO CG  HG3  sing N N 273 
PRO CD  HD2  sing N N 274 
PRO CD  HD3  sing N N 275 
PRO OXT HXT  sing N N 276 
SER N   CA   sing N N 277 
SER N   H    sing N N 278 
SER N   H2   sing N N 279 
SER CA  C    sing N N 280 
SER CA  CB   sing N N 281 
SER CA  HA   sing N N 282 
SER C   O    doub N N 283 
SER C   OXT  sing N N 284 
SER CB  OG   sing N N 285 
SER CB  HB2  sing N N 286 
SER CB  HB3  sing N N 287 
SER OG  HG   sing N N 288 
SER OXT HXT  sing N N 289 
THR N   CA   sing N N 290 
THR N   H    sing N N 291 
THR N   H2   sing N N 292 
THR CA  C    sing N N 293 
THR CA  CB   sing N N 294 
THR CA  HA   sing N N 295 
THR C   O    doub N N 296 
THR C   OXT  sing N N 297 
THR CB  OG1  sing N N 298 
THR CB  CG2  sing N N 299 
THR CB  HB   sing N N 300 
THR OG1 HG1  sing N N 301 
THR CG2 HG21 sing N N 302 
THR CG2 HG22 sing N N 303 
THR CG2 HG23 sing N N 304 
THR OXT HXT  sing N N 305 
TRP N   CA   sing N N 306 
TRP N   H    sing N N 307 
TRP N   H2   sing N N 308 
TRP CA  C    sing N N 309 
TRP CA  CB   sing N N 310 
TRP CA  HA   sing N N 311 
TRP C   O    doub N N 312 
TRP C   OXT  sing N N 313 
TRP CB  CG   sing N N 314 
TRP CB  HB2  sing N N 315 
TRP CB  HB3  sing N N 316 
TRP CG  CD1  doub Y N 317 
TRP CG  CD2  sing Y N 318 
TRP CD1 NE1  sing Y N 319 
TRP CD1 HD1  sing N N 320 
TRP CD2 CE2  doub Y N 321 
TRP CD2 CE3  sing Y N 322 
TRP NE1 CE2  sing Y N 323 
TRP NE1 HE1  sing N N 324 
TRP CE2 CZ2  sing Y N 325 
TRP CE3 CZ3  doub Y N 326 
TRP CE3 HE3  sing N N 327 
TRP CZ2 CH2  doub Y N 328 
TRP CZ2 HZ2  sing N N 329 
TRP CZ3 CH2  sing Y N 330 
TRP CZ3 HZ3  sing N N 331 
TRP CH2 HH2  sing N N 332 
TRP OXT HXT  sing N N 333 
TYR N   CA   sing N N 334 
TYR N   H    sing N N 335 
TYR N   H2   sing N N 336 
TYR CA  C    sing N N 337 
TYR CA  CB   sing N N 338 
TYR CA  HA   sing N N 339 
TYR C   O    doub N N 340 
TYR C   OXT  sing N N 341 
TYR CB  CG   sing N N 342 
TYR CB  HB2  sing N N 343 
TYR CB  HB3  sing N N 344 
TYR CG  CD1  doub Y N 345 
TYR CG  CD2  sing Y N 346 
TYR CD1 CE1  sing Y N 347 
TYR CD1 HD1  sing N N 348 
TYR CD2 CE2  doub Y N 349 
TYR CD2 HD2  sing N N 350 
TYR CE1 CZ   doub Y N 351 
TYR CE1 HE1  sing N N 352 
TYR CE2 CZ   sing Y N 353 
TYR CE2 HE2  sing N N 354 
TYR CZ  OH   sing N N 355 
TYR OH  HH   sing N N 356 
TYR OXT HXT  sing N N 357 
VAL N   CA   sing N N 358 
VAL N   H    sing N N 359 
VAL N   H2   sing N N 360 
VAL CA  C    sing N N 361 
VAL CA  CB   sing N N 362 
VAL CA  HA   sing N N 363 
VAL C   O    doub N N 364 
VAL C   OXT  sing N N 365 
VAL CB  CG1  sing N N 366 
VAL CB  CG2  sing N N 367 
VAL CB  HB   sing N N 368 
VAL CG1 HG11 sing N N 369 
VAL CG1 HG12 sing N N 370 
VAL CG1 HG13 sing N N 371 
VAL CG2 HG21 sing N N 372 
VAL CG2 HG22 sing N N 373 
VAL CG2 HG23 sing N N 374 
VAL OXT HXT  sing N N 375 
# 
loop_
_pdbx_entity_nonpoly.entity_id 
_pdbx_entity_nonpoly.name 
_pdbx_entity_nonpoly.comp_id 
2 'FE (II) ION' FE2 
3 water         HOH 
# 
_pdbx_initial_refinement_model.id               1 
_pdbx_initial_refinement_model.entity_id_list   ? 
_pdbx_initial_refinement_model.type             'experimental model' 
_pdbx_initial_refinement_model.source_name      PDB 
_pdbx_initial_refinement_model.accession_code   1IM5 
_pdbx_initial_refinement_model.details          ? 
# 
